data_6R25
#
_entry.id   6R25
#
loop_
_entity.id
_entity.type
_entity.pdbx_description
1 polymer 'Lysine-specific histone demethylase 1B'
2 polymer NPAC
3 polymer 'Histone H3'
4 polymer 'Histone H3'
5 polymer H4
6 polymer 'Histone H2A'
7 polymer H2B
8 polymer 'DNA (147-MER)'
9 polymer 'DNA (147-MER)'
10 non-polymer 'FLAVIN-ADENINE DINUCLEOTIDE'
11 non-polymer 'ZINC ION'
12 water water
#
loop_
_entity_poly.entity_id
_entity_poly.type
_entity_poly.pdbx_seq_one_letter_code
_entity_poly.pdbx_strand_id
1 'polypeptide(L)'
;PLGSRKCEKAGCTATCPVCFASASERCAKNGYTSRWYHLSCGEHFCNECFDHYYRSHKDGYDKYTTWKKIWTSNGKTEPS
PKAFMADQQLPYWVQCTKPECRKWRQLTKEIQLTPQIAKTYRCGMKPNTAIKPETSDHCSLPEDLRVLEVSNHWWYSMLI
LPPLLKDSVAAPLLSAYYPDCVGMSPSCTSTNRAAATGNASPGKLEHSKAALSVHVPGMNRYFQPFYQPNECGKALCVRP
DVMELDELYEFPEYSRDPTMYLALRNLILALWYTNCKEALTPQKCIPHIIVRGLVRIRCVQEVERILYFMTRKGLINTGV
LSVGADQYLLPKDYHNKSVIIIGAGPAGLAAARQLHNFGIKVTVLEAKDRIGGRVWDDKSFKGVTVGRGAQIVNGCINNP
VALMCEQLGISMHKFGERCDLIQEGGRITDPTIDKRMDFHFNALLDVVSEWRKDKTQLQDVPLGEKIEEIYKAFIKESGI
QFSELEGQVLQFHLSNLEYACGSNLHQVSARSWDHNEFFAQFAGDHTLLTPGYSVIIEKLAEGLDIQLKSPVQCIDYSGD
EVQVTTTDGTGYSAQKVLVTVPLALLQKGAIQFNPPLSEKKMKAINSLGAGIIEKIALQFPYRFWDSKVQGADFFGHVPP
SASKRGLFAVFYDMDPQKKHSVLMSVIAGEAVASVRTLDDKQVLQQCMATLRELFKEQEVPDPTKYFVTRWSTDPWIQMA
YSFVKTGGSGEAYDIIAEDIQGTVFFAGEATNRHFPQTVTGAYLSGVREASKIAAF
;
K
2 'polypeptide(L)' DPHFHHFLLSQT L
3 'polypeptide(L)'
;ARTMQTARKSTGGKAPRKQLATKAARKSAPATGGVKKPHRYRPGTVALREIRRYQKSTELLIRKLPFQRLVREIAQDFKT
DLRFQSSAVMALQEASEAYLVALFEDTNLCAIHAKRVTIMPKDIQLARRIRGERA
;
M
4 'polypeptide(L)'
;ARTKQTARKSTGGKAPRKQLATKAARKSAPATGGVKKPHRYRPGTVALREIRRYQKSTELLIRKLPFQRLVREIAQDFKT
DLRFQSSAVMALQEASEAYLVALFEDTNLCAIHAKRVTIMPKDIQLARRIRGERA
;
A,E
5 'polypeptide(L)'
;SGRGKGGKGLGKGGAKRHRKVLRDNIQGITKPAIRRLARRGGVKRISGLIYEETRGVLKVFLENVIRDAVTYTEHAKRKT
VTAMDVVYALKRQGRTLYGFGG
;
B,F
6 'polypeptide(L)'
;SGRGKQGGKTRAKAKTRSSRAGLQFPVGRVHRLLRKGNYAERVGAGAPVYLAAVLEYLTAEILELAGNAARDNKKTRIIP
RHLQLAVRNDEELNKLLGRVTIAQGGVLPNIQSVLLPKKTESSKSAKSK
;
C,G
7 'polypeptide(L)'
;MPDPAKSAPAAKKGSKKAVTKTQKKDGKKRRKTRKESYAIYVYKVLKQVHPDTGISSKAMSIMNSFVNDVFERIAGEASR
LAHYNKRSTITSREIQTAVRLLLPGELAKHAVSEGTKAVTKYTSAK
;
D,H
8 'polydeoxyribonucleotide'
;(DA)(DT)(DC)(DG)(DG)(DA)(DT)(DG)(DT)(DA)(DT)(DA)(DT)(DA)(DT)(DC)(DT)(DG)(DA)(DC)
(DA)(DC)(DG)(DT)(DG)(DC)(DC)(DT)(DG)(DG)(DA)(DG)(DA)(DC)(DT)(DA)(DG)(DG)(DG)(DA)
(DG)(DT)(DA)(DA)(DT)(DC)(DC)(DC)(DC)(DT)(DT)(DG)(DG)(DC)(DG)(DG)(DT)(DT)(DA)(DA)
(DA)(DA)(DC)(DG)(DC)(DG)(DG)(DG)(DG)(DG)(DA)(DC)(DA)(DG)(DC)(DG)(DC)(DG)(DT)(DA)
(DC)(DG)(DT)(DG)(DC)(DG)(DT)(DT)(DT)(DA)(DA)(DG)(DC)(DG)(DG)(DT)(DG)(DC)(DT)(DA)
(DG)(DA)(DG)(DC)(DT)(DG)(DT)(DC)(DT)(DA)(DC)(DG)(DA)(DC)(DC)(DA)(DA)(DT)(DT)(DG)
(DA)(DG)(DC)(DG)(DG)(DC)(DC)(DT)(DC)(DG)(DG)(DC)(DA)(DC)(DC)(DG)(DG)(DG)(DA)(DT)
(DT)(DC)(DT)(DC)(DG)(DA)(DT)
;
I
9 'polydeoxyribonucleotide'
;(DA)(DT)(DC)(DG)(DA)(DG)(DA)(DA)(DT)(DC)(DC)(DC)(DG)(DG)(DT)(DG)(DC)(DC)(DG)(DA)
(DG)(DG)(DC)(DC)(DG)(DC)(DT)(DC)(DA)(DA)(DT)(DT)(DG)(DG)(DT)(DC)(DG)(DT)(DA)(DG)
(DA)(DC)(DA)(DG)(DC)(DT)(DC)(DT)(DA)(DG)(DC)(DA)(DC)(DC)(DG)(DC)(DT)(DT)(DA)(DA)
(DA)(DC)(DG)(DC)(DA)(DC)(DG)(DT)(DA)(DC)(DG)(DC)(DG)(DC)(DT)(DG)(DT)(DC)(DC)(DC)
(DC)(DC)(DG)(DC)(DG)(DT)(DT)(DT)(DT)(DA)(DA)(DC)(DC)(DG)(DC)(DC)(DA)(DA)(DG)(DG)
(DG)(DG)(DA)(DT)(DT)(DA)(DC)(DT)(DC)(DC)(DC)(DT)(DA)(DG)(DT)(DC)(DT)(DC)(DC)(DA)
(DG)(DG)(DC)(DA)(DC)(DG)(DT)(DG)(DT)(DC)(DA)(DG)(DA)(DT)(DA)(DT)(DA)(DT)(DA)(DC)
(DA)(DT)(DC)(DC)(DG)(DA)(DT)
;
J
#
loop_
_chem_comp.id
_chem_comp.type
_chem_comp.name
_chem_comp.formula
DA DNA linking 2'-DEOXYADENOSINE-5'-MONOPHOSPHATE 'C10 H14 N5 O6 P'
DC DNA linking 2'-DEOXYCYTIDINE-5'-MONOPHOSPHATE 'C9 H14 N3 O7 P'
DG DNA linking 2'-DEOXYGUANOSINE-5'-MONOPHOSPHATE 'C10 H14 N5 O7 P'
DT DNA linking THYMIDINE-5'-MONOPHOSPHATE 'C10 H15 N2 O8 P'
FAD non-polymer 'FLAVIN-ADENINE DINUCLEOTIDE' 'C27 H33 N9 O15 P2'
ZN non-polymer 'ZINC ION' 'Zn 2'
#
# COMPACT_ATOMS: atom_id res chain seq x y z
N GLY A 3 -7.07 -19.71 46.51
CA GLY A 3 -7.16 -18.39 45.93
C GLY A 3 -6.92 -17.27 46.91
N SER A 4 -6.94 -16.04 46.42
CA SER A 4 -6.73 -14.90 47.30
C SER A 4 -7.80 -13.82 47.20
N ARG A 5 -7.69 -12.87 48.12
CA ARG A 5 -8.55 -11.71 48.19
C ARG A 5 -7.75 -10.44 47.91
N LYS A 6 -6.45 -10.61 47.64
CA LYS A 6 -5.56 -9.47 47.44
C LYS A 6 -5.33 -9.18 45.95
N CYS A 7 -4.98 -7.94 45.63
CA CYS A 7 -4.78 -7.54 44.24
C CYS A 7 -3.30 -7.62 43.84
N GLU A 8 -3.08 -7.97 42.57
CA GLU A 8 -1.73 -8.03 42.00
C GLU A 8 -1.00 -6.69 42.14
N LYS A 9 -1.67 -5.61 41.75
CA LYS A 9 -1.05 -4.30 41.68
C LYS A 9 -0.52 -3.83 43.03
N ALA A 10 0.72 -3.38 43.04
CA ALA A 10 1.34 -2.83 44.23
C ALA A 10 0.78 -1.44 44.51
N GLY A 11 0.27 -1.25 45.73
CA GLY A 11 -0.21 0.06 46.14
C GLY A 11 -1.69 0.26 45.90
N CYS A 12 -2.36 -0.77 45.40
CA CYS A 12 -3.80 -0.69 45.18
C CYS A 12 -4.55 -0.69 46.50
N THR A 13 -5.46 0.26 46.66
CA THR A 13 -6.20 0.42 47.90
C THR A 13 -7.50 -0.37 47.93
N ALA A 14 -7.67 -1.27 46.97
CA ALA A 14 -8.87 -2.11 46.92
C ALA A 14 -8.80 -3.23 47.97
N THR A 15 -9.42 -2.99 49.11
CA THR A 15 -9.42 -3.96 50.21
C THR A 15 -10.43 -5.07 50.02
N CYS A 16 -11.20 -4.99 48.94
CA CYS A 16 -12.18 -6.03 48.63
C CYS A 16 -12.49 -6.09 47.13
N PRO A 17 -11.56 -6.64 46.34
CA PRO A 17 -11.75 -6.79 44.89
C PRO A 17 -13.01 -7.59 44.55
N VAL A 18 -13.75 -7.15 43.56
CA VAL A 18 -14.90 -7.90 43.04
C VAL A 18 -14.83 -7.91 41.52
N CYS A 19 -15.33 -8.97 40.89
CA CYS A 19 -15.23 -9.05 39.44
C CYS A 19 -16.37 -8.33 38.72
N PHE A 20 -16.00 -7.44 37.80
CA PHE A 20 -16.98 -6.68 37.04
C PHE A 20 -17.43 -7.45 35.81
N ALA A 21 -16.61 -8.40 35.38
CA ALA A 21 -16.88 -9.13 34.13
C ALA A 21 -18.02 -10.14 34.24
N SER A 22 -17.94 -11.02 35.24
CA SER A 22 -18.89 -12.14 35.39
C SER A 22 -19.20 -12.76 34.03
N ALA A 23 -18.15 -13.12 33.31
CA ALA A 23 -18.28 -13.69 31.98
C ALA A 23 -18.22 -15.20 32.05
N SER A 24 -17.36 -15.71 32.92
CA SER A 24 -17.22 -17.15 33.11
C SER A 24 -18.34 -17.67 34.00
N GLU A 25 -18.86 -18.84 33.68
CA GLU A 25 -19.83 -19.51 34.54
C GLU A 25 -19.16 -19.82 35.88
N ARG A 26 -17.84 -19.68 35.90
CA ARG A 26 -17.02 -19.94 37.05
C ARG A 26 -16.51 -18.69 37.76
N CYS A 27 -17.07 -17.53 37.39
CA CYS A 27 -16.64 -16.25 37.95
C CYS A 27 -16.57 -16.30 39.48
N ALA A 28 -15.51 -15.74 40.03
CA ALA A 28 -15.29 -15.73 41.48
C ALA A 28 -16.15 -14.71 42.25
N LYS A 29 -16.69 -13.72 41.54
CA LYS A 29 -17.47 -12.66 42.17
C LYS A 29 -16.62 -11.97 43.23
N ASN A 30 -17.14 -11.95 44.46
CA ASN A 30 -16.51 -11.28 45.58
C ASN A 30 -15.65 -12.22 46.43
N GLY A 31 -15.42 -13.42 45.91
CA GLY A 31 -14.76 -14.46 46.68
C GLY A 31 -13.30 -14.67 46.33
N TYR A 32 -12.84 -15.90 46.46
CA TYR A 32 -11.44 -16.24 46.21
C TYR A 32 -11.17 -16.59 44.75
N THR A 33 -10.00 -16.19 44.28
CA THR A 33 -9.56 -16.51 42.95
C THR A 33 -8.03 -16.62 42.96
N SER A 34 -7.46 -17.38 42.04
CA SER A 34 -6.01 -17.54 41.99
C SER A 34 -5.32 -16.20 41.78
N ARG A 35 -5.98 -15.29 41.08
CA ARG A 35 -5.40 -13.98 40.81
C ARG A 35 -6.46 -12.94 40.45
N TRP A 36 -6.39 -11.77 41.10
CA TRP A 36 -7.23 -10.65 40.74
C TRP A 36 -6.47 -9.74 39.78
N TYR A 37 -7.03 -9.56 38.59
CA TYR A 37 -6.44 -8.67 37.59
C TYR A 37 -6.96 -7.24 37.73
N HIS A 38 -6.03 -6.29 37.75
CA HIS A 38 -6.33 -4.91 38.09
C HIS A 38 -6.41 -4.00 36.86
N LEU A 39 -7.50 -3.26 36.76
CA LEU A 39 -7.66 -2.25 35.71
C LEU A 39 -7.55 -0.85 36.29
N SER A 40 -8.17 -0.66 37.45
CA SER A 40 -8.03 0.57 38.22
C SER A 40 -8.21 0.23 39.69
N CYS A 41 -8.10 1.21 40.56
CA CYS A 41 -8.26 0.98 41.99
C CYS A 41 -9.65 0.45 42.35
N GLY A 42 -10.61 0.65 41.45
CA GLY A 42 -11.99 0.25 41.73
C GLY A 42 -12.52 -0.83 40.81
N GLU A 43 -11.66 -1.32 39.92
CA GLU A 43 -12.10 -2.25 38.89
C GLU A 43 -11.14 -3.43 38.74
N HIS A 44 -11.66 -4.64 38.95
CA HIS A 44 -10.86 -5.85 38.79
C HIS A 44 -11.67 -6.97 38.14
N PHE A 45 -10.97 -7.95 37.59
CA PHE A 45 -11.62 -9.16 37.11
C PHE A 45 -10.83 -10.40 37.53
N CYS A 46 -11.56 -11.46 37.87
CA CYS A 46 -10.96 -12.67 38.44
C CYS A 46 -10.26 -13.52 37.38
N ASN A 47 -9.38 -14.42 37.84
CA ASN A 47 -8.62 -15.27 36.95
C ASN A 47 -9.50 -16.19 36.08
N GLU A 48 -10.71 -16.49 36.55
CA GLU A 48 -11.61 -17.34 35.79
C GLU A 48 -12.12 -16.62 34.55
N CYS A 49 -12.55 -15.37 34.72
CA CYS A 49 -13.05 -14.60 33.59
C CYS A 49 -11.91 -14.21 32.63
N PHE A 50 -10.74 -13.95 33.19
CA PHE A 50 -9.52 -13.80 32.41
C PHE A 50 -9.36 -14.99 31.46
N ASP A 51 -9.29 -16.19 32.03
CA ASP A 51 -9.17 -17.41 31.24
C ASP A 51 -10.33 -17.59 30.25
N HIS A 52 -11.51 -17.12 30.64
CA HIS A 52 -12.70 -17.27 29.81
C HIS A 52 -12.48 -16.73 28.39
N TYR A 53 -11.69 -15.66 28.28
CA TYR A 53 -11.39 -15.07 26.98
C TYR A 53 -10.01 -15.49 26.46
N TYR A 54 -9.05 -15.56 27.38
CA TYR A 54 -7.64 -15.77 27.04
C TYR A 54 -7.32 -17.20 26.58
N ARG A 55 -8.01 -18.18 27.15
CA ARG A 55 -7.75 -19.58 26.84
C ARG A 55 -8.56 -20.09 25.65
N SER A 56 -7.91 -20.83 24.75
CA SER A 56 -8.54 -21.28 23.51
C SER A 56 -9.73 -22.21 23.74
N HIS A 57 -9.71 -22.94 24.86
CA HIS A 57 -10.74 -23.92 25.14
C HIS A 57 -11.90 -23.34 25.95
N LYS A 58 -11.94 -22.02 26.05
CA LYS A 58 -13.01 -21.34 26.80
C LYS A 58 -13.98 -20.62 25.87
N ASP A 59 -15.20 -20.44 26.34
CA ASP A 59 -16.30 -19.93 25.50
C ASP A 59 -16.13 -18.50 25.02
N GLY A 60 -15.34 -17.71 25.74
CA GLY A 60 -15.17 -16.30 25.40
C GLY A 60 -13.96 -16.03 24.53
N TYR A 61 -13.33 -17.09 24.07
CA TYR A 61 -12.11 -16.98 23.29
C TYR A 61 -12.38 -16.42 21.89
N ASP A 62 -13.48 -16.87 21.29
CA ASP A 62 -13.91 -16.37 19.99
C ASP A 62 -14.00 -14.84 20.03
N LYS A 63 -14.83 -14.34 20.95
CA LYS A 63 -15.06 -12.91 21.10
C LYS A 63 -13.76 -12.13 21.30
N TYR A 64 -12.78 -12.77 21.92
CA TYR A 64 -11.51 -12.09 22.20
C TYR A 64 -10.55 -12.13 21.01
N THR A 65 -10.63 -13.19 20.21
CA THR A 65 -9.79 -13.31 19.01
C THR A 65 -10.30 -12.42 17.88
N THR A 66 -11.62 -12.32 17.75
CA THR A 66 -12.22 -11.46 16.72
C THR A 66 -11.86 -9.99 17.00
N TRP A 67 -12.09 -9.56 18.23
CA TRP A 67 -11.72 -8.22 18.67
C TRP A 67 -10.22 -8.00 18.47
N LYS A 68 -9.44 -9.05 18.71
CA LYS A 68 -8.00 -8.97 18.58
C LYS A 68 -7.59 -8.74 17.12
N LYS A 69 -8.46 -9.15 16.20
CA LYS A 69 -8.20 -9.00 14.77
C LYS A 69 -8.55 -7.59 14.28
N ILE A 70 -9.73 -7.10 14.67
CA ILE A 70 -10.13 -5.75 14.35
C ILE A 70 -9.10 -4.77 14.91
N TRP A 71 -8.70 -5.02 16.15
CA TRP A 71 -7.72 -4.21 16.84
C TRP A 71 -6.35 -4.27 16.16
N THR A 72 -6.21 -5.17 15.19
CA THR A 72 -4.94 -5.29 14.46
C THR A 72 -4.99 -4.57 13.12
N SER A 73 -6.11 -4.69 12.41
CA SER A 73 -6.27 -4.00 11.13
C SER A 73 -6.58 -2.52 11.34
N ASN A 74 -6.54 -2.07 12.59
CA ASN A 74 -7.03 -0.75 12.96
C ASN A 74 -6.18 0.02 13.98
N GLY A 75 -5.34 -0.69 14.74
CA GLY A 75 -4.56 -0.03 15.77
C GLY A 75 -3.07 -0.36 15.88
N LYS A 76 -2.38 0.34 16.78
CA LYS A 76 -0.92 0.24 16.95
C LYS A 76 -0.55 -0.18 18.36
N THR A 77 -1.57 -0.37 19.20
CA THR A 77 -1.34 -0.89 20.54
C THR A 77 -1.61 -2.39 20.59
N GLU A 78 -0.93 -3.06 21.50
CA GLU A 78 -1.05 -4.52 21.60
C GLU A 78 -2.39 -4.87 22.23
N PRO A 79 -3.11 -5.81 21.60
CA PRO A 79 -4.41 -6.29 22.11
C PRO A 79 -4.21 -7.23 23.30
N SER A 80 -4.13 -6.67 24.50
CA SER A 80 -4.02 -7.49 25.71
C SER A 80 -5.42 -7.76 26.26
N PRO A 81 -5.56 -8.80 27.10
CA PRO A 81 -6.85 -9.07 27.71
C PRO A 81 -7.34 -7.86 28.50
N LYS A 82 -6.44 -7.17 29.19
CA LYS A 82 -6.81 -5.98 29.94
C LYS A 82 -7.34 -4.88 29.01
N ALA A 83 -6.73 -4.75 27.84
CA ALA A 83 -7.20 -3.80 26.85
C ALA A 83 -8.57 -4.21 26.35
N PHE A 84 -8.74 -5.51 26.09
CA PHE A 84 -10.03 -6.03 25.65
C PHE A 84 -11.10 -5.72 26.69
N MET A 85 -10.73 -5.90 27.96
CA MET A 85 -11.66 -5.67 29.06
C MET A 85 -12.10 -4.21 29.13
N ALA A 86 -11.12 -3.31 29.15
CA ALA A 86 -11.37 -1.87 29.24
C ALA A 86 -12.14 -1.36 28.03
N ASP A 87 -12.01 -2.06 26.92
CA ASP A 87 -12.60 -1.63 25.66
C ASP A 87 -13.95 -2.28 25.39
N GLN A 88 -14.18 -3.45 26.00
CA GLN A 88 -15.32 -4.27 25.58
C GLN A 88 -16.27 -4.71 26.70
N GLN A 89 -15.75 -4.88 27.91
CA GLN A 89 -16.55 -5.47 28.97
C GLN A 89 -16.84 -4.55 30.15
N LEU A 90 -15.91 -3.62 30.44
CA LEU A 90 -16.10 -2.71 31.55
C LEU A 90 -17.45 -2.00 31.46
N PRO A 91 -18.22 -2.02 32.55
CA PRO A 91 -19.50 -1.32 32.60
C PRO A 91 -19.32 0.19 32.43
N TYR A 92 -20.32 0.84 31.85
CA TYR A 92 -20.28 2.30 31.71
C TYR A 92 -20.75 2.96 32.99
N TRP A 93 -20.34 4.21 33.16
CA TRP A 93 -20.79 5.05 34.25
C TRP A 93 -21.36 6.35 33.69
N VAL A 94 -22.43 6.83 34.31
CA VAL A 94 -23.10 8.03 33.82
C VAL A 94 -23.55 8.86 34.99
N GLN A 95 -23.50 10.18 34.83
CA GLN A 95 -23.80 11.06 35.96
C GLN A 95 -25.23 11.53 35.94
N CYS A 96 -25.95 11.36 37.04
CA CYS A 96 -27.32 11.83 37.18
C CYS A 96 -27.43 13.31 36.82
N THR A 97 -28.39 13.68 36.02
CA THR A 97 -28.54 15.06 35.61
C THR A 97 -29.45 15.90 36.50
N LYS A 98 -30.12 15.29 37.45
CA LYS A 98 -30.88 16.08 38.39
C LYS A 98 -29.96 17.03 39.13
N PRO A 99 -30.20 18.34 38.99
CA PRO A 99 -29.34 19.39 39.53
C PRO A 99 -28.90 19.15 40.98
N GLU A 100 -29.84 18.80 41.86
CA GLU A 100 -29.52 18.65 43.28
C GLU A 100 -29.02 17.26 43.66
N CYS A 101 -28.83 16.39 42.67
CA CYS A 101 -28.26 15.07 42.90
C CYS A 101 -26.85 14.99 42.32
N ARG A 102 -26.76 14.82 41.01
CA ARG A 102 -25.49 14.77 40.31
C ARG A 102 -24.61 13.59 40.76
N LYS A 103 -25.25 12.51 41.19
CA LYS A 103 -24.51 11.32 41.57
C LYS A 103 -24.12 10.51 40.34
N TRP A 104 -22.93 9.91 40.39
CA TRP A 104 -22.48 9.00 39.34
C TRP A 104 -23.02 7.59 39.58
N ARG A 105 -23.50 6.95 38.52
CA ARG A 105 -24.11 5.62 38.58
C ARG A 105 -23.50 4.61 37.62
N GLN A 106 -23.32 3.38 38.08
CA GLN A 106 -22.87 2.31 37.20
C GLN A 106 -24.05 1.73 36.43
N LEU A 107 -23.94 1.65 35.11
CA LEU A 107 -24.99 1.03 34.30
C LEU A 107 -24.77 -0.48 34.24
N THR A 108 -25.87 -1.23 34.15
CA THR A 108 -25.74 -2.69 34.08
C THR A 108 -24.99 -3.10 32.82
N LYS A 109 -24.30 -4.23 32.92
CA LYS A 109 -23.29 -4.61 31.94
C LYS A 109 -23.79 -4.76 30.50
N GLU A 110 -25.10 -4.88 30.33
CA GLU A 110 -25.64 -5.03 28.98
C GLU A 110 -25.97 -3.68 28.32
N ILE A 111 -26.05 -2.63 29.14
CA ILE A 111 -26.41 -1.31 28.64
C ILE A 111 -25.23 -0.63 27.94
N GLN A 112 -25.47 -0.12 26.74
CA GLN A 112 -24.46 0.59 25.96
C GLN A 112 -24.71 2.09 26.03
N LEU A 113 -23.84 2.80 26.75
CA LEU A 113 -24.02 4.24 26.94
C LEU A 113 -23.94 5.00 25.62
N THR A 114 -24.91 5.90 25.41
CA THR A 114 -24.93 6.76 24.24
C THR A 114 -24.98 8.22 24.69
N PRO A 115 -24.70 9.14 23.76
CA PRO A 115 -24.82 10.57 24.10
C PRO A 115 -26.22 10.94 24.54
N GLN A 116 -27.24 10.35 23.92
CA GLN A 116 -28.61 10.68 24.29
C GLN A 116 -28.94 10.22 25.70
N ILE A 117 -28.44 9.04 26.07
CA ILE A 117 -28.64 8.54 27.42
C ILE A 117 -27.95 9.46 28.44
N ALA A 118 -26.72 9.86 28.14
CA ALA A 118 -25.95 10.67 29.08
C ALA A 118 -26.56 12.06 29.22
N LYS A 119 -27.17 12.53 28.13
CA LYS A 119 -27.71 13.88 28.07
C LYS A 119 -28.86 14.07 29.05
N THR A 120 -29.66 13.04 29.24
CA THR A 120 -30.88 13.16 30.05
C THR A 120 -30.93 12.23 31.27
N TYR A 121 -29.87 11.45 31.49
CA TYR A 121 -29.91 10.42 32.52
C TYR A 121 -30.26 10.93 33.92
N ARG A 122 -31.11 10.18 34.61
CA ARG A 122 -31.33 10.37 36.03
C ARG A 122 -31.22 9.02 36.73
N CYS A 123 -30.91 9.03 38.02
CA CYS A 123 -30.82 7.79 38.78
C CYS A 123 -32.05 6.95 38.58
N GLY A 124 -31.84 5.64 38.39
CA GLY A 124 -32.95 4.72 38.25
C GLY A 124 -33.44 4.50 36.82
N MET A 125 -33.02 5.33 35.88
CA MET A 125 -33.52 5.18 34.52
C MET A 125 -33.16 3.81 33.93
N LYS A 126 -34.16 2.96 33.73
CA LYS A 126 -33.93 1.61 33.23
C LYS A 126 -34.16 1.52 31.73
N SER A 136 -39.15 4.32 44.61
CA SER A 136 -38.31 4.94 45.64
C SER A 136 -37.54 6.14 45.09
N ASP A 137 -36.92 6.91 45.99
CA ASP A 137 -36.04 8.00 45.59
C ASP A 137 -34.69 7.43 45.20
N HIS A 138 -34.55 7.04 43.93
CA HIS A 138 -33.29 6.49 43.43
C HIS A 138 -32.13 7.45 43.66
N CYS A 139 -32.42 8.74 43.66
CA CYS A 139 -31.37 9.75 43.85
C CYS A 139 -30.84 9.80 45.28
N SER A 140 -31.52 9.10 46.19
CA SER A 140 -31.12 9.13 47.61
C SER A 140 -30.18 7.99 47.96
N LEU A 141 -30.19 6.94 47.15
CA LEU A 141 -29.25 5.84 47.33
C LEU A 141 -27.82 6.36 47.28
N PRO A 142 -27.00 5.97 48.27
CA PRO A 142 -25.63 6.49 48.35
C PRO A 142 -24.85 6.24 47.06
N GLU A 143 -23.96 7.17 46.73
CA GLU A 143 -23.10 7.01 45.57
C GLU A 143 -22.05 5.93 45.87
N ASP A 144 -21.82 5.06 44.90
CA ASP A 144 -20.75 4.07 45.02
C ASP A 144 -19.47 4.74 45.49
N LEU A 145 -18.92 4.26 46.59
CA LEU A 145 -17.74 4.87 47.21
C LEU A 145 -16.56 4.99 46.25
N ARG A 146 -16.54 4.17 45.21
CA ARG A 146 -15.45 4.17 44.23
C ARG A 146 -15.37 5.46 43.43
N VAL A 147 -16.49 6.16 43.33
CA VAL A 147 -16.57 7.38 42.52
C VAL A 147 -15.67 8.49 43.05
N LEU A 148 -15.73 8.74 44.37
CA LEU A 148 -14.88 9.75 44.99
C LEU A 148 -13.39 9.49 44.74
N GLU A 149 -13.00 8.22 44.82
CA GLU A 149 -11.60 7.83 44.65
C GLU A 149 -11.01 8.38 43.37
N VAL A 150 -11.83 8.46 42.33
CA VAL A 150 -11.36 8.87 41.01
C VAL A 150 -10.70 10.24 41.01
N SER A 151 -11.10 11.10 41.95
CA SER A 151 -10.55 12.45 42.00
C SER A 151 -9.34 12.56 42.93
N ASN A 152 -8.67 11.44 43.17
CA ASN A 152 -7.36 11.45 43.81
C ASN A 152 -6.28 11.38 42.74
N HIS A 153 -5.30 12.28 42.80
CA HIS A 153 -4.30 12.38 41.74
C HIS A 153 -3.61 11.05 41.47
N TRP A 154 -3.45 10.24 42.51
CA TRP A 154 -2.81 8.94 42.36
C TRP A 154 -3.74 7.91 41.72
N TRP A 155 -5.03 8.24 41.63
CA TRP A 155 -5.98 7.31 41.02
C TRP A 155 -5.57 7.01 39.59
N TYR A 156 -5.31 8.06 38.82
CA TYR A 156 -4.93 7.88 37.42
C TYR A 156 -3.61 7.14 37.32
N SER A 157 -2.71 7.40 38.26
CA SER A 157 -1.37 6.81 38.22
C SER A 157 -1.46 5.29 38.32
N MET A 158 -2.52 4.79 38.96
CA MET A 158 -2.72 3.35 39.07
C MET A 158 -3.75 2.82 38.09
N LEU A 159 -4.01 3.60 37.05
CA LEU A 159 -4.77 3.10 35.90
C LEU A 159 -3.77 2.40 35.00
N ILE A 160 -4.07 1.17 34.59
CA ILE A 160 -3.16 0.42 33.74
C ILE A 160 -3.06 1.01 32.34
N LEU A 161 -4.20 1.14 31.66
CA LEU A 161 -4.23 1.69 30.31
C LEU A 161 -5.01 3.00 30.24
N PRO A 162 -4.57 3.91 29.35
CA PRO A 162 -5.23 5.20 29.12
C PRO A 162 -6.59 5.01 28.47
N PRO A 163 -7.51 5.93 28.73
CA PRO A 163 -8.84 5.90 28.10
C PRO A 163 -8.73 6.03 26.59
N LEU A 164 -9.61 5.34 25.86
CA LEU A 164 -9.73 5.51 24.43
C LEU A 164 -11.19 5.81 24.12
N LEU A 165 -11.44 6.96 23.50
CA LEU A 165 -12.81 7.39 23.27
C LEU A 165 -13.48 6.61 22.15
N LYS A 166 -14.80 6.44 22.27
CA LYS A 166 -15.59 5.78 21.25
C LYS A 166 -16.42 6.79 20.47
N ASP A 167 -16.51 6.60 19.16
CA ASP A 167 -17.31 7.47 18.30
C ASP A 167 -17.07 8.95 18.54
N SER A 168 -15.80 9.32 18.67
CA SER A 168 -15.42 10.73 18.81
C SER A 168 -15.89 11.55 17.61
N VAL A 169 -16.42 12.73 17.88
CA VAL A 169 -16.79 13.65 16.83
C VAL A 169 -15.58 13.98 15.96
N ALA A 170 -14.39 13.84 16.54
CA ALA A 170 -13.14 14.09 15.82
C ALA A 170 -12.76 12.95 14.86
N ALA A 171 -13.30 11.75 15.11
CA ALA A 171 -12.92 10.56 14.35
C ALA A 171 -12.86 10.72 12.82
N PRO A 172 -13.94 11.21 12.20
CA PRO A 172 -14.00 11.30 10.74
C PRO A 172 -12.95 12.24 10.15
N LEU A 173 -12.40 13.14 10.98
CA LEU A 173 -11.40 14.08 10.52
C LEU A 173 -10.00 13.48 10.67
N LEU A 174 -9.94 12.30 11.27
CA LEU A 174 -8.65 11.71 11.61
C LEU A 174 -8.47 10.29 11.07
N SER A 175 -9.17 9.96 9.99
CA SER A 175 -9.13 8.60 9.47
C SER A 175 -7.75 8.16 9.00
N ALA A 176 -6.80 9.09 8.95
CA ALA A 176 -5.46 8.78 8.47
C ALA A 176 -4.51 8.35 9.60
N TYR A 177 -4.96 8.52 10.84
CA TYR A 177 -4.15 8.16 11.99
C TYR A 177 -4.63 6.85 12.61
N TYR A 178 -3.72 6.16 13.30
CA TYR A 178 -4.14 5.04 14.14
C TYR A 178 -4.95 5.61 15.29
N PRO A 179 -6.23 5.23 15.37
CA PRO A 179 -7.15 5.74 16.40
C PRO A 179 -6.55 5.76 17.79
N ASP A 180 -5.81 4.72 18.17
CA ASP A 180 -5.27 4.64 19.52
C ASP A 180 -4.03 5.52 19.72
N CYS A 181 -3.59 6.17 18.65
CA CYS A 181 -2.49 7.13 18.74
C CYS A 181 -3.03 8.55 18.94
N VAL A 182 -4.34 8.71 18.76
CA VAL A 182 -4.98 9.99 18.98
C VAL A 182 -6.09 9.89 20.03
N GLY A 183 -6.00 8.87 20.88
CA GLY A 183 -6.91 8.72 22.01
C GLY A 183 -8.27 8.12 21.69
N MET A 184 -8.36 7.43 20.57
CA MET A 184 -9.62 6.83 20.15
C MET A 184 -9.46 5.31 20.08
N SER A 185 -10.58 4.59 20.10
CA SER A 185 -10.55 3.13 20.09
C SER A 185 -10.60 2.53 18.70
N PRO A 186 -9.59 1.71 18.37
CA PRO A 186 -9.45 0.98 17.10
C PRO A 186 -10.68 0.14 16.74
N SER A 187 -11.53 -0.18 17.71
CA SER A 187 -12.65 -1.07 17.45
C SER A 187 -13.97 -0.36 17.13
N CYS A 188 -13.88 0.92 16.70
CA CYS A 188 -15.07 1.69 16.38
C CYS A 188 -15.41 1.70 14.89
N THR A 189 -16.25 2.64 14.50
CA THR A 189 -16.70 2.81 13.12
C THR A 189 -17.10 1.50 12.47
N GLY A 218 -20.87 17.47 6.70
CA GLY A 218 -20.92 18.69 5.91
C GLY A 218 -20.31 19.88 6.64
N MET A 219 -19.01 19.79 6.90
CA MET A 219 -18.30 20.86 7.60
C MET A 219 -17.74 21.88 6.59
N ASN A 220 -17.72 23.15 6.98
CA ASN A 220 -17.11 24.17 6.14
C ASN A 220 -15.74 23.69 5.65
N ARG A 221 -15.56 23.70 4.34
CA ARG A 221 -14.33 23.17 3.75
C ARG A 221 -13.08 23.89 4.24
N TYR A 222 -13.27 25.06 4.82
CA TYR A 222 -12.17 25.87 5.35
C TYR A 222 -11.72 25.46 6.75
N PHE A 223 -12.51 24.61 7.43
CA PHE A 223 -12.15 24.15 8.76
C PHE A 223 -11.29 22.89 8.66
N GLN A 224 -9.98 23.06 8.83
CA GLN A 224 -9.04 21.93 8.80
C GLN A 224 -8.09 22.03 9.99
N PRO A 225 -8.62 21.85 11.20
CA PRO A 225 -7.90 22.08 12.46
C PRO A 225 -6.75 21.10 12.70
N PHE A 226 -6.81 19.92 12.11
CA PHE A 226 -5.79 18.90 12.36
C PHE A 226 -4.86 18.72 11.17
N TYR A 227 -3.56 18.73 11.44
CA TYR A 227 -2.57 18.36 10.43
C TYR A 227 -2.84 16.94 9.96
N GLN A 228 -2.76 16.72 8.65
CA GLN A 228 -2.82 15.37 8.10
C GLN A 228 -1.40 14.84 7.96
N PRO A 229 -1.24 13.52 8.08
CA PRO A 229 0.09 12.92 7.97
C PRO A 229 0.81 13.36 6.68
N ASN A 230 2.06 13.76 6.83
CA ASN A 230 2.89 14.12 5.68
C ASN A 230 2.44 15.40 4.98
N GLU A 231 1.91 16.33 5.76
CA GLU A 231 1.44 17.60 5.21
C GLU A 231 2.50 18.68 5.36
N CYS A 232 2.56 19.58 4.38
CA CYS A 232 3.35 20.78 4.52
C CYS A 232 2.68 21.65 5.58
N GLY A 233 3.45 22.54 6.20
CA GLY A 233 2.90 23.40 7.22
C GLY A 233 1.73 24.22 6.70
N LYS A 234 0.75 24.45 7.56
CA LYS A 234 -0.26 25.47 7.29
C LYS A 234 -0.75 26.10 8.59
N ALA A 235 -1.22 27.34 8.50
CA ALA A 235 -1.49 28.14 9.68
C ALA A 235 -2.61 27.58 10.54
N LEU A 236 -2.44 27.72 11.86
CA LEU A 236 -3.48 27.37 12.85
C LEU A 236 -3.90 25.90 12.79
N CYS A 237 -2.93 25.01 12.58
CA CYS A 237 -3.14 23.58 12.61
C CYS A 237 -2.51 23.01 13.87
N VAL A 238 -3.11 21.97 14.43
CA VAL A 238 -2.51 21.24 15.54
C VAL A 238 -2.29 19.78 15.17
N ARG A 239 -1.26 19.18 15.76
CA ARG A 239 -1.07 17.75 15.62
C ARG A 239 -2.02 17.01 16.56
N PRO A 240 -2.79 16.06 16.02
CA PRO A 240 -3.75 15.27 16.79
C PRO A 240 -3.04 14.36 17.79
N ASP A 241 -1.79 14.03 17.50
CA ASP A 241 -1.06 13.02 18.27
C ASP A 241 0.05 13.60 19.13
N VAL A 242 0.19 14.93 19.13
CA VAL A 242 1.24 15.58 19.91
C VAL A 242 0.74 16.84 20.61
N MET A 243 1.13 17.05 21.86
CA MET A 243 0.74 18.26 22.57
C MET A 243 1.61 19.44 22.14
N GLU A 244 0.99 20.61 22.00
CA GLU A 244 1.72 21.82 21.65
C GLU A 244 2.47 22.32 22.87
N LEU A 245 3.43 23.21 22.64
CA LEU A 245 4.29 23.68 23.73
C LEU A 245 3.50 24.31 24.87
N ASP A 246 2.55 25.18 24.54
CA ASP A 246 1.74 25.84 25.55
C ASP A 246 0.88 24.83 26.32
N GLU A 247 0.51 23.75 25.63
CA GLU A 247 -0.29 22.70 26.26
C GLU A 247 0.51 21.93 27.31
N LEU A 248 1.75 21.55 26.97
CA LEU A 248 2.62 20.90 27.94
C LEU A 248 2.88 21.83 29.12
N TYR A 249 2.93 23.12 28.84
CA TYR A 249 3.18 24.11 29.87
C TYR A 249 2.05 24.15 30.89
N GLU A 250 0.82 24.10 30.39
CA GLU A 250 -0.36 24.18 31.23
C GLU A 250 -0.70 22.84 31.88
N PHE A 251 -0.39 21.76 31.19
CA PHE A 251 -0.74 20.42 31.67
C PHE A 251 0.47 19.48 31.63
N PRO A 252 1.46 19.74 32.48
CA PRO A 252 2.71 18.96 32.57
C PRO A 252 2.43 17.50 32.90
N GLU A 253 1.36 17.26 33.65
CA GLU A 253 1.02 15.91 34.09
C GLU A 253 0.74 14.95 32.92
N TYR A 254 0.73 15.48 31.71
CA TYR A 254 0.45 14.65 30.53
C TYR A 254 1.67 14.40 29.64
N SER A 255 2.82 14.91 30.05
CA SER A 255 4.04 14.76 29.24
C SER A 255 4.43 13.29 29.08
N ARG A 256 4.20 12.49 30.13
CA ARG A 256 4.48 11.06 30.11
C ARG A 256 3.50 10.34 29.20
N ASP A 257 2.21 10.61 29.38
CA ASP A 257 1.17 9.99 28.56
C ASP A 257 0.07 10.99 28.22
N PRO A 258 0.10 11.55 27.00
CA PRO A 258 -0.82 12.60 26.56
C PRO A 258 -2.12 12.03 25.98
N THR A 259 -2.29 10.71 26.03
CA THR A 259 -3.45 10.08 25.42
C THR A 259 -4.78 10.73 25.80
N MET A 260 -5.06 10.80 27.10
CA MET A 260 -6.35 11.33 27.55
C MET A 260 -6.55 12.78 27.12
N TYR A 261 -5.50 13.59 27.24
CA TYR A 261 -5.59 15.00 26.86
C TYR A 261 -5.92 15.16 25.38
N LEU A 262 -5.16 14.49 24.52
CA LEU A 262 -5.35 14.59 23.07
C LEU A 262 -6.76 14.22 22.66
N ALA A 263 -7.30 13.15 23.25
CA ALA A 263 -8.65 12.72 22.93
C ALA A 263 -9.66 13.82 23.27
N LEU A 264 -9.48 14.44 24.41
CA LEU A 264 -10.41 15.47 24.89
C LEU A 264 -10.22 16.77 24.11
N ARG A 265 -8.97 17.15 23.89
CA ARG A 265 -8.70 18.34 23.08
C ARG A 265 -9.23 18.15 21.65
N ASN A 266 -8.92 17.01 21.03
CA ASN A 266 -9.42 16.77 19.67
C ASN A 266 -10.95 16.79 19.60
N LEU A 267 -11.58 16.17 20.59
CA LEU A 267 -13.04 16.17 20.64
C LEU A 267 -13.57 17.58 20.74
N ILE A 268 -12.96 18.38 21.62
CA ILE A 268 -13.39 19.76 21.83
C ILE A 268 -13.32 20.61 20.56
N LEU A 269 -12.19 20.52 19.85
CA LEU A 269 -12.04 21.23 18.58
C LEU A 269 -13.05 20.75 17.53
N ALA A 270 -13.25 19.44 17.44
CA ALA A 270 -14.22 18.89 16.49
C ALA A 270 -15.60 19.44 16.77
N LEU A 271 -15.97 19.48 18.05
CA LEU A 271 -17.28 20.00 18.45
C LEU A 271 -17.44 21.48 18.14
N TRP A 272 -16.40 22.26 18.41
CA TRP A 272 -16.42 23.69 18.10
C TRP A 272 -16.65 23.92 16.62
N TYR A 273 -15.88 23.22 15.79
CA TYR A 273 -15.97 23.43 14.34
C TYR A 273 -17.23 22.83 13.74
N THR A 274 -17.81 21.87 14.44
CA THR A 274 -19.08 21.28 14.04
C THR A 274 -20.19 22.29 14.22
N ASN A 275 -20.11 23.09 15.28
CA ASN A 275 -21.07 24.17 15.49
C ASN A 275 -20.44 25.39 16.14
N CYS A 276 -19.97 26.31 15.32
CA CYS A 276 -19.22 27.47 15.80
C CYS A 276 -20.12 28.65 16.15
N LYS A 277 -21.44 28.44 16.10
CA LYS A 277 -22.38 29.52 16.37
C LYS A 277 -22.87 29.58 17.82
N GLU A 278 -22.45 28.61 18.62
CA GLU A 278 -22.82 28.56 20.04
C GLU A 278 -21.57 28.39 20.89
N ALA A 279 -21.62 28.90 22.11
CA ALA A 279 -20.56 28.63 23.07
C ALA A 279 -20.51 27.14 23.33
N LEU A 280 -19.32 26.56 23.25
CA LEU A 280 -19.14 25.15 23.60
C LEU A 280 -18.90 25.03 25.10
N THR A 281 -19.81 24.33 25.79
CA THR A 281 -19.74 24.18 27.24
C THR A 281 -19.45 22.73 27.65
N PRO A 282 -19.12 22.52 28.92
CA PRO A 282 -18.81 21.17 29.38
C PRO A 282 -20.04 20.28 29.23
N GLN A 283 -21.19 20.82 29.57
CA GLN A 283 -22.47 20.17 29.37
C GLN A 283 -22.67 19.63 27.96
N LYS A 284 -22.18 20.35 26.95
CA LYS A 284 -22.34 19.91 25.59
C LYS A 284 -21.32 18.87 25.25
N CYS A 285 -20.18 18.95 25.91
CA CYS A 285 -19.13 17.99 25.57
C CYS A 285 -19.37 16.62 26.21
N ILE A 286 -19.78 16.64 27.47
CA ILE A 286 -19.87 15.42 28.26
C ILE A 286 -20.60 14.26 27.58
N PRO A 287 -21.77 14.53 26.99
CA PRO A 287 -22.50 13.44 26.32
C PRO A 287 -21.71 12.80 25.20
N HIS A 288 -20.74 13.53 24.65
CA HIS A 288 -19.93 13.01 23.54
C HIS A 288 -18.66 12.33 24.00
N ILE A 289 -18.48 12.24 25.32
CA ILE A 289 -17.38 11.47 25.87
C ILE A 289 -17.87 10.06 26.20
N ILE A 290 -17.57 9.12 25.32
CA ILE A 290 -18.01 7.74 25.50
C ILE A 290 -16.83 6.80 25.68
N VAL A 291 -16.67 6.29 26.90
CA VAL A 291 -15.63 5.33 27.22
C VAL A 291 -16.09 4.54 28.45
N ARG A 292 -15.76 3.25 28.49
CA ARG A 292 -16.16 2.39 29.60
C ARG A 292 -15.33 2.63 30.86
N GLY A 293 -15.91 2.31 32.00
CA GLY A 293 -15.17 2.32 33.24
C GLY A 293 -15.23 3.61 34.02
N LEU A 294 -14.72 3.56 35.24
CA LEU A 294 -14.66 4.72 36.11
C LEU A 294 -13.83 5.83 35.48
N VAL A 295 -12.95 5.45 34.56
CA VAL A 295 -12.09 6.44 33.93
C VAL A 295 -12.92 7.51 33.23
N ARG A 296 -14.12 7.16 32.79
CA ARG A 296 -15.00 8.15 32.14
C ARG A 296 -15.28 9.32 33.07
N ILE A 297 -15.33 9.03 34.37
CA ILE A 297 -15.50 10.07 35.38
C ILE A 297 -14.29 11.01 35.39
N ARG A 298 -13.10 10.44 35.30
CA ARG A 298 -11.88 11.24 35.26
C ARG A 298 -11.83 12.08 33.97
N CYS A 299 -12.23 11.48 32.84
CA CYS A 299 -12.34 12.21 31.57
C CYS A 299 -13.30 13.40 31.69
N VAL A 300 -14.47 13.17 32.26
CA VAL A 300 -15.47 14.24 32.42
C VAL A 300 -14.96 15.37 33.33
N GLN A 301 -14.15 14.99 34.32
CA GLN A 301 -13.59 15.97 35.24
C GLN A 301 -12.51 16.83 34.59
N GLU A 302 -11.84 16.27 33.58
CA GLU A 302 -10.75 16.97 32.89
C GLU A 302 -11.24 17.89 31.78
N VAL A 303 -12.37 17.54 31.17
CA VAL A 303 -12.86 18.26 30.00
C VAL A 303 -13.06 19.75 30.29
N GLU A 304 -13.45 20.08 31.51
CA GLU A 304 -13.72 21.46 31.89
C GLU A 304 -12.42 22.27 31.94
N ARG A 305 -11.37 21.67 32.48
CA ARG A 305 -10.05 22.32 32.55
C ARG A 305 -9.56 22.64 31.15
N ILE A 306 -9.62 21.65 30.26
CA ILE A 306 -9.14 21.78 28.89
C ILE A 306 -10.00 22.77 28.08
N LEU A 307 -11.30 22.77 28.35
CA LEU A 307 -12.21 23.66 27.67
C LEU A 307 -11.84 25.12 27.94
N TYR A 308 -11.61 25.44 29.21
CA TYR A 308 -11.28 26.80 29.60
C TYR A 308 -9.92 27.27 29.09
N PHE A 309 -8.97 26.34 29.01
CA PHE A 309 -7.66 26.63 28.43
C PHE A 309 -7.81 26.92 26.95
N MET A 310 -8.58 26.09 26.24
CA MET A 310 -8.83 26.29 24.82
C MET A 310 -9.52 27.63 24.57
N THR A 311 -10.46 27.97 25.43
CA THR A 311 -11.20 29.22 25.30
C THR A 311 -10.28 30.42 25.53
N ARG A 312 -9.52 30.39 26.61
CA ARG A 312 -8.62 31.50 26.93
C ARG A 312 -7.64 31.76 25.79
N LYS A 313 -7.11 30.69 25.21
CA LYS A 313 -6.11 30.80 24.15
C LYS A 313 -6.71 31.22 22.82
N GLY A 314 -8.03 31.12 22.69
CA GLY A 314 -8.71 31.59 21.49
C GLY A 314 -8.87 30.55 20.39
N LEU A 315 -8.83 29.27 20.76
CA LEU A 315 -9.00 28.18 19.81
C LEU A 315 -10.48 27.84 19.56
N ILE A 316 -11.31 28.09 20.55
CA ILE A 316 -12.74 27.82 20.45
C ILE A 316 -13.48 28.95 21.13
N ASN A 317 -14.81 28.96 21.00
CA ASN A 317 -15.63 29.97 21.65
C ASN A 317 -15.12 31.38 21.35
N THR A 318 -14.92 31.66 20.08
CA THR A 318 -14.24 32.88 19.66
C THR A 318 -14.89 33.41 18.39
N GLY A 319 -14.19 34.30 17.68
CA GLY A 319 -14.78 34.91 16.50
C GLY A 319 -15.83 35.92 16.93
N VAL A 320 -16.93 36.00 16.19
CA VAL A 320 -17.99 36.95 16.49
C VAL A 320 -19.04 36.40 17.46
N LEU A 321 -18.79 35.21 18.00
CA LEU A 321 -19.63 34.66 19.05
C LEU A 321 -19.79 35.71 20.14
N SER A 322 -21.03 35.95 20.55
CA SER A 322 -21.29 36.91 21.61
C SER A 322 -21.89 36.20 22.81
N VAL A 323 -21.46 36.62 24.00
CA VAL A 323 -21.90 35.99 25.22
C VAL A 323 -22.14 37.09 26.26
N GLY A 324 -23.25 36.99 26.99
CA GLY A 324 -23.65 38.06 27.89
C GLY A 324 -23.62 37.70 29.36
N ALA A 325 -24.05 38.64 30.20
CA ALA A 325 -24.08 38.43 31.64
C ALA A 325 -24.65 37.06 31.98
N ASP A 326 -23.94 36.32 32.81
CA ASP A 326 -24.32 34.95 33.18
C ASP A 326 -24.16 33.98 32.00
N GLN A 327 -23.27 34.34 31.08
CA GLN A 327 -22.88 33.45 30.00
C GLN A 327 -21.37 33.51 29.77
N TYR A 328 -20.68 34.20 30.66
CA TYR A 328 -19.24 34.41 30.51
C TYR A 328 -18.47 33.10 30.32
N LEU A 329 -17.48 33.13 29.43
CA LEU A 329 -16.81 31.92 28.95
C LEU A 329 -15.70 31.42 29.86
N LEU A 330 -15.33 32.21 30.86
CA LEU A 330 -14.32 31.78 31.83
C LEU A 330 -14.83 31.95 33.25
N PRO A 331 -14.45 31.02 34.14
CA PRO A 331 -14.87 31.01 35.55
C PRO A 331 -14.73 32.38 36.21
N LYS A 332 -15.50 32.63 37.25
CA LYS A 332 -15.45 33.89 37.99
C LYS A 332 -14.04 34.24 38.47
N ASP A 333 -13.15 33.26 38.42
CA ASP A 333 -11.80 33.43 38.93
C ASP A 333 -10.98 34.40 38.08
N TYR A 334 -11.36 34.55 36.81
CA TYR A 334 -10.64 35.44 35.89
C TYR A 334 -11.25 36.85 35.85
N HIS A 335 -12.42 37.03 36.45
CA HIS A 335 -13.22 38.22 36.21
C HIS A 335 -12.69 39.51 36.86
N ASN A 336 -12.20 39.39 38.09
CA ASN A 336 -11.65 40.55 38.81
C ASN A 336 -10.38 41.09 38.17
N LYS A 337 -10.53 42.15 37.38
CA LYS A 337 -9.42 42.78 36.70
C LYS A 337 -10.04 43.81 35.77
N SER A 338 -9.23 44.70 35.22
CA SER A 338 -9.76 45.68 34.25
C SER A 338 -8.74 46.10 33.24
N VAL A 339 -9.26 46.51 32.08
CA VAL A 339 -8.40 46.74 30.98
C VAL A 339 -8.86 47.94 30.14
N ILE A 340 -7.90 48.73 29.69
CA ILE A 340 -8.15 49.78 28.69
C ILE A 340 -7.52 49.36 27.38
N ILE A 341 -8.37 49.32 26.35
CA ILE A 341 -7.85 49.01 25.04
C ILE A 341 -7.82 50.27 24.18
N ILE A 342 -6.67 50.54 23.60
CA ILE A 342 -6.47 51.73 22.81
C ILE A 342 -6.48 51.36 21.33
N GLY A 343 -7.48 51.87 20.63
CA GLY A 343 -7.67 51.56 19.22
C GLY A 343 -8.80 50.57 19.02
N ALA A 344 -9.70 50.89 18.09
CA ALA A 344 -10.83 50.02 17.78
C ALA A 344 -10.79 49.53 16.33
N GLY A 345 -9.63 49.08 15.88
CA GLY A 345 -9.50 48.37 14.63
C GLY A 345 -9.63 46.89 14.93
N PRO A 346 -9.28 46.03 13.97
CA PRO A 346 -9.41 44.58 14.13
C PRO A 346 -8.69 44.05 15.39
N ALA A 347 -7.52 44.58 15.70
CA ALA A 347 -6.76 44.12 16.86
C ALA A 347 -7.41 44.49 18.20
N GLY A 348 -7.76 45.76 18.33
CA GLY A 348 -8.39 46.23 19.56
C GLY A 348 -9.73 45.57 19.80
N LEU A 349 -10.52 45.44 18.74
CA LEU A 349 -11.84 44.83 18.83
C LEU A 349 -11.76 43.33 19.07
N ALA A 350 -10.74 42.67 18.53
CA ALA A 350 -10.54 41.25 18.81
C ALA A 350 -10.31 41.04 20.31
N ALA A 351 -9.36 41.79 20.87
CA ALA A 351 -9.02 41.65 22.27
C ALA A 351 -10.20 42.02 23.16
N ALA A 352 -10.91 43.08 22.78
CA ALA A 352 -12.07 43.53 23.56
C ALA A 352 -13.17 42.48 23.55
N ARG A 353 -13.44 41.92 22.37
CA ARG A 353 -14.46 40.89 22.24
C ARG A 353 -14.09 39.69 23.12
N GLN A 354 -12.85 39.25 22.99
CA GLN A 354 -12.37 38.12 23.79
C GLN A 354 -12.49 38.39 25.28
N LEU A 355 -11.89 39.49 25.74
CA LEU A 355 -11.91 39.81 27.16
C LEU A 355 -13.32 39.96 27.71
N HIS A 356 -14.18 40.63 26.94
CA HIS A 356 -15.56 40.83 27.35
C HIS A 356 -16.26 39.49 27.54
N ASN A 357 -16.18 38.64 26.52
CA ASN A 357 -16.76 37.31 26.59
C ASN A 357 -16.21 36.51 27.78
N PHE A 358 -14.99 36.82 28.18
CA PHE A 358 -14.34 36.14 29.30
C PHE A 358 -14.94 36.54 30.64
N GLY A 359 -15.56 37.71 30.66
CA GLY A 359 -16.13 38.27 31.87
C GLY A 359 -15.24 39.35 32.46
N ILE A 360 -14.27 39.80 31.68
CA ILE A 360 -13.34 40.82 32.13
C ILE A 360 -13.80 42.23 31.75
N LYS A 361 -13.60 43.17 32.67
CA LYS A 361 -14.06 44.55 32.49
C LYS A 361 -13.18 45.28 31.48
N VAL A 362 -13.77 45.74 30.38
CA VAL A 362 -13.01 46.34 29.29
C VAL A 362 -13.59 47.65 28.78
N THR A 363 -12.72 48.63 28.59
CA THR A 363 -13.10 49.89 27.94
C THR A 363 -12.19 50.16 26.75
N VAL A 364 -12.78 50.49 25.61
CA VAL A 364 -12.02 50.75 24.39
C VAL A 364 -11.99 52.24 24.08
N LEU A 365 -10.79 52.80 23.93
CA LEU A 365 -10.66 54.19 23.55
C LEU A 365 -10.20 54.33 22.09
N GLU A 366 -11.05 54.95 21.26
CA GLU A 366 -10.75 55.13 19.85
C GLU A 366 -10.59 56.61 19.50
N ALA A 367 -9.54 56.93 18.75
CA ALA A 367 -9.24 58.31 18.42
C ALA A 367 -10.26 58.95 17.46
N LYS A 368 -10.72 58.17 16.49
CA LYS A 368 -11.56 58.69 15.41
C LYS A 368 -13.04 58.71 15.77
N ASP A 369 -13.86 59.23 14.86
CA ASP A 369 -15.31 59.24 15.08
C ASP A 369 -15.98 57.96 14.60
N ARG A 370 -15.18 56.91 14.38
CA ARG A 370 -15.69 55.64 13.89
C ARG A 370 -14.74 54.51 14.29
N ILE A 371 -15.29 53.31 14.42
CA ILE A 371 -14.47 52.14 14.68
C ILE A 371 -14.03 51.55 13.34
N GLY A 372 -13.11 50.60 13.38
CA GLY A 372 -12.72 49.90 12.17
C GLY A 372 -11.26 50.06 11.79
N GLY A 373 -10.72 51.25 12.00
CA GLY A 373 -9.35 51.54 11.62
C GLY A 373 -9.14 51.42 10.13
N ARG A 374 -8.24 50.53 9.72
CA ARG A 374 -7.96 50.34 8.30
C ARG A 374 -9.01 49.49 7.59
N VAL A 375 -10.03 49.10 8.36
CA VAL A 375 -11.25 48.57 7.78
C VAL A 375 -12.25 49.73 7.68
N TRP A 376 -12.62 50.08 6.46
CA TRP A 376 -13.56 51.18 6.24
C TRP A 376 -14.24 50.99 4.89
N ASP A 377 -15.52 50.61 4.94
CA ASP A 377 -16.25 50.23 3.72
C ASP A 377 -17.19 51.32 3.23
N ASP A 378 -17.24 51.47 1.90
CA ASP A 378 -18.17 52.40 1.28
C ASP A 378 -19.37 51.60 0.79
N LYS A 379 -20.53 51.86 1.37
CA LYS A 379 -21.74 51.11 1.04
C LYS A 379 -22.66 51.91 0.13
N SER A 380 -22.15 53.02 -0.39
CA SER A 380 -22.98 53.92 -1.20
C SER A 380 -23.01 53.54 -2.67
N PHE A 381 -22.13 52.65 -3.09
CA PHE A 381 -22.11 52.19 -4.48
C PHE A 381 -23.31 51.28 -4.75
N LYS A 382 -23.84 51.38 -5.96
CA LYS A 382 -25.03 50.64 -6.35
C LYS A 382 -24.87 49.12 -6.29
N GLY A 383 -25.51 48.49 -5.32
CA GLY A 383 -25.57 47.04 -5.23
C GLY A 383 -24.29 46.33 -4.83
N VAL A 384 -23.31 47.10 -4.35
CA VAL A 384 -21.99 46.54 -4.06
C VAL A 384 -21.36 47.26 -2.87
N THR A 385 -20.53 46.55 -2.12
CA THR A 385 -19.78 47.16 -1.01
C THR A 385 -18.31 47.24 -1.42
N VAL A 386 -17.74 48.43 -1.33
CA VAL A 386 -16.35 48.64 -1.73
C VAL A 386 -15.50 49.12 -0.56
N GLY A 387 -14.49 48.32 -0.20
CA GLY A 387 -13.58 48.70 0.85
C GLY A 387 -12.66 49.84 0.45
N ARG A 388 -12.56 50.86 1.29
CA ARG A 388 -11.55 51.89 1.10
C ARG A 388 -10.26 51.35 1.67
N GLY A 389 -10.40 50.41 2.60
CA GLY A 389 -9.25 49.74 3.18
C GLY A 389 -9.24 48.27 2.80
N ALA A 390 -9.08 47.40 3.78
CA ALA A 390 -9.00 45.96 3.54
C ALA A 390 -10.29 45.41 2.97
N GLN A 391 -10.18 44.42 2.09
CA GLN A 391 -11.36 43.69 1.61
C GLN A 391 -11.03 42.27 1.13
N ILE A 392 -9.74 41.94 1.07
CA ILE A 392 -9.35 40.62 0.58
C ILE A 392 -8.95 39.71 1.76
N VAL A 393 -9.26 38.42 1.64
CA VAL A 393 -8.86 37.43 2.64
C VAL A 393 -7.81 36.52 2.03
N ASN A 394 -6.59 36.59 2.55
CA ASN A 394 -5.46 35.87 1.98
C ASN A 394 -5.26 34.51 2.64
N GLY A 395 -5.89 33.48 2.07
CA GLY A 395 -5.77 32.13 2.60
C GLY A 395 -6.84 31.80 3.62
N CYS A 396 -7.94 31.21 3.15
CA CYS A 396 -9.13 31.03 3.98
C CYS A 396 -9.07 29.82 4.91
N ILE A 397 -8.27 28.83 4.58
CA ILE A 397 -8.18 27.62 5.39
C ILE A 397 -7.72 27.92 6.81
N ASN A 398 -8.57 27.59 7.79
CA ASN A 398 -8.30 27.84 9.20
C ASN A 398 -8.21 29.33 9.55
N ASN A 399 -8.54 30.18 8.59
CA ASN A 399 -8.52 31.62 8.82
C ASN A 399 -9.67 32.03 9.74
N PRO A 400 -9.37 32.78 10.80
CA PRO A 400 -10.39 33.35 11.69
C PRO A 400 -11.49 34.06 10.90
N VAL A 401 -11.12 34.71 9.80
CA VAL A 401 -12.10 35.42 8.98
C VAL A 401 -13.10 34.46 8.35
N ALA A 402 -12.62 33.31 7.91
CA ALA A 402 -13.48 32.28 7.34
C ALA A 402 -14.44 31.75 8.40
N LEU A 403 -13.93 31.57 9.61
CA LEU A 403 -14.78 31.14 10.72
C LEU A 403 -15.87 32.17 10.95
N MET A 404 -15.50 33.43 11.00
CA MET A 404 -16.45 34.49 11.30
C MET A 404 -17.51 34.65 10.19
N CYS A 405 -17.12 34.37 8.95
CA CYS A 405 -18.09 34.38 7.86
C CYS A 405 -19.11 33.25 8.05
N GLU A 406 -18.62 32.10 8.46
CA GLU A 406 -19.49 30.98 8.80
C GLU A 406 -20.48 31.36 9.87
N GLN A 407 -20.01 31.96 10.94
CA GLN A 407 -20.85 32.37 12.05
C GLN A 407 -21.91 33.36 11.62
N LEU A 408 -21.58 34.16 10.61
CA LEU A 408 -22.47 35.22 10.14
C LEU A 408 -23.34 34.80 8.96
N GLY A 409 -23.04 33.64 8.39
CA GLY A 409 -23.76 33.17 7.22
C GLY A 409 -23.42 34.00 6.00
N ILE A 410 -22.14 34.38 5.90
CA ILE A 410 -21.64 35.19 4.81
C ILE A 410 -20.87 34.33 3.83
N SER A 411 -21.04 34.62 2.54
CA SER A 411 -20.33 33.90 1.49
C SER A 411 -19.23 34.80 0.93
N MET A 412 -18.06 34.22 0.69
CA MET A 412 -16.96 34.95 0.08
C MET A 412 -16.82 34.55 -1.38
N HIS A 413 -16.20 35.41 -2.18
CA HIS A 413 -15.93 35.06 -3.57
C HIS A 413 -14.48 34.66 -3.75
N LYS A 414 -14.26 33.43 -4.22
CA LYS A 414 -12.91 32.94 -4.49
C LYS A 414 -12.38 33.49 -5.82
N PHE A 415 -11.23 34.14 -5.78
CA PHE A 415 -10.63 34.68 -7.00
C PHE A 415 -10.23 33.56 -7.96
N GLY A 416 -10.45 33.79 -9.25
CA GLY A 416 -9.91 32.93 -10.27
C GLY A 416 -8.44 33.28 -10.45
N GLU A 417 -7.74 32.49 -11.27
CA GLU A 417 -6.30 32.68 -11.44
C GLU A 417 -5.95 33.71 -12.52
N ARG A 418 -6.78 33.81 -13.53
CA ARG A 418 -6.43 34.58 -14.70
C ARG A 418 -6.27 36.05 -14.41
N CYS A 419 -5.17 36.60 -14.89
CA CYS A 419 -4.93 38.03 -14.83
C CYS A 419 -4.06 38.44 -15.99
N ASP A 420 -4.71 38.73 -17.12
CA ASP A 420 -4.01 39.16 -18.33
C ASP A 420 -3.20 40.43 -18.08
N LEU A 421 -2.03 40.52 -18.70
CA LEU A 421 -1.21 41.74 -18.65
C LEU A 421 -1.46 42.63 -19.87
N ILE A 422 -2.30 43.61 -19.71
CA ILE A 422 -2.71 44.45 -20.83
C ILE A 422 -1.84 45.69 -20.97
N GLN A 423 -1.38 45.93 -22.20
CA GLN A 423 -0.50 47.05 -22.49
C GLN A 423 -1.29 48.29 -22.85
N GLU A 424 -0.72 49.47 -22.57
CA GLU A 424 -1.15 50.68 -23.22
C GLU A 424 -0.60 50.60 -24.63
N GLY A 425 -1.47 50.61 -25.64
CA GLY A 425 -2.89 50.74 -25.44
C GLY A 425 -3.65 49.67 -26.19
N GLY A 426 -4.14 48.67 -25.46
CA GLY A 426 -5.03 47.67 -26.03
C GLY A 426 -4.50 46.25 -26.01
N ARG A 427 -3.22 46.08 -26.33
CA ARG A 427 -2.66 44.76 -26.58
C ARG A 427 -2.53 43.88 -25.33
N ILE A 428 -3.13 42.70 -25.38
CA ILE A 428 -2.93 41.70 -24.34
C ILE A 428 -1.60 41.03 -24.57
N THR A 429 -0.80 40.91 -23.51
CA THR A 429 0.56 40.41 -23.64
C THR A 429 0.62 38.95 -24.10
N ASP A 430 1.44 38.70 -25.12
CA ASP A 430 1.69 37.37 -25.65
C ASP A 430 1.98 36.40 -24.52
N PRO A 431 1.28 35.24 -24.51
CA PRO A 431 1.44 34.20 -23.50
C PRO A 431 2.88 33.73 -23.31
N THR A 432 3.67 33.73 -24.39
CA THR A 432 5.05 33.27 -24.29
C THR A 432 5.95 34.33 -23.66
N ILE A 433 5.70 35.59 -24.01
CA ILE A 433 6.40 36.71 -23.39
C ILE A 433 6.05 36.74 -21.91
N ASP A 434 4.78 36.50 -21.61
CA ASP A 434 4.29 36.47 -20.26
C ASP A 434 5.04 35.43 -19.43
N LYS A 435 5.10 34.20 -19.96
CA LYS A 435 5.76 33.11 -19.26
C LYS A 435 7.26 33.32 -19.14
N ARG A 436 7.86 33.89 -20.18
CA ARG A 436 9.31 34.10 -20.22
C ARG A 436 9.75 35.06 -19.13
N MET A 437 8.99 36.13 -18.92
CA MET A 437 9.38 37.16 -17.96
C MET A 437 8.98 36.80 -16.53
N ASP A 438 7.90 36.04 -16.38
CA ASP A 438 7.54 35.51 -15.06
C ASP A 438 8.67 34.64 -14.56
N PHE A 439 9.16 33.77 -15.43
CA PHE A 439 10.26 32.87 -15.11
C PHE A 439 11.50 33.67 -14.68
N HIS A 440 11.87 34.65 -15.48
CA HIS A 440 13.04 35.47 -15.16
C HIS A 440 12.85 36.26 -13.87
N PHE A 441 11.69 36.87 -13.69
CA PHE A 441 11.41 37.62 -12.47
C PHE A 441 11.64 36.74 -11.24
N ASN A 442 11.01 35.57 -11.23
CA ASN A 442 11.15 34.67 -10.09
C ASN A 442 12.55 34.09 -9.95
N ALA A 443 13.26 33.96 -11.06
CA ALA A 443 14.65 33.51 -11.02
C ALA A 443 15.51 34.54 -10.30
N LEU A 444 15.17 35.81 -10.48
CA LEU A 444 15.86 36.89 -9.78
C LEU A 444 15.65 36.76 -8.27
N LEU A 445 14.43 36.43 -7.88
CA LEU A 445 14.13 36.21 -6.46
C LEU A 445 14.90 35.02 -5.89
N ASP A 446 15.07 33.98 -6.69
CA ASP A 446 15.83 32.82 -6.23
C ASP A 446 17.25 33.22 -5.84
N VAL A 447 17.92 33.94 -6.73
CA VAL A 447 19.32 34.31 -6.46
C VAL A 447 19.45 35.30 -5.29
N VAL A 448 18.45 36.17 -5.12
CA VAL A 448 18.41 37.01 -3.94
C VAL A 448 18.39 36.14 -2.69
N SER A 449 17.46 35.20 -2.66
CA SER A 449 17.34 34.30 -1.51
C SER A 449 18.63 33.52 -1.30
N GLU A 450 19.42 33.38 -2.36
CA GLU A 450 20.69 32.68 -2.27
C GLU A 450 21.78 33.61 -1.74
N TRP A 451 21.74 34.86 -2.18
CA TRP A 451 22.71 35.87 -1.76
C TRP A 451 22.62 36.17 -0.26
N ARG A 452 21.40 36.18 0.26
CA ARG A 452 21.17 36.61 1.65
C ARG A 452 21.56 35.58 2.70
N LYS A 453 21.74 34.33 2.28
CA LYS A 453 21.99 33.24 3.22
C LYS A 453 23.11 33.51 4.22
N ASP A 454 24.17 34.20 3.78
CA ASP A 454 25.30 34.43 4.67
C ASP A 454 25.45 35.89 5.07
N LYS A 455 24.41 36.69 4.87
CA LYS A 455 24.48 38.11 5.22
C LYS A 455 23.75 38.39 6.54
N THR A 456 24.31 39.29 7.34
CA THR A 456 23.68 39.70 8.59
C THR A 456 22.93 41.01 8.39
N GLN A 457 22.15 41.42 9.39
CA GLN A 457 21.42 42.67 9.31
C GLN A 457 22.35 43.83 8.96
N LEU A 458 23.58 43.75 9.44
CA LEU A 458 24.56 44.83 9.24
C LEU A 458 25.04 44.88 7.79
N GLN A 459 24.70 43.88 6.99
CA GLN A 459 25.09 43.83 5.59
C GLN A 459 23.87 43.86 4.66
N ASP A 460 22.72 44.24 5.19
CA ASP A 460 21.48 44.23 4.40
C ASP A 460 21.50 45.27 3.30
N VAL A 461 20.96 44.91 2.14
CA VAL A 461 20.79 45.84 1.04
C VAL A 461 19.35 45.80 0.56
N PRO A 462 18.87 46.90 -0.03
CA PRO A 462 17.47 46.95 -0.46
C PRO A 462 17.14 45.90 -1.52
N LEU A 463 15.97 45.28 -1.39
CA LEU A 463 15.54 44.26 -2.33
C LEU A 463 15.60 44.75 -3.76
N GLY A 464 15.12 45.98 -3.97
CA GLY A 464 15.06 46.55 -5.30
C GLY A 464 16.43 46.68 -5.92
N GLU A 465 17.38 47.19 -5.14
CA GLU A 465 18.74 47.36 -5.60
C GLU A 465 19.36 46.02 -5.94
N LYS A 466 19.12 45.03 -5.08
CA LYS A 466 19.67 43.71 -5.27
C LYS A 466 19.16 43.08 -6.57
N ILE A 467 17.85 43.12 -6.76
CA ILE A 467 17.23 42.62 -7.99
C ILE A 467 17.82 43.29 -9.24
N GLU A 468 17.94 44.62 -9.18
CA GLU A 468 18.50 45.39 -10.28
C GLU A 468 19.90 44.90 -10.66
N GLU A 469 20.80 44.91 -9.69
CA GLU A 469 22.17 44.45 -9.89
C GLU A 469 22.22 43.05 -10.51
N ILE A 470 21.47 42.12 -9.91
CA ILE A 470 21.45 40.74 -10.39
C ILE A 470 20.97 40.68 -11.83
N TYR A 471 20.04 41.56 -12.17
CA TYR A 471 19.48 41.64 -13.51
C TYR A 471 20.50 42.13 -14.53
N LYS A 472 21.14 43.25 -14.22
CA LYS A 472 22.19 43.80 -15.08
C LYS A 472 23.34 42.83 -15.25
N ALA A 473 23.74 42.20 -14.15
CA ALA A 473 24.87 41.28 -14.18
C ALA A 473 24.54 40.00 -14.92
N PHE A 474 23.25 39.77 -15.16
CA PHE A 474 22.81 38.60 -15.91
C PHE A 474 22.81 38.89 -17.41
N ILE A 475 22.37 40.08 -17.79
CA ILE A 475 22.40 40.49 -19.18
C ILE A 475 23.84 40.64 -19.65
N LYS A 476 24.71 41.08 -18.75
CA LYS A 476 26.14 41.14 -19.00
C LYS A 476 26.67 39.73 -19.25
N GLU A 477 26.52 38.86 -18.25
CA GLU A 477 26.97 37.48 -18.34
C GLU A 477 26.51 36.83 -19.64
N SER A 478 25.20 36.64 -19.76
CA SER A 478 24.61 36.06 -20.97
C SER A 478 24.17 37.17 -21.92
N GLY A 479 24.65 37.09 -23.17
CA GLY A 479 24.39 38.13 -24.15
C GLY A 479 22.93 38.42 -24.43
N ILE A 480 22.04 37.61 -23.85
CA ILE A 480 20.61 37.79 -24.04
C ILE A 480 20.20 39.25 -23.83
N GLN A 481 19.29 39.73 -24.67
CA GLN A 481 18.75 41.08 -24.52
C GLN A 481 17.24 41.08 -24.66
N PHE A 482 16.56 41.66 -23.69
CA PHE A 482 15.10 41.67 -23.69
C PHE A 482 14.57 42.91 -24.40
N SER A 483 13.41 42.76 -25.04
CA SER A 483 12.76 43.88 -25.70
C SER A 483 12.33 44.89 -24.66
N GLU A 484 11.85 46.05 -25.11
CA GLU A 484 11.35 47.06 -24.20
C GLU A 484 10.12 46.55 -23.46
N LEU A 485 9.28 45.80 -24.18
CA LEU A 485 8.06 45.23 -23.61
C LEU A 485 8.40 44.20 -22.54
N GLU A 486 9.36 43.34 -22.85
CA GLU A 486 9.80 42.33 -21.90
C GLU A 486 10.28 43.02 -20.63
N GLY A 487 10.99 44.13 -20.79
CA GLY A 487 11.43 44.93 -19.66
C GLY A 487 10.26 45.54 -18.92
N GLN A 488 9.23 45.94 -19.65
CA GLN A 488 8.05 46.55 -19.05
C GLN A 488 7.22 45.53 -18.27
N VAL A 489 7.23 44.29 -18.75
CA VAL A 489 6.49 43.22 -18.08
C VAL A 489 7.17 42.89 -16.76
N LEU A 490 8.49 42.89 -16.77
CA LEU A 490 9.27 42.71 -15.57
C LEU A 490 8.90 43.80 -14.56
N GLN A 491 8.70 45.01 -15.07
CA GLN A 491 8.30 46.13 -14.22
C GLN A 491 6.96 45.89 -13.54
N PHE A 492 6.04 45.24 -14.24
CA PHE A 492 4.75 44.92 -13.65
C PHE A 492 4.95 44.08 -12.40
N HIS A 493 5.75 43.03 -12.54
CA HIS A 493 6.01 42.12 -11.43
C HIS A 493 6.68 42.85 -10.29
N LEU A 494 7.56 43.79 -10.60
CA LEU A 494 8.22 44.54 -9.56
C LEU A 494 7.19 45.35 -8.83
N SER A 495 6.26 45.91 -9.59
CA SER A 495 5.22 46.73 -9.03
C SER A 495 4.34 45.95 -8.06
N ASN A 496 4.22 44.68 -8.35
CA ASN A 496 3.36 43.79 -7.60
C ASN A 496 3.99 43.48 -6.25
N LEU A 497 5.33 43.49 -6.21
CA LEU A 497 6.07 43.35 -4.97
C LEU A 497 5.87 44.59 -4.11
N GLU A 498 5.86 45.74 -4.76
CA GLU A 498 5.73 47.01 -4.05
C GLU A 498 4.34 47.15 -3.46
N TYR A 499 3.33 46.71 -4.21
CA TYR A 499 1.97 46.64 -3.68
C TYR A 499 1.94 45.76 -2.42
N ALA A 500 2.57 44.59 -2.49
CA ALA A 500 2.57 43.63 -1.39
C ALA A 500 3.23 44.21 -0.13
N CYS A 501 4.30 44.96 -0.31
CA CYS A 501 5.05 45.50 0.83
C CYS A 501 4.55 46.88 1.25
N GLY A 502 3.80 47.54 0.37
CA GLY A 502 3.38 48.90 0.62
C GLY A 502 4.56 49.85 0.58
N SER A 503 5.55 49.55 -0.26
CA SER A 503 6.73 50.39 -0.38
C SER A 503 7.49 50.19 -1.69
N ASN A 504 8.15 51.25 -2.15
CA ASN A 504 9.11 51.14 -3.22
C ASN A 504 10.17 50.15 -2.79
N LEU A 505 10.63 49.31 -3.71
CA LEU A 505 11.53 48.20 -3.34
C LEU A 505 12.90 48.62 -2.84
N HIS A 506 13.26 49.89 -3.02
CA HIS A 506 14.56 50.35 -2.56
C HIS A 506 14.55 50.70 -1.07
N GLN A 507 13.40 50.52 -0.45
CA GLN A 507 13.22 50.69 0.98
C GLN A 507 13.14 49.34 1.70
N VAL A 508 12.74 48.31 0.98
CA VAL A 508 12.48 47.02 1.63
C VAL A 508 13.71 46.09 1.70
N SER A 509 13.81 45.37 2.81
CA SER A 509 14.95 44.52 3.09
C SER A 509 15.04 43.32 2.15
N ALA A 510 16.20 43.17 1.51
CA ALA A 510 16.46 41.96 0.71
C ALA A 510 16.48 40.73 1.61
N ARG A 511 17.06 40.87 2.81
CA ARG A 511 17.17 39.75 3.74
C ARG A 511 15.83 39.30 4.32
N SER A 512 14.92 40.25 4.57
CA SER A 512 13.78 39.98 5.44
C SER A 512 12.42 40.30 4.85
N TRP A 513 12.35 40.66 3.58
CA TRP A 513 11.07 41.08 2.99
C TRP A 513 9.96 40.04 3.16
N ASP A 514 10.35 38.76 3.09
CA ASP A 514 9.40 37.65 3.16
C ASP A 514 9.61 36.81 4.42
N HIS A 515 10.16 37.44 5.45
CA HIS A 515 10.51 36.77 6.70
C HIS A 515 9.42 35.86 7.26
N ASN A 516 8.17 36.30 7.14
CA ASN A 516 7.06 35.59 7.80
C ASN A 516 6.86 34.17 7.29
N GLU A 517 7.28 33.92 6.05
CA GLU A 517 7.11 32.60 5.44
C GLU A 517 8.00 31.53 6.08
N PHE A 518 8.87 31.93 7.01
CA PHE A 518 9.57 30.97 7.84
C PHE A 518 8.54 30.16 8.63
N PHE A 519 7.40 30.80 8.92
CA PHE A 519 6.33 30.14 9.67
C PHE A 519 5.22 29.67 8.75
N ALA A 520 4.49 28.64 9.17
CA ALA A 520 3.36 28.12 8.41
C ALA A 520 2.37 29.23 8.12
N GLN A 521 1.97 29.37 6.86
CA GLN A 521 1.06 30.43 6.45
C GLN A 521 -0.34 29.89 6.15
N PHE A 522 -1.29 30.81 5.95
CA PHE A 522 -2.67 30.42 5.67
C PHE A 522 -2.82 29.88 4.26
N ALA A 523 -3.21 28.62 4.18
CA ALA A 523 -3.37 27.95 2.89
C ALA A 523 -4.75 28.21 2.30
N GLY A 524 -4.93 27.79 1.05
CA GLY A 524 -6.25 27.78 0.44
C GLY A 524 -6.65 29.09 -0.23
N ASP A 525 -7.92 29.14 -0.62
CA ASP A 525 -8.46 30.26 -1.39
C ASP A 525 -8.08 31.63 -0.88
N HIS A 526 -7.78 32.52 -1.82
CA HIS A 526 -7.83 33.95 -1.57
C HIS A 526 -9.19 34.42 -2.05
N THR A 527 -9.86 35.23 -1.26
CA THR A 527 -11.23 35.62 -1.57
C THR A 527 -11.47 37.11 -1.48
N LEU A 528 -12.53 37.56 -2.12
CA LEU A 528 -13.04 38.89 -1.94
C LEU A 528 -14.11 38.81 -0.92
N LEU A 529 -13.95 39.55 0.16
CA LEU A 529 -14.99 39.62 1.18
C LEU A 529 -16.07 40.59 0.69
N THR A 530 -16.96 40.08 -0.16
CA THR A 530 -17.90 40.93 -0.87
C THR A 530 -18.78 41.83 0.02
N PRO A 531 -19.26 41.31 1.16
CA PRO A 531 -20.01 42.18 2.08
C PRO A 531 -19.11 43.19 2.80
N GLY A 532 -17.81 42.97 2.75
CA GLY A 532 -16.86 43.88 3.39
C GLY A 532 -16.51 43.47 4.81
N TYR A 533 -15.29 43.81 5.24
CA TYR A 533 -14.82 43.48 6.59
C TYR A 533 -15.65 44.20 7.66
N SER A 534 -16.30 45.29 7.27
CA SER A 534 -17.07 46.08 8.24
C SER A 534 -18.15 45.27 8.94
N VAL A 535 -18.72 44.27 8.27
CA VAL A 535 -19.76 43.46 8.90
C VAL A 535 -19.18 42.70 10.08
N ILE A 536 -17.95 42.21 9.93
CA ILE A 536 -17.29 41.50 11.00
C ILE A 536 -16.94 42.47 12.11
N ILE A 537 -16.43 43.63 11.71
CA ILE A 537 -16.08 44.69 12.66
C ILE A 537 -17.27 45.09 13.52
N GLU A 538 -18.38 45.38 12.87
CA GLU A 538 -19.58 45.79 13.58
C GLU A 538 -19.93 44.76 14.63
N LYS A 539 -19.87 43.52 14.20
CA LYS A 539 -20.31 42.41 15.03
C LYS A 539 -19.41 42.23 16.25
N LEU A 540 -18.10 42.44 16.06
CA LEU A 540 -17.17 42.33 17.18
C LEU A 540 -17.44 43.41 18.21
N ALA A 541 -17.72 44.62 17.72
CA ALA A 541 -17.85 45.80 18.59
C ALA A 541 -19.21 45.87 19.28
N GLU A 542 -20.19 45.18 18.72
CA GLU A 542 -21.56 45.30 19.21
C GLU A 542 -21.69 45.04 20.70
N GLY A 543 -22.07 46.07 21.45
CA GLY A 543 -22.34 45.91 22.87
C GLY A 543 -21.14 46.10 23.77
N LEU A 544 -20.01 46.48 23.18
CA LEU A 544 -18.81 46.75 23.97
C LEU A 544 -18.83 48.21 24.42
N ASP A 545 -18.04 48.49 25.46
CA ASP A 545 -17.90 49.86 25.93
C ASP A 545 -16.82 50.56 25.12
N ILE A 546 -17.23 51.32 24.12
CA ILE A 546 -16.30 51.97 23.21
C ILE A 546 -16.47 53.48 23.24
N GLN A 547 -15.38 54.19 23.49
CA GLN A 547 -15.38 55.65 23.48
C GLN A 547 -14.75 56.18 22.21
N LEU A 548 -15.56 56.80 21.36
CA LEU A 548 -15.04 57.40 20.13
C LEU A 548 -14.51 58.81 20.39
N LYS A 549 -13.79 59.36 19.42
CA LYS A 549 -13.22 60.70 19.51
C LYS A 549 -12.47 60.89 20.82
N SER A 550 -11.76 59.83 21.21
CA SER A 550 -10.99 59.86 22.44
C SER A 550 -9.54 59.45 22.19
N PRO A 551 -8.77 60.35 21.56
CA PRO A 551 -7.38 60.05 21.22
C PRO A 551 -6.54 59.99 22.49
N VAL A 552 -5.86 58.87 22.74
CA VAL A 552 -5.00 58.77 23.90
C VAL A 552 -3.72 59.53 23.64
N GLN A 553 -3.26 60.26 24.65
CA GLN A 553 -2.04 61.05 24.52
C GLN A 553 -1.00 60.63 25.54
N CYS A 554 -1.47 60.21 26.71
CA CYS A 554 -0.57 59.81 27.79
C CYS A 554 -0.94 58.46 28.38
N ILE A 555 0.08 57.62 28.59
CA ILE A 555 -0.08 56.39 29.34
C ILE A 555 0.95 56.33 30.46
N ASP A 556 0.49 56.30 31.71
CA ASP A 556 1.39 56.26 32.85
C ASP A 556 1.20 54.97 33.64
N TYR A 557 2.20 54.09 33.58
CA TYR A 557 2.15 52.84 34.32
C TYR A 557 3.21 52.76 35.42
N SER A 558 3.46 53.89 36.09
CA SER A 558 4.45 53.95 37.15
C SER A 558 3.84 53.71 38.52
N GLY A 559 2.52 53.83 38.61
CA GLY A 559 1.81 53.67 39.87
C GLY A 559 1.09 52.33 39.97
N ASP A 560 0.18 52.24 40.94
CA ASP A 560 -0.53 50.99 41.23
C ASP A 560 -1.39 50.53 40.05
N GLU A 561 -1.99 51.46 39.34
CA GLU A 561 -2.67 51.11 38.09
C GLU A 561 -2.47 52.16 37.01
N VAL A 562 -2.73 51.75 35.78
CA VAL A 562 -2.41 52.58 34.63
C VAL A 562 -3.33 53.80 34.53
N GLN A 563 -2.72 54.97 34.41
CA GLN A 563 -3.44 56.20 34.17
C GLN A 563 -3.35 56.54 32.69
N VAL A 564 -4.50 56.63 32.04
CA VAL A 564 -4.59 56.96 30.63
C VAL A 564 -5.28 58.31 30.46
N THR A 565 -4.65 59.22 29.73
CA THR A 565 -5.23 60.56 29.51
C THR A 565 -5.37 60.86 28.02
N THR A 566 -6.55 61.33 27.62
CA THR A 566 -6.80 61.69 26.22
C THR A 566 -6.26 63.08 25.89
N THR A 567 -6.31 63.45 24.61
CA THR A 567 -5.81 64.74 24.15
C THR A 567 -6.58 65.93 24.74
N ASP A 568 -7.81 65.70 25.18
CA ASP A 568 -8.57 66.79 25.81
C ASP A 568 -8.50 66.77 27.33
N GLY A 569 -7.70 65.86 27.88
CA GLY A 569 -7.42 65.83 29.31
C GLY A 569 -8.29 64.89 30.11
N THR A 570 -9.14 64.12 29.43
CA THR A 570 -10.02 63.18 30.10
C THR A 570 -9.24 61.99 30.67
N GLY A 571 -9.52 61.65 31.93
CA GLY A 571 -8.77 60.60 32.61
C GLY A 571 -9.44 59.25 32.63
N TYR A 572 -8.66 58.21 32.36
CA TYR A 572 -9.12 56.84 32.49
C TYR A 572 -8.09 56.05 33.28
N SER A 573 -8.53 55.00 33.96
CA SER A 573 -7.61 54.17 34.72
C SER A 573 -8.06 52.70 34.72
N ALA A 574 -7.08 51.81 34.71
CA ALA A 574 -7.36 50.39 34.77
C ALA A 574 -6.10 49.66 35.22
N GLN A 575 -6.26 48.39 35.55
CA GLN A 575 -5.13 47.59 36.01
C GLN A 575 -4.16 47.34 34.86
N LYS A 576 -4.69 47.12 33.66
CA LYS A 576 -3.85 46.83 32.51
C LYS A 576 -4.27 47.62 31.26
N VAL A 577 -3.32 47.86 30.36
CA VAL A 577 -3.60 48.59 29.13
C VAL A 577 -3.03 47.87 27.91
N LEU A 578 -3.81 47.84 26.84
CA LEU A 578 -3.38 47.26 25.59
C LEU A 578 -3.34 48.33 24.51
N VAL A 579 -2.20 48.51 23.86
CA VAL A 579 -2.11 49.48 22.78
C VAL A 579 -2.07 48.77 21.42
N THR A 580 -2.92 49.22 20.51
CA THR A 580 -3.06 48.58 19.21
C THR A 580 -2.96 49.60 18.10
N VAL A 581 -2.38 50.76 18.41
CA VAL A 581 -2.27 51.84 17.44
C VAL A 581 -1.33 51.43 16.32
N PRO A 582 -1.52 52.00 15.12
CA PRO A 582 -0.71 51.63 13.94
C PRO A 582 0.78 51.93 14.14
N LEU A 583 1.61 51.17 13.47
CA LEU A 583 3.06 51.32 13.55
C LEU A 583 3.49 52.78 13.40
N ALA A 584 2.95 53.45 12.38
CA ALA A 584 3.30 54.84 12.13
C ALA A 584 3.11 55.74 13.35
N LEU A 585 2.05 55.50 14.11
CA LEU A 585 1.75 56.33 15.28
C LEU A 585 2.73 56.05 16.42
N LEU A 586 3.18 54.81 16.54
CA LEU A 586 4.24 54.49 17.48
C LEU A 586 5.54 55.16 17.07
N GLN A 587 5.81 55.16 15.76
CA GLN A 587 7.02 55.81 15.22
C GLN A 587 6.99 57.32 15.42
N LYS A 588 5.81 57.91 15.32
CA LYS A 588 5.65 59.35 15.50
C LYS A 588 5.73 59.74 16.97
N GLY A 589 5.53 58.76 17.85
CA GLY A 589 5.56 59.02 19.28
C GLY A 589 4.37 59.85 19.74
N ALA A 590 3.21 59.59 19.16
CA ALA A 590 2.01 60.37 19.48
C ALA A 590 1.49 60.09 20.89
N ILE A 591 1.87 58.94 21.44
CA ILE A 591 1.50 58.62 22.82
C ILE A 591 2.72 58.77 23.72
N GLN A 592 2.56 59.54 24.79
CA GLN A 592 3.60 59.70 25.80
C GLN A 592 3.56 58.56 26.82
N PHE A 593 4.60 57.72 26.82
CA PHE A 593 4.71 56.60 27.75
C PHE A 593 5.56 56.97 28.97
N ASN A 594 5.06 56.67 30.17
CA ASN A 594 5.84 56.86 31.38
C ASN A 594 5.73 55.65 32.30
N PRO A 595 6.85 54.95 32.52
CA PRO A 595 8.18 55.23 31.94
C PRO A 595 8.21 55.01 30.42
N PRO A 596 9.22 55.58 29.74
CA PRO A 596 9.30 55.51 28.28
C PRO A 596 9.57 54.10 27.78
N LEU A 597 9.12 53.78 26.57
CA LEU A 597 9.42 52.50 25.95
C LEU A 597 10.92 52.29 25.92
N SER A 598 11.35 51.04 25.99
CA SER A 598 12.77 50.74 26.01
C SER A 598 13.47 51.12 24.71
N GLU A 599 14.77 51.34 24.78
CA GLU A 599 15.55 51.58 23.57
C GLU A 599 15.44 50.39 22.63
N LYS A 600 15.40 49.18 23.19
CA LYS A 600 15.26 47.98 22.38
C LYS A 600 13.97 48.04 21.57
N LYS A 601 12.87 48.33 22.23
CA LYS A 601 11.57 48.46 21.56
C LYS A 601 11.62 49.54 20.47
N MET A 602 12.21 50.69 20.78
CA MET A 602 12.25 51.79 19.82
C MET A 602 13.00 51.40 18.54
N LYS A 603 14.11 50.68 18.70
CA LYS A 603 14.88 50.20 17.57
C LYS A 603 14.05 49.28 16.69
N ALA A 604 13.30 48.38 17.31
CA ALA A 604 12.42 47.47 16.57
C ALA A 604 11.31 48.23 15.86
N ILE A 605 10.71 49.18 16.58
CA ILE A 605 9.64 50.00 16.04
C ILE A 605 10.11 50.73 14.78
N ASN A 606 11.30 51.30 14.86
CA ASN A 606 11.86 52.05 13.73
C ASN A 606 12.48 51.18 12.64
N SER A 607 12.71 49.91 12.92
CA SER A 607 13.30 49.02 11.93
C SER A 607 12.26 48.51 10.94
N LEU A 608 10.98 48.67 11.28
CA LEU A 608 9.91 48.32 10.36
C LEU A 608 9.41 49.54 9.61
N GLY A 609 8.88 49.33 8.41
CA GLY A 609 8.36 50.42 7.62
C GLY A 609 6.86 50.54 7.71
N ALA A 610 6.37 51.76 7.88
CA ALA A 610 4.95 52.01 7.79
C ALA A 610 4.53 52.03 6.31
N GLY A 611 4.28 50.84 5.76
CA GLY A 611 3.94 50.71 4.36
C GLY A 611 2.64 51.40 3.99
N ILE A 612 2.52 51.77 2.72
CA ILE A 612 1.36 52.53 2.27
C ILE A 612 0.95 52.17 0.86
N ILE A 613 -0.36 52.11 0.65
CA ILE A 613 -0.95 52.08 -0.68
C ILE A 613 -2.21 52.93 -0.57
N GLU A 614 -2.72 53.40 -1.69
CA GLU A 614 -4.02 54.06 -1.73
C GLU A 614 -4.91 53.34 -2.75
N LYS A 615 -6.22 53.45 -2.58
CA LYS A 615 -7.15 52.80 -3.49
C LYS A 615 -8.00 53.85 -4.19
N ILE A 616 -8.41 53.53 -5.40
CA ILE A 616 -9.42 54.32 -6.11
C ILE A 616 -10.54 53.36 -6.49
N ALA A 617 -11.78 53.80 -6.35
CA ALA A 617 -12.91 53.02 -6.80
C ALA A 617 -13.70 53.86 -7.81
N LEU A 618 -14.18 53.22 -8.87
CA LEU A 618 -14.88 53.94 -9.94
C LEU A 618 -16.17 53.21 -10.32
N GLN A 619 -17.27 53.96 -10.38
CA GLN A 619 -18.54 53.41 -10.81
C GLN A 619 -18.83 53.84 -12.25
N PHE A 620 -19.38 52.92 -13.05
CA PHE A 620 -19.66 53.22 -14.44
C PHE A 620 -21.12 52.96 -14.79
N PRO A 621 -21.57 53.47 -15.95
CA PRO A 621 -22.94 53.25 -16.43
C PRO A 621 -23.15 51.82 -16.89
N TYR A 622 -22.08 51.17 -17.36
CA TYR A 622 -22.19 49.80 -17.83
C TYR A 622 -20.83 49.12 -17.80
N ARG A 623 -20.83 47.80 -17.91
CA ARG A 623 -19.62 46.99 -17.79
C ARG A 623 -18.80 46.98 -19.09
N PHE A 624 -18.10 48.09 -19.35
CA PHE A 624 -17.44 48.27 -20.65
C PHE A 624 -16.32 47.26 -20.92
N TRP A 625 -15.83 46.60 -19.88
CA TRP A 625 -14.67 45.73 -20.00
C TRP A 625 -14.98 44.26 -20.29
N ASP A 626 -16.26 43.88 -20.29
CA ASP A 626 -16.62 42.47 -20.39
C ASP A 626 -16.10 41.77 -21.65
N SER A 627 -16.20 42.44 -22.80
CA SER A 627 -15.73 41.86 -24.05
C SER A 627 -14.28 41.38 -23.94
N LYS A 628 -13.40 42.30 -23.57
CA LYS A 628 -11.97 42.02 -23.51
C LYS A 628 -11.56 41.19 -22.29
N VAL A 629 -12.17 41.46 -21.14
CA VAL A 629 -11.73 40.84 -19.90
C VAL A 629 -12.33 39.44 -19.69
N GLN A 630 -13.52 39.23 -20.22
CA GLN A 630 -14.12 37.89 -20.27
C GLN A 630 -14.33 37.25 -18.90
N GLY A 631 -14.77 38.03 -17.92
CA GLY A 631 -15.16 37.48 -16.64
C GLY A 631 -14.04 37.30 -15.61
N ALA A 632 -12.82 37.65 -15.98
CA ALA A 632 -11.69 37.55 -15.04
C ALA A 632 -11.93 38.48 -13.86
N ASP A 633 -11.48 38.07 -12.68
CA ASP A 633 -11.69 38.87 -11.48
C ASP A 633 -10.89 40.18 -11.52
N PHE A 634 -9.79 40.15 -12.26
CA PHE A 634 -8.91 41.30 -12.35
C PHE A 634 -8.11 41.29 -13.64
N PHE A 635 -7.51 42.43 -13.97
CA PHE A 635 -6.58 42.51 -15.09
C PHE A 635 -5.41 43.42 -14.76
N GLY A 636 -4.26 43.09 -15.33
CA GLY A 636 -3.03 43.81 -15.06
C GLY A 636 -2.80 44.93 -16.05
N HIS A 637 -1.92 45.86 -15.67
CA HIS A 637 -1.60 47.02 -16.48
C HIS A 637 -0.10 47.09 -16.66
N VAL A 638 0.38 46.85 -17.88
CA VAL A 638 1.81 46.88 -18.13
C VAL A 638 2.30 48.32 -18.05
N PRO A 639 3.33 48.57 -17.24
CA PRO A 639 3.88 49.92 -17.03
C PRO A 639 4.63 50.43 -18.24
N PRO A 640 4.37 51.68 -18.65
CA PRO A 640 5.14 52.33 -19.73
C PRO A 640 6.58 52.58 -19.30
N SER A 641 6.78 52.76 -18.00
CA SER A 641 8.11 53.04 -17.47
C SER A 641 8.23 52.58 -16.01
N ALA A 642 9.46 52.43 -15.55
CA ALA A 642 9.72 52.01 -14.18
C ALA A 642 9.14 53.00 -13.19
N SER A 643 9.23 54.28 -13.51
CA SER A 643 8.77 55.32 -12.58
C SER A 643 7.26 55.25 -12.33
N LYS A 644 6.50 54.83 -13.34
CA LYS A 644 5.05 54.84 -13.27
C LYS A 644 4.45 53.49 -12.90
N ARG A 645 5.30 52.52 -12.59
CA ARG A 645 4.85 51.13 -12.47
C ARG A 645 3.77 50.86 -11.41
N GLY A 646 3.77 51.64 -10.33
CA GLY A 646 2.80 51.43 -9.27
C GLY A 646 1.52 52.23 -9.44
N LEU A 647 1.36 52.86 -10.60
CA LEU A 647 0.17 53.65 -10.89
C LEU A 647 -0.90 52.78 -11.54
N PHE A 648 -1.75 52.18 -10.71
CA PHE A 648 -2.85 51.34 -11.18
C PHE A 648 -2.36 50.09 -11.91
N ALA A 649 -1.57 49.27 -11.23
CA ALA A 649 -1.01 48.08 -11.85
C ALA A 649 -2.04 46.96 -12.04
N VAL A 650 -3.04 46.91 -11.16
CA VAL A 650 -4.08 45.89 -11.22
C VAL A 650 -5.46 46.52 -11.05
N PHE A 651 -6.42 46.07 -11.86
CA PHE A 651 -7.79 46.56 -11.74
C PHE A 651 -8.67 45.41 -11.32
N TYR A 652 -9.53 45.66 -10.33
CA TYR A 652 -10.36 44.61 -9.76
C TYR A 652 -11.83 44.82 -10.11
N ASP A 653 -12.46 43.79 -10.66
CA ASP A 653 -13.89 43.84 -10.94
C ASP A 653 -14.61 43.55 -9.63
N MET A 654 -15.33 44.55 -9.13
CA MET A 654 -15.86 44.48 -7.77
C MET A 654 -17.23 43.81 -7.65
N ASP A 655 -17.74 43.27 -8.74
CA ASP A 655 -18.97 42.47 -8.67
C ASP A 655 -18.78 41.08 -9.29
N PRO A 656 -18.51 40.08 -8.43
CA PRO A 656 -18.37 38.69 -8.85
C PRO A 656 -19.62 38.16 -9.54
N GLN A 657 -20.75 38.84 -9.40
CA GLN A 657 -21.97 38.43 -10.10
C GLN A 657 -22.03 39.00 -11.51
N LYS A 658 -21.04 39.82 -11.86
CA LYS A 658 -20.92 40.39 -13.19
C LYS A 658 -22.14 41.19 -13.61
N LYS A 659 -22.78 41.86 -12.65
CA LYS A 659 -23.98 42.63 -12.93
C LYS A 659 -23.72 44.13 -12.84
N HIS A 660 -23.00 44.52 -11.80
CA HIS A 660 -22.73 45.94 -11.57
C HIS A 660 -21.38 46.34 -12.17
N SER A 661 -21.15 47.65 -12.26
CA SER A 661 -19.98 48.15 -12.95
C SER A 661 -19.11 49.00 -12.04
N VAL A 662 -18.38 48.36 -11.14
CA VAL A 662 -17.45 49.07 -10.28
C VAL A 662 -16.05 48.48 -10.44
N LEU A 663 -15.09 49.34 -10.76
CA LEU A 663 -13.70 48.90 -10.78
C LEU A 663 -12.93 49.48 -9.59
N MET A 664 -11.97 48.72 -9.10
CA MET A 664 -11.09 49.21 -8.05
C MET A 664 -9.65 49.05 -8.50
N SER A 665 -8.81 50.01 -8.16
CA SER A 665 -7.39 49.88 -8.45
C SER A 665 -6.56 50.45 -7.34
N VAL A 666 -5.25 50.23 -7.41
CA VAL A 666 -4.36 50.56 -6.31
C VAL A 666 -3.22 51.46 -6.78
N ILE A 667 -2.71 52.27 -5.86
CA ILE A 667 -1.56 53.12 -6.11
C ILE A 667 -0.45 52.69 -5.15
N ALA A 668 0.67 52.24 -5.70
CA ALA A 668 1.75 51.70 -4.89
C ALA A 668 3.13 52.26 -5.28
N GLY A 669 4.12 51.96 -4.45
CA GLY A 669 5.49 52.34 -4.72
C GLY A 669 5.65 53.84 -4.94
N GLU A 670 6.48 54.17 -5.93
CA GLU A 670 6.79 55.55 -6.27
C GLU A 670 5.54 56.40 -6.51
N ALA A 671 4.54 55.79 -7.14
CA ALA A 671 3.31 56.49 -7.51
C ALA A 671 2.52 57.02 -6.32
N VAL A 672 2.74 56.47 -5.12
CA VAL A 672 2.07 57.01 -3.95
C VAL A 672 2.55 58.44 -3.72
N ALA A 673 3.84 58.66 -3.91
CA ALA A 673 4.41 60.00 -3.74
C ALA A 673 3.88 60.94 -4.81
N SER A 674 3.87 60.48 -6.06
CA SER A 674 3.52 61.32 -7.19
C SER A 674 2.08 61.82 -7.09
N VAL A 675 1.32 61.26 -6.15
CA VAL A 675 -0.08 61.57 -6.05
C VAL A 675 -0.41 62.43 -4.82
N ARG A 676 0.59 62.71 -3.99
CA ARG A 676 0.34 63.39 -2.72
C ARG A 676 -0.08 64.85 -2.86
N THR A 677 0.29 65.49 -3.96
CA THR A 677 -0.08 66.88 -4.19
C THR A 677 -1.20 67.01 -5.21
N LEU A 678 -1.70 65.88 -5.69
CA LEU A 678 -2.82 65.88 -6.64
C LEU A 678 -4.12 65.76 -5.88
N ASP A 679 -5.14 66.51 -6.29
CA ASP A 679 -6.45 66.34 -5.67
C ASP A 679 -7.15 65.10 -6.24
N ASP A 680 -8.24 64.69 -5.62
CA ASP A 680 -8.94 63.48 -6.02
C ASP A 680 -9.31 63.49 -7.51
N LYS A 681 -9.85 64.61 -7.97
CA LYS A 681 -10.23 64.74 -9.38
C LYS A 681 -9.05 64.46 -10.32
N GLN A 682 -7.87 64.96 -9.97
CA GLN A 682 -6.68 64.75 -10.78
C GLN A 682 -6.28 63.28 -10.81
N VAL A 683 -6.41 62.60 -9.68
CA VAL A 683 -6.09 61.18 -9.63
C VAL A 683 -7.08 60.41 -10.51
N LEU A 684 -8.35 60.77 -10.39
CA LEU A 684 -9.40 60.18 -11.21
C LEU A 684 -9.10 60.37 -12.70
N GLN A 685 -8.64 61.58 -13.06
CA GLN A 685 -8.32 61.87 -14.46
C GLN A 685 -7.22 60.95 -14.99
N GLN A 686 -6.21 60.71 -14.18
CA GLN A 686 -5.10 59.85 -14.59
C GLN A 686 -5.52 58.39 -14.69
N CYS A 687 -6.47 57.99 -13.84
CA CYS A 687 -6.96 56.62 -13.87
C CYS A 687 -7.81 56.40 -15.13
N MET A 688 -8.65 57.38 -15.44
CA MET A 688 -9.48 57.30 -16.64
C MET A 688 -8.61 57.34 -17.90
N ALA A 689 -7.55 58.13 -17.87
CA ALA A 689 -6.62 58.20 -18.99
C ALA A 689 -5.95 56.84 -19.19
N THR A 690 -5.64 56.19 -18.07
CA THR A 690 -5.05 54.86 -18.08
C THR A 690 -6.01 53.83 -18.67
N LEU A 691 -7.26 53.88 -18.25
CA LEU A 691 -8.26 52.94 -18.74
C LEU A 691 -8.49 53.11 -20.24
N ARG A 692 -8.56 54.35 -20.70
CA ARG A 692 -8.77 54.61 -22.12
C ARG A 692 -7.57 54.14 -22.94
N GLU A 693 -6.41 54.07 -22.31
CA GLU A 693 -5.24 53.47 -22.95
C GLU A 693 -5.37 51.95 -22.99
N LEU A 694 -5.73 51.35 -21.85
CA LEU A 694 -5.84 49.90 -21.75
C LEU A 694 -6.91 49.35 -22.67
N PHE A 695 -7.93 50.16 -22.92
CA PHE A 695 -9.05 49.78 -23.78
C PHE A 695 -9.08 50.73 -24.99
N LYS A 696 -7.94 50.86 -25.64
CA LYS A 696 -7.74 51.86 -26.69
C LYS A 696 -8.66 51.66 -27.89
N GLU A 697 -8.87 50.41 -28.28
CA GLU A 697 -9.66 50.13 -29.49
C GLU A 697 -11.17 50.11 -29.25
N GLN A 698 -11.60 50.70 -28.12
CA GLN A 698 -13.01 50.84 -27.84
C GLN A 698 -13.27 52.11 -27.05
N GLU A 699 -14.54 52.42 -26.81
CA GLU A 699 -14.90 53.61 -26.05
C GLU A 699 -15.06 53.24 -24.57
N VAL A 700 -14.81 54.20 -23.70
CA VAL A 700 -14.97 53.99 -22.26
C VAL A 700 -15.89 55.07 -21.69
N PRO A 701 -16.96 54.66 -21.00
CA PRO A 701 -17.91 55.67 -20.49
C PRO A 701 -17.28 56.49 -19.37
N ASP A 702 -17.88 57.62 -19.04
CA ASP A 702 -17.40 58.41 -17.92
C ASP A 702 -17.82 57.74 -16.62
N PRO A 703 -17.00 57.87 -15.57
CA PRO A 703 -17.43 57.34 -14.28
C PRO A 703 -18.49 58.25 -13.69
N THR A 704 -19.42 57.68 -12.92
CA THR A 704 -20.52 58.43 -12.34
C THR A 704 -20.41 58.60 -10.83
N LYS A 705 -19.38 57.98 -10.25
CA LYS A 705 -19.16 58.02 -8.81
C LYS A 705 -17.80 57.39 -8.52
N TYR A 706 -17.04 57.98 -7.60
CA TYR A 706 -15.71 57.45 -7.31
C TYR A 706 -15.20 57.89 -5.94
N PHE A 707 -14.19 57.18 -5.44
CA PHE A 707 -13.41 57.68 -4.31
C PHE A 707 -11.91 57.49 -4.52
N VAL A 708 -11.13 58.31 -3.82
CA VAL A 708 -9.69 58.17 -3.78
C VAL A 708 -9.30 58.23 -2.31
N THR A 709 -8.61 57.21 -1.82
CA THR A 709 -8.26 57.15 -0.40
C THR A 709 -7.04 58.00 -0.07
N ARG A 710 -6.96 58.46 1.16
CA ARG A 710 -5.79 59.23 1.60
C ARG A 710 -5.35 58.72 2.97
N TRP A 711 -5.14 57.41 3.07
CA TRP A 711 -4.70 56.80 4.31
C TRP A 711 -3.40 57.44 4.79
N SER A 712 -2.54 57.80 3.85
CA SER A 712 -1.24 58.38 4.14
C SER A 712 -1.36 59.58 5.08
N THR A 713 -2.46 60.31 4.94
CA THR A 713 -2.64 61.56 5.68
C THR A 713 -3.78 61.50 6.69
N ASP A 714 -4.32 60.31 6.91
CA ASP A 714 -5.23 60.11 8.04
C ASP A 714 -4.35 60.12 9.29
N PRO A 715 -4.54 61.15 10.15
CA PRO A 715 -3.66 61.45 11.29
C PRO A 715 -3.49 60.30 12.28
N TRP A 716 -4.54 59.51 12.49
CA TRP A 716 -4.45 58.43 13.48
C TRP A 716 -4.09 57.10 12.84
N ILE A 717 -3.77 57.12 11.55
CA ILE A 717 -3.41 55.89 10.86
C ILE A 717 -2.12 56.02 10.02
N GLN A 718 -2.14 56.85 8.99
CA GLN A 718 -0.92 57.23 8.30
C GLN A 718 -0.18 56.10 7.59
N MET A 719 -0.89 55.02 7.25
CA MET A 719 -0.26 53.90 6.57
C MET A 719 -1.30 52.89 6.10
N ALA A 720 -0.83 51.84 5.43
CA ALA A 720 -1.68 50.71 5.03
C ALA A 720 -1.30 49.42 5.77
N TYR A 721 -0.03 49.06 5.69
CA TYR A 721 0.46 47.87 6.39
C TYR A 721 1.98 47.86 6.49
N SER A 722 2.48 47.19 7.52
CA SER A 722 3.92 47.20 7.80
C SER A 722 4.73 46.34 6.84
N PHE A 723 6.04 46.59 6.80
CA PHE A 723 6.98 45.75 6.09
C PHE A 723 8.34 45.87 6.79
N VAL A 724 9.28 45.01 6.42
CA VAL A 724 10.61 45.09 7.01
C VAL A 724 11.53 46.00 6.19
N LYS A 725 11.92 47.12 6.78
CA LYS A 725 12.88 48.02 6.15
C LYS A 725 14.27 47.41 6.12
N THR A 726 15.06 47.82 5.13
CA THR A 726 16.45 47.38 5.03
C THR A 726 17.12 47.52 6.39
N GLY A 727 17.88 46.50 6.78
CA GLY A 727 18.51 46.47 8.09
C GLY A 727 17.65 45.77 9.13
N GLY A 728 16.38 45.55 8.82
CA GLY A 728 15.45 45.01 9.79
C GLY A 728 15.34 43.50 9.83
N SER A 729 14.72 42.99 10.89
CA SER A 729 14.52 41.56 11.08
C SER A 729 13.06 41.29 11.46
N GLY A 730 12.59 40.10 11.13
CA GLY A 730 11.26 39.67 11.54
C GLY A 730 11.09 39.69 13.04
N GLU A 731 12.19 39.47 13.76
CA GLU A 731 12.16 39.46 15.21
C GLU A 731 11.57 40.75 15.76
N ALA A 732 11.64 41.82 14.95
CA ALA A 732 11.10 43.11 15.36
C ALA A 732 9.64 42.98 15.76
N TYR A 733 8.88 42.19 15.01
CA TYR A 733 7.47 41.98 15.32
C TYR A 733 7.31 41.40 16.74
N ASP A 734 8.15 40.44 17.10
CA ASP A 734 8.13 39.86 18.45
C ASP A 734 8.46 40.88 19.53
N ILE A 735 9.48 41.70 19.29
CA ILE A 735 9.94 42.70 20.25
C ILE A 735 8.85 43.74 20.51
N ILE A 736 8.21 44.20 19.45
CA ILE A 736 7.11 45.14 19.60
C ILE A 736 5.96 44.48 20.35
N ALA A 737 5.79 43.17 20.14
CA ALA A 737 4.70 42.42 20.74
C ALA A 737 4.87 42.22 22.25
N GLU A 738 6.10 42.30 22.72
CA GLU A 738 6.46 41.99 24.10
C GLU A 738 5.75 42.90 25.12
N ASP A 739 4.99 42.35 26.08
CA ASP A 739 4.37 43.16 27.11
C ASP A 739 5.42 43.81 27.99
N ILE A 740 5.06 44.90 28.66
CA ILE A 740 5.94 45.54 29.61
C ILE A 740 5.42 45.28 31.02
N GLN A 741 6.17 44.49 31.78
CA GLN A 741 5.88 44.23 33.18
C GLN A 741 4.48 43.68 33.40
N GLY A 742 4.00 42.90 32.44
CA GLY A 742 2.65 42.37 32.48
C GLY A 742 1.62 43.44 32.76
N THR A 743 1.91 44.67 32.35
CA THR A 743 1.02 45.80 32.62
C THR A 743 0.60 46.50 31.34
N VAL A 744 1.56 46.71 30.44
CA VAL A 744 1.28 47.31 29.13
C VAL A 744 1.49 46.27 28.04
N PHE A 745 0.45 46.06 27.24
CA PHE A 745 0.47 45.04 26.20
C PHE A 745 0.34 45.69 24.83
N PHE A 746 0.82 44.99 23.80
CA PHE A 746 0.79 45.51 22.43
C PHE A 746 0.18 44.52 21.46
N ALA A 747 -0.72 45.02 20.61
CA ALA A 747 -1.24 44.21 19.51
C ALA A 747 -1.38 45.08 18.25
N GLY A 748 -1.82 44.49 17.16
CA GLY A 748 -1.88 45.17 15.88
C GLY A 748 -1.09 44.40 14.83
N GLU A 749 -1.37 44.65 13.55
CA GLU A 749 -0.74 43.90 12.47
C GLU A 749 0.79 43.95 12.54
N ALA A 750 1.33 45.07 13.02
CA ALA A 750 2.77 45.23 13.13
C ALA A 750 3.38 44.56 14.35
N THR A 751 2.59 43.72 15.04
CA THR A 751 3.08 42.96 16.19
C THR A 751 2.95 41.46 15.96
N ASN A 752 2.47 41.09 14.77
CA ASN A 752 2.29 39.68 14.45
C ASN A 752 3.34 39.18 13.46
N ARG A 753 4.37 38.56 13.88
CA ARG A 753 5.50 38.12 13.10
C ARG A 753 5.12 37.01 12.12
N HIS A 754 4.19 36.13 12.60
CA HIS A 754 3.72 35.07 11.72
C HIS A 754 2.86 35.64 10.61
N PHE A 755 1.94 36.51 10.99
CA PHE A 755 0.92 37.01 10.07
C PHE A 755 0.84 38.53 10.12
N PRO A 756 1.87 39.20 9.60
CA PRO A 756 1.91 40.67 9.53
C PRO A 756 0.94 41.22 8.49
N GLN A 757 0.62 42.51 8.58
CA GLN A 757 -0.06 43.23 7.50
C GLN A 757 -1.58 43.08 7.45
N THR A 758 -2.09 41.91 7.83
CA THR A 758 -3.48 41.58 7.51
C THR A 758 -4.49 41.80 8.63
N VAL A 759 -5.77 41.90 8.25
CA VAL A 759 -6.84 41.97 9.23
C VAL A 759 -6.77 40.71 10.09
N THR A 760 -6.57 39.57 9.45
CA THR A 760 -6.44 38.29 10.17
C THR A 760 -5.31 38.37 11.20
N GLY A 761 -4.17 38.87 10.77
CA GLY A 761 -3.01 38.96 11.65
C GLY A 761 -3.28 39.90 12.79
N ALA A 762 -3.96 41.01 12.51
CA ALA A 762 -4.29 41.98 13.55
C ALA A 762 -5.29 41.34 14.51
N TYR A 763 -6.31 40.71 13.95
CA TYR A 763 -7.28 39.99 14.76
C TYR A 763 -6.59 38.98 15.69
N LEU A 764 -5.68 38.19 15.13
CA LEU A 764 -5.01 37.16 15.94
C LEU A 764 -4.09 37.73 17.02
N SER A 765 -3.51 38.90 16.76
CA SER A 765 -2.66 39.54 17.76
C SER A 765 -3.51 39.99 18.95
N GLY A 766 -4.77 40.35 18.69
CA GLY A 766 -5.67 40.74 19.75
C GLY A 766 -6.09 39.55 20.60
N VAL A 767 -6.37 38.42 19.93
CA VAL A 767 -6.69 37.17 20.63
C VAL A 767 -5.50 36.74 21.48
N ARG A 768 -4.31 36.88 20.92
CA ARG A 768 -3.06 36.56 21.62
C ARG A 768 -2.95 37.35 22.93
N GLU A 769 -3.16 38.65 22.85
CA GLU A 769 -3.02 39.53 24.00
C GLU A 769 -4.13 39.31 25.02
N ALA A 770 -5.34 39.05 24.54
CA ALA A 770 -6.45 38.72 25.42
C ALA A 770 -6.13 37.49 26.28
N SER A 771 -5.50 36.50 25.65
CA SER A 771 -5.07 35.30 26.38
C SER A 771 -4.04 35.65 27.46
N LYS A 772 -3.02 36.41 27.07
CA LYS A 772 -1.98 36.86 28.02
C LYS A 772 -2.59 37.63 29.18
N ILE A 773 -3.50 38.54 28.88
CA ILE A 773 -4.11 39.39 29.89
C ILE A 773 -5.02 38.59 30.82
N ALA A 774 -5.74 37.64 30.26
CA ALA A 774 -6.69 36.84 31.04
C ALA A 774 -5.98 35.86 31.98
N ALA A 775 -4.79 35.43 31.60
CA ALA A 775 -4.00 34.51 32.41
C ALA A 775 -3.68 35.13 33.77
N PHE A 776 -3.32 36.40 33.75
CA PHE A 776 -3.01 37.13 34.98
C PHE A 776 -4.19 37.08 35.94
N ASP B 1 10.24 21.69 15.52
CA ASP B 1 10.24 22.41 14.24
C ASP B 1 9.25 23.56 14.27
N PRO B 2 9.75 24.77 14.58
CA PRO B 2 8.96 26.00 14.76
C PRO B 2 7.97 26.28 13.63
N HIS B 3 8.32 25.87 12.42
CA HIS B 3 7.50 26.14 11.24
C HIS B 3 6.03 25.79 11.42
N PHE B 4 5.78 24.56 11.88
CA PHE B 4 4.43 23.97 11.90
C PHE B 4 3.55 24.39 13.08
N HIS B 5 4.18 24.74 14.19
CA HIS B 5 3.48 25.02 15.45
C HIS B 5 2.25 25.92 15.28
N HIS B 6 1.21 25.62 16.05
CA HIS B 6 0.01 26.45 16.08
C HIS B 6 0.33 27.79 16.73
N PHE B 7 0.01 28.87 16.02
CA PHE B 7 0.36 30.22 16.46
C PHE B 7 -0.12 30.56 17.86
N LEU B 8 -1.32 30.13 18.22
CA LEU B 8 -1.91 30.50 19.50
C LEU B 8 -1.51 29.54 20.63
N LEU B 9 -0.75 28.50 20.29
CA LEU B 9 -0.30 27.53 21.29
C LEU B 9 1.22 27.43 21.39
N SER B 10 1.91 28.49 20.97
CA SER B 10 3.37 28.54 21.06
C SER B 10 3.84 29.86 21.66
N GLN B 11 2.95 30.51 22.38
CA GLN B 11 3.27 31.80 23.00
C GLN B 11 4.04 31.59 24.30
N THR B 12 4.39 30.33 24.57
CA THR B 12 5.01 29.90 25.83
C THR B 12 4.38 30.56 27.06
N ALA C 1 4.79 41.85 2.54
CA ALA C 1 5.21 40.45 2.46
C ALA C 1 4.56 39.77 1.26
N ARG C 2 5.20 38.70 0.76
CA ARG C 2 4.71 37.98 -0.41
C ARG C 2 3.25 37.57 -0.22
N THR C 3 2.91 37.21 1.02
CA THR C 3 1.59 36.68 1.37
C THR C 3 0.46 37.68 1.10
N MET C 4 0.81 38.95 0.89
CA MET C 4 -0.19 39.99 0.60
C MET C 4 -0.68 39.89 -0.84
N GLN C 5 0.05 39.15 -1.66
CA GLN C 5 -0.26 39.08 -3.09
C GLN C 5 -1.41 38.11 -3.39
N THR C 6 -2.37 38.56 -4.17
CA THR C 6 -3.45 37.69 -4.64
C THR C 6 -3.30 37.46 -6.13
N ALA C 7 -3.51 38.53 -6.91
CA ALA C 7 -3.29 38.47 -8.34
C ALA C 7 -1.80 38.33 -8.66
N ARG C 8 -1.48 37.37 -9.52
CA ARG C 8 -0.11 37.26 -10.03
C ARG C 8 0.90 37.10 -8.92
N LYS C 9 0.68 36.13 -8.02
CA LYS C 9 1.61 35.88 -6.92
C LYS C 9 3.00 35.57 -7.43
N SER C 10 4.01 36.09 -6.73
CA SER C 10 5.39 35.72 -7.02
C SER C 10 5.65 34.34 -6.42
N THR C 11 6.62 33.62 -6.96
CA THR C 11 6.89 32.25 -6.50
C THR C 11 8.35 31.99 -6.15
N GLY C 12 9.25 32.77 -6.71
CA GLY C 12 10.67 32.57 -6.51
C GLY C 12 11.17 32.98 -5.14
N GLY C 13 12.29 32.39 -4.73
CA GLY C 13 12.94 32.74 -3.48
C GLY C 13 12.43 32.01 -2.25
N LYS C 14 11.54 31.04 -2.45
CA LYS C 14 10.98 30.31 -1.32
C LYS C 14 11.94 29.27 -0.75
N ALA C 15 11.96 29.16 0.57
CA ALA C 15 12.73 28.13 1.25
C ALA C 15 12.15 26.76 0.91
N PRO C 16 12.96 25.70 1.04
CA PRO C 16 12.47 24.34 0.79
C PRO C 16 11.26 24.00 1.65
N ARG C 17 10.41 23.14 1.12
CA ARG C 17 9.16 22.75 1.75
C ARG C 17 9.38 21.64 2.76
N LYS C 18 8.86 21.82 3.97
CA LYS C 18 8.95 20.80 5.01
C LYS C 18 7.67 19.97 5.09
N GLN C 19 7.83 18.68 5.40
CA GLN C 19 6.71 17.75 5.35
C GLN C 19 6.63 16.90 6.62
N LEU C 20 5.59 17.14 7.43
CA LEU C 20 5.39 16.40 8.68
C LEU C 20 5.37 14.89 8.51
N ALA C 21 6.31 14.20 9.14
CA ALA C 21 6.34 12.74 9.08
C ALA C 21 6.08 12.12 10.45
N THR C 22 4.80 12.02 10.83
CA THR C 22 4.46 11.50 12.14
C THR C 22 4.34 9.97 12.12
N LYS C 23 4.45 9.33 13.28
CA LYS C 23 4.35 7.87 13.34
C LYS C 23 2.91 7.41 13.55
N ALA C 24 2.07 8.32 14.05
CA ALA C 24 0.69 7.99 14.37
C ALA C 24 -0.09 7.66 13.11
N ALA C 25 0.57 7.81 11.97
CA ALA C 25 -0.06 7.66 10.67
C ALA C 25 -0.12 6.22 10.18
N ARG C 26 -1.32 5.80 9.82
CA ARG C 26 -1.55 4.48 9.35
C ARG C 26 -0.66 4.16 8.17
N LYS D 37 -43.34 -57.43 -27.72
CA LYS D 37 -43.37 -55.96 -27.99
C LYS D 37 -41.95 -55.40 -27.79
N PRO D 38 -40.97 -55.71 -28.67
CA PRO D 38 -39.61 -55.20 -28.54
C PRO D 38 -39.60 -53.67 -28.40
N HIS D 39 -38.83 -53.16 -27.42
CA HIS D 39 -38.76 -51.70 -27.18
C HIS D 39 -37.46 -51.35 -26.45
N ARG D 40 -36.49 -50.78 -27.16
CA ARG D 40 -35.20 -50.41 -26.53
C ARG D 40 -35.45 -49.24 -25.57
N TYR D 41 -34.72 -49.19 -24.46
CA TYR D 41 -34.89 -48.11 -23.44
C TYR D 41 -34.78 -46.74 -24.13
N ARG D 42 -33.62 -46.45 -24.72
CA ARG D 42 -33.43 -45.18 -25.38
C ARG D 42 -31.94 -44.87 -25.59
N PRO D 43 -31.62 -43.88 -26.42
CA PRO D 43 -30.24 -43.41 -26.49
C PRO D 43 -29.84 -42.62 -25.25
N GLY D 44 -29.34 -43.30 -24.23
CA GLY D 44 -28.97 -42.64 -23.01
C GLY D 44 -29.14 -43.47 -21.77
N THR D 45 -30.05 -44.44 -21.81
CA THR D 45 -30.16 -45.34 -20.66
C THR D 45 -29.04 -46.35 -20.64
N VAL D 46 -28.75 -46.96 -21.80
CA VAL D 46 -27.55 -47.80 -21.93
C VAL D 46 -26.31 -46.96 -21.69
N ALA D 47 -26.34 -45.70 -22.13
CA ALA D 47 -25.20 -44.80 -21.95
C ALA D 47 -24.98 -44.48 -20.48
N LEU D 48 -25.98 -43.91 -19.81
CA LEU D 48 -25.77 -43.45 -18.44
C LEU D 48 -25.67 -44.61 -17.45
N ARG D 49 -26.47 -45.66 -17.65
CA ARG D 49 -26.33 -46.85 -16.82
C ARG D 49 -24.97 -47.49 -17.00
N GLU D 50 -24.52 -47.54 -18.25
CA GLU D 50 -23.23 -48.15 -18.53
C GLU D 50 -22.07 -47.26 -18.11
N ILE D 51 -22.29 -45.95 -18.02
CA ILE D 51 -21.35 -45.04 -17.37
C ILE D 51 -21.29 -45.34 -15.88
N ARG D 52 -22.42 -45.66 -15.27
CA ARG D 52 -22.40 -46.02 -13.84
C ARG D 52 -21.63 -47.31 -13.61
N ARG D 53 -21.75 -48.27 -14.52
CA ARG D 53 -20.97 -49.49 -14.38
C ARG D 53 -19.49 -49.25 -14.62
N TYR D 54 -19.13 -48.72 -15.79
CA TYR D 54 -17.71 -48.60 -16.10
C TYR D 54 -17.01 -47.47 -15.39
N GLN D 55 -17.74 -46.57 -14.71
CA GLN D 55 -17.08 -45.80 -13.68
C GLN D 55 -16.95 -46.58 -12.40
N LYS D 56 -17.94 -47.44 -12.11
CA LYS D 56 -17.94 -48.11 -10.82
C LYS D 56 -16.91 -49.24 -10.76
N SER D 57 -16.61 -49.89 -11.88
CA SER D 57 -15.68 -51.01 -11.85
C SER D 57 -14.25 -50.51 -11.84
N THR D 58 -13.32 -51.47 -11.72
CA THR D 58 -11.92 -51.18 -11.47
C THR D 58 -10.95 -51.78 -12.46
N GLU D 59 -11.35 -52.79 -13.22
CA GLU D 59 -10.36 -53.61 -13.89
C GLU D 59 -9.90 -52.96 -15.20
N LEU D 60 -9.01 -53.65 -15.89
CA LEU D 60 -8.31 -53.11 -17.04
C LEU D 60 -9.00 -53.56 -18.32
N LEU D 61 -9.16 -52.64 -19.26
CA LEU D 61 -10.17 -52.87 -20.28
C LEU D 61 -9.61 -53.52 -21.53
N ILE D 62 -8.67 -52.88 -22.20
CA ILE D 62 -8.27 -53.32 -23.53
C ILE D 62 -7.41 -54.58 -23.41
N ARG D 63 -7.61 -55.50 -24.34
CA ARG D 63 -7.29 -56.90 -24.13
C ARG D 63 -5.78 -57.13 -24.14
N LYS D 64 -5.37 -58.25 -23.54
CA LYS D 64 -3.99 -58.44 -23.14
C LYS D 64 -3.08 -58.68 -24.33
N LEU D 65 -3.45 -59.63 -25.20
CA LEU D 65 -2.60 -59.95 -26.34
C LEU D 65 -2.56 -58.90 -27.46
N PRO D 66 -3.65 -58.22 -27.85
CA PRO D 66 -3.47 -57.14 -28.84
C PRO D 66 -2.68 -55.97 -28.31
N PHE D 67 -2.85 -55.63 -27.03
CA PHE D 67 -2.07 -54.56 -26.45
C PHE D 67 -0.60 -54.97 -26.34
N GLN D 68 -0.35 -56.23 -25.98
CA GLN D 68 1.01 -56.72 -25.83
C GLN D 68 1.73 -56.73 -27.18
N ARG D 69 1.04 -57.16 -28.23
CA ARG D 69 1.58 -57.08 -29.57
C ARG D 69 1.78 -55.64 -30.01
N LEU D 70 0.96 -54.71 -29.53
CA LEU D 70 1.15 -53.30 -29.86
C LEU D 70 2.43 -52.76 -29.26
N VAL D 71 2.65 -53.03 -27.97
CA VAL D 71 3.84 -52.54 -27.29
C VAL D 71 5.10 -53.16 -27.90
N ARG D 72 5.02 -54.43 -28.29
CA ARG D 72 6.18 -55.05 -28.94
C ARG D 72 6.43 -54.45 -30.32
N GLU D 73 5.35 -54.10 -31.04
CA GLU D 73 5.51 -53.54 -32.39
C GLU D 73 6.13 -52.16 -32.35
N ILE D 74 5.64 -51.30 -31.45
CA ILE D 74 6.25 -49.98 -31.30
C ILE D 74 7.65 -50.13 -30.72
N ALA D 75 7.88 -51.17 -29.95
CA ALA D 75 9.19 -51.43 -29.36
C ALA D 75 10.23 -51.88 -30.38
N GLN D 76 9.80 -52.47 -31.50
CA GLN D 76 10.77 -52.94 -32.49
C GLN D 76 11.49 -51.80 -33.21
N ASP D 77 10.93 -50.59 -33.18
CA ASP D 77 11.50 -49.52 -33.98
C ASP D 77 12.79 -48.98 -33.36
N PHE D 78 12.81 -48.80 -32.04
CA PHE D 78 13.97 -48.20 -31.42
C PHE D 78 15.08 -49.21 -31.19
N LYS D 79 14.74 -50.50 -31.13
CA LYS D 79 15.71 -51.56 -30.92
C LYS D 79 15.08 -52.85 -31.38
N THR D 80 15.89 -53.74 -31.95
CA THR D 80 15.39 -55.03 -32.39
C THR D 80 15.47 -56.07 -31.27
N ASP D 81 14.52 -57.00 -31.29
CA ASP D 81 14.52 -58.23 -30.50
C ASP D 81 14.55 -57.96 -28.99
N LEU D 82 13.49 -57.31 -28.51
CA LEU D 82 13.38 -57.01 -27.09
C LEU D 82 12.71 -58.15 -26.34
N ARG D 83 12.56 -57.97 -25.03
CA ARG D 83 11.84 -58.87 -24.16
C ARG D 83 11.14 -58.05 -23.10
N PHE D 84 9.95 -58.48 -22.70
CA PHE D 84 9.17 -57.77 -21.69
C PHE D 84 8.83 -58.67 -20.53
N GLN D 85 8.96 -58.15 -19.31
CA GLN D 85 8.24 -58.74 -18.21
C GLN D 85 6.75 -58.50 -18.40
N SER D 86 5.93 -59.41 -17.89
CA SER D 86 4.49 -59.30 -18.11
C SER D 86 3.89 -58.14 -17.34
N SER D 87 4.38 -57.92 -16.11
CA SER D 87 3.85 -56.85 -15.28
C SER D 87 4.18 -55.47 -15.85
N ALA D 88 5.26 -55.36 -16.61
CA ALA D 88 5.56 -54.11 -17.28
C ALA D 88 4.56 -53.83 -18.40
N VAL D 89 4.09 -54.87 -19.06
CA VAL D 89 3.04 -54.70 -20.04
C VAL D 89 1.75 -54.28 -19.35
N MET D 90 1.51 -54.81 -18.14
CA MET D 90 0.37 -54.33 -17.35
C MET D 90 0.57 -52.88 -16.93
N ALA D 91 1.82 -52.47 -16.76
CA ALA D 91 2.10 -51.10 -16.32
C ALA D 91 1.86 -50.10 -17.44
N LEU D 92 2.33 -50.42 -18.64
CA LEU D 92 2.03 -49.58 -19.79
C LEU D 92 0.55 -49.58 -20.10
N GLN D 93 -0.13 -50.69 -19.83
CA GLN D 93 -1.58 -50.73 -19.96
C GLN D 93 -2.25 -49.79 -18.99
N GLU D 94 -1.74 -49.72 -17.77
CA GLU D 94 -2.40 -48.94 -16.74
C GLU D 94 -2.18 -47.45 -16.96
N ALA D 95 -0.96 -47.05 -17.28
CA ALA D 95 -0.73 -45.63 -17.53
C ALA D 95 -1.37 -45.20 -18.84
N SER D 96 -1.48 -46.10 -19.81
CA SER D 96 -2.09 -45.74 -21.08
C SER D 96 -3.59 -45.56 -20.95
N GLU D 97 -4.25 -46.44 -20.19
CA GLU D 97 -5.66 -46.23 -19.95
C GLU D 97 -5.90 -45.00 -19.08
N ALA D 98 -5.03 -44.71 -18.12
CA ALA D 98 -5.28 -43.56 -17.27
C ALA D 98 -5.07 -42.25 -18.01
N TYR D 99 -4.11 -42.23 -18.94
CA TYR D 99 -3.91 -41.04 -19.73
C TYR D 99 -5.05 -40.84 -20.74
N LEU D 100 -5.53 -41.92 -21.37
CA LEU D 100 -6.67 -41.76 -22.26
C LEU D 100 -7.93 -41.35 -21.51
N VAL D 101 -8.18 -41.99 -20.36
CA VAL D 101 -9.36 -41.70 -19.54
C VAL D 101 -9.36 -40.24 -19.11
N ALA D 102 -8.22 -39.74 -18.64
CA ALA D 102 -8.14 -38.33 -18.27
C ALA D 102 -8.32 -37.42 -19.47
N LEU D 103 -7.86 -37.87 -20.64
CA LEU D 103 -8.11 -37.11 -21.86
C LEU D 103 -9.59 -37.05 -22.20
N PHE D 104 -10.36 -38.12 -21.93
CA PHE D 104 -11.79 -38.04 -22.21
C PHE D 104 -12.56 -37.24 -21.16
N GLU D 105 -12.07 -37.24 -19.91
CA GLU D 105 -12.58 -36.31 -18.90
C GLU D 105 -12.50 -34.89 -19.42
N ASP D 106 -11.31 -34.52 -19.90
CA ASP D 106 -11.11 -33.13 -20.24
C ASP D 106 -11.76 -32.74 -21.56
N THR D 107 -11.75 -33.64 -22.54
CA THR D 107 -12.44 -33.32 -23.79
C THR D 107 -13.96 -33.37 -23.60
N ASN D 108 -14.43 -34.05 -22.56
CA ASN D 108 -15.84 -33.98 -22.23
C ASN D 108 -16.20 -32.61 -21.67
N LEU D 109 -15.33 -32.06 -20.82
CA LEU D 109 -15.55 -30.69 -20.37
C LEU D 109 -15.45 -29.70 -21.51
N CYS D 110 -14.60 -30.00 -22.50
CA CYS D 110 -14.49 -29.16 -23.69
C CYS D 110 -15.80 -29.12 -24.48
N ALA D 111 -16.31 -30.29 -24.85
CA ALA D 111 -17.51 -30.30 -25.69
C ALA D 111 -18.76 -29.89 -24.93
N ILE D 112 -18.82 -30.15 -23.62
CA ILE D 112 -19.92 -29.60 -22.82
C ILE D 112 -19.82 -28.09 -22.77
N HIS D 113 -18.60 -27.56 -22.81
CA HIS D 113 -18.49 -26.11 -22.85
C HIS D 113 -18.85 -25.51 -24.21
N ALA D 114 -19.19 -26.32 -25.20
CA ALA D 114 -19.75 -25.84 -26.46
C ALA D 114 -21.26 -26.03 -26.54
N LYS D 115 -21.90 -26.36 -25.43
CA LYS D 115 -23.28 -26.84 -25.36
C LYS D 115 -23.54 -27.97 -26.35
N ARG D 116 -22.64 -28.95 -26.32
CA ARG D 116 -22.77 -30.22 -27.02
C ARG D 116 -22.57 -31.35 -26.02
N VAL D 117 -23.14 -32.51 -26.35
CA VAL D 117 -22.99 -33.69 -25.51
C VAL D 117 -22.34 -34.79 -26.32
N THR D 118 -21.50 -34.42 -27.27
CA THR D 118 -20.84 -35.41 -28.10
C THR D 118 -19.40 -35.00 -28.36
N ILE D 119 -18.48 -35.92 -28.09
CA ILE D 119 -17.07 -35.68 -28.35
C ILE D 119 -16.82 -35.68 -29.85
N MET D 120 -16.15 -34.64 -30.33
CA MET D 120 -15.75 -34.50 -31.72
C MET D 120 -14.26 -34.25 -31.75
N PRO D 121 -13.55 -34.59 -32.85
CA PRO D 121 -12.08 -34.66 -32.79
C PRO D 121 -11.39 -33.33 -32.55
N LYS D 122 -12.00 -32.22 -32.96
CA LYS D 122 -11.40 -30.93 -32.67
C LYS D 122 -11.43 -30.59 -31.19
N ASP D 123 -12.32 -31.22 -30.42
CA ASP D 123 -12.30 -31.05 -28.97
C ASP D 123 -11.11 -31.77 -28.36
N ILE D 124 -10.82 -32.98 -28.86
CA ILE D 124 -9.62 -33.71 -28.48
C ILE D 124 -8.37 -32.88 -28.78
N GLN D 125 -8.35 -32.27 -29.97
CA GLN D 125 -7.24 -31.39 -30.35
C GLN D 125 -7.15 -30.17 -29.44
N LEU D 126 -8.30 -29.68 -28.94
CA LEU D 126 -8.26 -28.54 -28.03
C LEU D 126 -7.63 -28.92 -26.70
N ALA D 127 -8.11 -29.99 -26.07
CA ALA D 127 -7.57 -30.37 -24.76
C ALA D 127 -6.11 -30.77 -24.84
N ARG D 128 -5.69 -31.38 -25.95
CA ARG D 128 -4.28 -31.64 -26.13
C ARG D 128 -3.48 -30.35 -26.30
N ARG D 129 -4.14 -29.32 -26.83
CA ARG D 129 -3.50 -28.00 -27.04
C ARG D 129 -3.59 -27.18 -25.75
N ILE D 130 -4.78 -27.15 -25.12
CA ILE D 130 -4.97 -26.38 -23.86
C ILE D 130 -4.04 -26.94 -22.78
N ARG D 131 -4.08 -28.25 -22.56
CA ARG D 131 -3.22 -28.90 -21.53
C ARG D 131 -1.75 -28.59 -21.82
N GLY D 132 -1.35 -28.75 -23.09
CA GLY D 132 0.03 -28.51 -23.54
C GLY D 132 0.52 -29.69 -24.37
N GLU D 133 -0.30 -30.74 -24.46
CA GLU D 133 0.02 -31.96 -25.24
C GLU D 133 0.47 -31.56 -26.65
N ARG D 134 -0.33 -30.72 -27.32
CA ARG D 134 -0.01 -30.27 -28.71
C ARG D 134 1.43 -29.70 -28.72
N ALA D 135 2.39 -30.51 -29.17
CA ALA D 135 3.81 -30.08 -29.22
C ALA D 135 3.91 -28.73 -29.94
N ARG E 23 -4.96 -58.03 -38.27
CA ARG E 23 -5.57 -57.10 -39.27
C ARG E 23 -5.32 -55.65 -38.86
N ASP E 24 -5.99 -55.19 -37.80
CA ASP E 24 -5.83 -53.78 -37.33
C ASP E 24 -4.40 -53.55 -36.81
N ASN E 25 -3.40 -53.83 -37.66
CA ASN E 25 -1.98 -53.64 -37.27
C ASN E 25 -1.88 -53.02 -35.87
N ILE E 26 -2.65 -51.95 -35.61
CA ILE E 26 -2.58 -51.27 -34.28
C ILE E 26 -4.00 -51.02 -33.77
N GLN E 27 -5.02 -51.22 -34.61
CA GLN E 27 -6.43 -50.98 -34.20
C GLN E 27 -6.74 -51.74 -32.90
N GLY E 28 -6.11 -52.89 -32.69
CA GLY E 28 -6.35 -53.66 -31.45
C GLY E 28 -7.36 -52.95 -30.56
N ILE E 29 -7.03 -51.74 -30.12
CA ILE E 29 -7.94 -50.93 -29.26
C ILE E 29 -9.30 -50.84 -29.98
N THR E 30 -9.93 -51.99 -30.23
CA THR E 30 -11.20 -52.03 -30.92
C THR E 30 -12.01 -50.78 -30.64
N LYS E 31 -12.98 -50.54 -31.53
CA LYS E 31 -13.99 -49.52 -31.31
C LYS E 31 -14.75 -49.65 -29.99
N PRO E 32 -15.25 -50.83 -29.56
CA PRO E 32 -15.87 -50.89 -28.23
C PRO E 32 -14.88 -50.73 -27.09
N ALA E 33 -13.58 -50.97 -27.30
CA ALA E 33 -12.63 -50.77 -26.22
C ALA E 33 -12.44 -49.29 -25.93
N ILE E 34 -12.32 -48.48 -26.99
CA ILE E 34 -12.30 -47.03 -26.83
C ILE E 34 -13.64 -46.53 -26.29
N ARG E 35 -14.74 -47.19 -26.65
CA ARG E 35 -16.02 -46.89 -26.01
C ARG E 35 -15.97 -47.17 -24.51
N ARG E 36 -15.31 -48.26 -24.11
CA ARG E 36 -15.30 -48.61 -22.69
C ARG E 36 -14.42 -47.66 -21.89
N LEU E 37 -13.30 -47.23 -22.46
CA LEU E 37 -12.47 -46.25 -21.78
C LEU E 37 -13.16 -44.89 -21.70
N ALA E 38 -13.87 -44.50 -22.76
CA ALA E 38 -14.58 -43.23 -22.73
C ALA E 38 -15.72 -43.27 -21.73
N ARG E 39 -16.41 -44.39 -21.62
CA ARG E 39 -17.47 -44.49 -20.64
C ARG E 39 -16.96 -44.64 -19.23
N ARG E 40 -15.72 -45.11 -19.04
CA ARG E 40 -15.12 -44.91 -17.73
C ARG E 40 -14.85 -43.44 -17.49
N GLY E 41 -14.48 -42.72 -18.54
CA GLY E 41 -14.28 -41.29 -18.37
C GLY E 41 -15.54 -40.48 -18.21
N GLY E 42 -16.71 -41.08 -18.36
CA GLY E 42 -17.94 -40.31 -18.31
C GLY E 42 -18.20 -39.57 -19.60
N VAL E 43 -18.41 -40.32 -20.67
CA VAL E 43 -18.65 -39.77 -22.00
C VAL E 43 -19.87 -40.46 -22.57
N LYS E 44 -20.85 -39.68 -23.00
CA LYS E 44 -22.13 -40.25 -23.42
C LYS E 44 -22.09 -40.69 -24.88
N ARG E 45 -21.84 -39.76 -25.79
CA ARG E 45 -21.97 -40.00 -27.22
C ARG E 45 -20.65 -39.72 -27.92
N ILE E 46 -20.21 -40.65 -28.77
CA ILE E 46 -18.90 -40.61 -29.40
C ILE E 46 -19.09 -40.46 -30.90
N SER E 47 -18.40 -39.51 -31.51
CA SER E 47 -18.53 -39.33 -32.95
C SER E 47 -17.76 -40.41 -33.70
N GLY E 48 -17.68 -40.24 -35.02
CA GLY E 48 -17.22 -41.30 -35.89
C GLY E 48 -15.72 -41.38 -36.05
N LEU E 49 -15.08 -40.23 -36.26
CA LEU E 49 -13.65 -40.22 -36.48
C LEU E 49 -12.86 -40.20 -35.18
N ILE E 50 -13.52 -40.36 -34.03
CA ILE E 50 -12.84 -40.34 -32.73
C ILE E 50 -11.87 -41.49 -32.61
N TYR E 51 -12.19 -42.62 -33.23
CA TYR E 51 -11.45 -43.85 -32.94
C TYR E 51 -10.07 -43.82 -33.58
N GLU E 52 -9.97 -43.34 -34.81
CA GLU E 52 -8.69 -43.27 -35.50
C GLU E 52 -7.75 -42.26 -34.82
N GLU E 53 -8.30 -41.11 -34.42
CA GLU E 53 -7.52 -40.15 -33.67
C GLU E 53 -7.12 -40.69 -32.30
N THR E 54 -7.98 -41.53 -31.71
CA THR E 54 -7.65 -42.10 -30.41
C THR E 54 -6.50 -43.08 -30.54
N ARG E 55 -6.49 -43.86 -31.62
CA ARG E 55 -5.35 -44.72 -31.91
C ARG E 55 -4.09 -43.90 -32.14
N GLY E 56 -4.23 -42.73 -32.77
CA GLY E 56 -3.07 -41.87 -32.99
C GLY E 56 -2.51 -41.31 -31.70
N VAL E 57 -3.38 -40.84 -30.80
CA VAL E 57 -2.93 -40.24 -29.55
C VAL E 57 -2.29 -41.30 -28.66
N LEU E 58 -2.92 -42.48 -28.57
CA LEU E 58 -2.34 -43.58 -27.82
C LEU E 58 -1.01 -44.01 -28.42
N LYS E 59 -0.89 -43.95 -29.75
CA LYS E 59 0.36 -44.29 -30.39
C LYS E 59 1.46 -43.29 -30.04
N VAL E 60 1.13 -42.01 -29.99
CA VAL E 60 2.13 -40.99 -29.67
C VAL E 60 2.58 -41.14 -28.22
N PHE E 61 1.63 -41.38 -27.32
CA PHE E 61 1.95 -41.54 -25.91
C PHE E 61 2.83 -42.75 -25.67
N LEU E 62 2.49 -43.89 -26.28
CA LEU E 62 3.32 -45.07 -26.13
C LEU E 62 4.68 -44.93 -26.80
N GLU E 63 4.74 -44.21 -27.94
CA GLU E 63 6.03 -43.97 -28.58
C GLU E 63 6.96 -43.18 -27.69
N ASN E 64 6.44 -42.17 -27.00
CA ASN E 64 7.31 -41.43 -26.10
C ASN E 64 7.68 -42.26 -24.89
N VAL E 65 6.72 -42.99 -24.31
CA VAL E 65 6.97 -43.68 -23.05
C VAL E 65 7.92 -44.84 -23.24
N ILE E 66 7.76 -45.62 -24.30
CA ILE E 66 8.70 -46.74 -24.44
C ILE E 66 9.94 -46.37 -25.23
N ARG E 67 9.93 -45.23 -25.95
CA ARG E 67 11.20 -44.66 -26.40
C ARG E 67 12.06 -44.30 -25.21
N ASP E 68 11.45 -43.73 -24.17
CA ASP E 68 12.24 -43.40 -23.00
C ASP E 68 12.54 -44.63 -22.16
N ALA E 69 11.67 -45.64 -22.20
CA ALA E 69 11.86 -46.82 -21.37
C ALA E 69 12.94 -47.73 -21.95
N VAL E 70 13.00 -47.82 -23.28
CA VAL E 70 13.99 -48.67 -23.92
C VAL E 70 15.40 -48.13 -23.70
N THR E 71 15.54 -46.84 -23.43
CA THR E 71 16.85 -46.30 -23.17
C THR E 71 17.33 -46.70 -21.78
N TYR E 72 16.40 -46.74 -20.82
CA TYR E 72 16.73 -47.30 -19.51
C TYR E 72 17.07 -48.76 -19.61
N THR E 73 16.42 -49.49 -20.51
CA THR E 73 16.80 -50.89 -20.66
C THR E 73 18.13 -51.02 -21.40
N GLU E 74 18.47 -50.05 -22.24
CA GLU E 74 19.75 -50.13 -22.93
C GLU E 74 20.91 -49.71 -22.05
N HIS E 75 20.69 -48.86 -21.06
CA HIS E 75 21.82 -48.35 -20.28
C HIS E 75 22.38 -49.41 -19.36
N ALA E 76 21.54 -50.29 -18.84
CA ALA E 76 22.03 -51.43 -18.08
C ALA E 76 22.55 -52.54 -18.97
N LYS E 77 22.55 -52.35 -20.30
CA LYS E 77 23.02 -53.30 -21.31
C LYS E 77 22.23 -54.60 -21.26
N ARG E 78 20.97 -54.50 -20.87
CA ARG E 78 20.09 -55.65 -20.71
C ARG E 78 19.08 -55.67 -21.85
N LYS E 79 18.65 -56.86 -22.21
CA LYS E 79 17.79 -57.04 -23.37
C LYS E 79 16.34 -57.27 -22.98
N THR E 80 16.01 -57.12 -21.70
CA THR E 80 14.66 -57.38 -21.22
C THR E 80 14.15 -56.15 -20.48
N VAL E 81 13.05 -55.59 -20.98
CA VAL E 81 12.43 -54.44 -20.31
C VAL E 81 11.69 -54.95 -19.08
N THR E 82 11.89 -54.27 -17.95
CA THR E 82 11.24 -54.65 -16.70
C THR E 82 10.18 -53.64 -16.33
N ALA E 83 9.59 -53.86 -15.15
CA ALA E 83 8.53 -52.98 -14.67
C ALA E 83 9.09 -51.71 -14.06
N MET E 84 10.22 -51.82 -13.35
CA MET E 84 10.91 -50.66 -12.81
C MET E 84 11.35 -49.71 -13.91
N ASP E 85 11.70 -50.24 -15.07
CA ASP E 85 12.03 -49.45 -16.25
C ASP E 85 10.91 -48.48 -16.60
N VAL E 86 9.72 -49.01 -16.84
CA VAL E 86 8.65 -48.14 -17.28
C VAL E 86 8.05 -47.32 -16.17
N VAL E 87 8.12 -47.76 -14.91
CA VAL E 87 7.62 -46.88 -13.84
C VAL E 87 8.55 -45.70 -13.65
N TYR E 88 9.86 -45.93 -13.78
CA TYR E 88 10.82 -44.83 -13.72
C TYR E 88 10.66 -43.87 -14.90
N ALA E 89 10.49 -44.42 -16.11
CA ALA E 89 10.30 -43.54 -17.26
C ALA E 89 8.95 -42.84 -17.25
N LEU E 90 7.95 -43.41 -16.57
CA LEU E 90 6.71 -42.68 -16.40
C LEU E 90 6.87 -41.57 -15.37
N LYS E 91 7.63 -41.85 -14.31
CA LYS E 91 7.89 -40.85 -13.28
C LYS E 91 8.57 -39.63 -13.86
N ARG E 92 9.52 -39.84 -14.76
CA ARG E 92 10.28 -38.74 -15.32
C ARG E 92 9.39 -37.85 -16.19
N GLN E 93 8.39 -38.41 -16.86
CA GLN E 93 7.48 -37.59 -17.64
C GLN E 93 6.38 -36.97 -16.82
N GLY E 94 6.46 -37.01 -15.49
CA GLY E 94 5.45 -36.39 -14.65
C GLY E 94 4.12 -37.12 -14.65
N ARG E 95 4.15 -38.45 -14.76
CA ARG E 95 2.94 -39.27 -14.80
C ARG E 95 3.13 -40.48 -13.90
N THR E 96 3.53 -40.24 -12.65
CA THR E 96 3.99 -41.30 -11.77
C THR E 96 2.87 -42.26 -11.40
N LEU E 97 3.21 -43.54 -11.33
CA LEU E 97 2.25 -44.64 -11.29
C LEU E 97 2.73 -45.62 -10.25
N TYR E 98 2.00 -45.72 -9.14
CA TYR E 98 2.44 -46.61 -8.08
C TYR E 98 1.99 -48.03 -8.40
N GLY E 99 2.25 -48.96 -7.49
CA GLY E 99 1.77 -50.30 -7.65
C GLY E 99 2.67 -51.22 -8.44
N PHE E 100 3.89 -50.79 -8.77
CA PHE E 100 4.86 -51.71 -9.34
C PHE E 100 6.24 -51.55 -8.74
N GLY E 101 6.52 -50.47 -8.03
CA GLY E 101 7.81 -50.27 -7.42
C GLY E 101 8.13 -48.81 -7.16
N ARG F 17 54.75 -27.92 -20.40
CA ARG F 17 54.07 -26.65 -20.77
C ARG F 17 52.75 -26.54 -20.00
N SER F 18 52.15 -25.34 -19.97
CA SER F 18 50.87 -25.13 -19.25
C SER F 18 49.70 -25.50 -20.18
N SER F 19 49.87 -25.36 -21.49
CA SER F 19 48.82 -25.68 -22.44
C SER F 19 48.47 -27.17 -22.35
N ARG F 20 47.31 -27.47 -21.77
CA ARG F 20 46.86 -28.85 -21.64
C ARG F 20 45.44 -29.03 -22.15
N ALA F 21 44.55 -28.10 -21.78
CA ALA F 21 43.16 -28.16 -22.22
C ALA F 21 43.02 -27.86 -23.71
N GLY F 22 43.06 -26.58 -24.05
CA GLY F 22 42.94 -26.15 -25.43
C GLY F 22 41.71 -26.73 -26.11
N LEU F 23 40.56 -26.63 -25.44
CA LEU F 23 39.31 -27.15 -25.98
C LEU F 23 38.22 -26.08 -25.98
N GLN F 24 37.15 -26.33 -25.23
CA GLN F 24 36.04 -25.40 -25.14
C GLN F 24 35.27 -25.57 -23.84
N PHE F 25 34.87 -24.45 -23.24
CA PHE F 25 34.14 -24.47 -21.98
C PHE F 25 35.00 -24.93 -20.83
N PRO F 26 34.75 -24.45 -19.61
CA PRO F 26 35.63 -24.80 -18.48
C PRO F 26 35.38 -26.22 -18.00
N VAL F 27 36.31 -27.11 -18.30
CA VAL F 27 36.18 -28.48 -17.85
C VAL F 27 36.37 -28.56 -16.34
N GLY F 28 37.26 -27.73 -15.80
CA GLY F 28 37.53 -27.79 -14.38
C GLY F 28 36.43 -27.18 -13.54
N ARG F 29 35.85 -26.07 -14.01
CA ARG F 29 34.78 -25.43 -13.25
C ARG F 29 33.52 -26.29 -13.26
N VAL F 30 33.17 -26.85 -14.42
CA VAL F 30 32.06 -27.77 -14.52
C VAL F 30 32.34 -29.03 -13.71
N HIS F 31 33.59 -29.48 -13.71
CA HIS F 31 33.99 -30.65 -12.96
C HIS F 31 33.85 -30.45 -11.46
N ARG F 32 34.22 -29.25 -10.99
CA ARG F 32 33.92 -28.83 -9.63
C ARG F 32 32.42 -28.90 -9.36
N LEU F 33 31.63 -28.38 -10.30
CA LEU F 33 30.19 -28.28 -10.05
C LEU F 33 29.50 -29.64 -10.12
N LEU F 34 30.11 -30.62 -10.78
CA LEU F 34 29.61 -31.97 -10.65
C LEU F 34 30.05 -32.60 -9.35
N ARG F 35 31.25 -32.28 -8.87
CA ARG F 35 31.68 -32.92 -7.64
C ARG F 35 31.04 -32.29 -6.42
N LYS F 36 30.61 -31.03 -6.50
CA LYS F 36 30.18 -30.32 -5.31
C LYS F 36 28.70 -29.98 -5.36
N GLY F 37 27.91 -30.95 -5.78
CA GLY F 37 26.48 -30.80 -5.74
C GLY F 37 25.83 -32.03 -5.16
N ASN F 38 26.66 -32.98 -4.70
CA ASN F 38 26.25 -34.27 -4.16
C ASN F 38 25.32 -35.01 -5.13
N TYR F 39 25.88 -35.42 -6.26
CA TYR F 39 25.13 -36.20 -7.22
C TYR F 39 25.45 -37.68 -7.11
N ALA F 40 26.70 -38.04 -7.28
CA ALA F 40 27.22 -39.36 -6.92
C ALA F 40 28.16 -39.21 -5.75
N GLU F 41 28.75 -40.32 -5.32
CA GLU F 41 29.87 -40.20 -4.40
C GLU F 41 31.15 -39.84 -5.14
N ARG F 42 31.22 -40.19 -6.42
CA ARG F 42 32.44 -39.98 -7.17
C ARG F 42 32.11 -39.79 -8.65
N VAL F 43 32.94 -39.00 -9.34
CA VAL F 43 32.69 -38.58 -10.71
C VAL F 43 33.88 -38.97 -11.57
N GLY F 44 33.62 -39.69 -12.66
CA GLY F 44 34.67 -40.18 -13.54
C GLY F 44 35.47 -39.12 -14.28
N ALA F 45 36.35 -39.56 -15.17
CA ALA F 45 37.26 -38.62 -15.80
C ALA F 45 36.61 -37.92 -16.99
N GLY F 46 35.99 -38.67 -17.89
CA GLY F 46 35.57 -38.12 -19.16
C GLY F 46 34.30 -37.29 -19.11
N ALA F 47 33.59 -37.34 -18.00
CA ALA F 47 32.23 -36.79 -17.95
C ALA F 47 32.12 -35.27 -18.12
N PRO F 48 32.93 -34.42 -17.48
CA PRO F 48 32.74 -32.98 -17.72
C PRO F 48 33.14 -32.53 -19.11
N VAL F 49 34.03 -33.29 -19.76
CA VAL F 49 34.30 -33.08 -21.18
C VAL F 49 33.03 -33.30 -22.00
N TYR F 50 32.30 -34.36 -21.64
CA TYR F 50 31.09 -34.71 -22.39
C TYR F 50 30.02 -33.65 -22.20
N LEU F 51 29.73 -33.32 -20.94
CA LEU F 51 28.67 -32.37 -20.64
C LEU F 51 29.01 -30.97 -21.15
N ALA F 52 30.28 -30.61 -21.11
CA ALA F 52 30.72 -29.34 -21.67
C ALA F 52 30.51 -29.31 -23.17
N ALA F 53 30.75 -30.44 -23.84
CA ALA F 53 30.52 -30.49 -25.29
C ALA F 53 29.05 -30.31 -25.63
N VAL F 54 28.17 -30.95 -24.85
CA VAL F 54 26.74 -30.86 -25.09
C VAL F 54 26.25 -29.44 -24.89
N LEU F 55 26.70 -28.80 -23.82
CA LEU F 55 26.27 -27.44 -23.53
C LEU F 55 26.83 -26.44 -24.52
N GLU F 56 28.01 -26.71 -25.10
CA GLU F 56 28.52 -25.83 -26.14
C GLU F 56 27.71 -25.97 -27.42
N TYR F 57 27.25 -27.20 -27.71
CA TYR F 57 26.35 -27.38 -28.85
C TYR F 57 25.07 -26.59 -28.69
N LEU F 58 24.37 -26.79 -27.56
CA LEU F 58 23.08 -26.15 -27.31
C LEU F 58 23.20 -24.63 -27.31
N THR F 59 24.21 -24.13 -26.58
CA THR F 59 24.58 -22.72 -26.57
C THR F 59 24.84 -22.20 -27.99
N ALA F 60 25.48 -23.02 -28.81
CA ALA F 60 25.90 -22.57 -30.14
C ALA F 60 24.71 -22.34 -31.05
N GLU F 61 23.80 -23.32 -31.15
CA GLU F 61 22.69 -23.06 -32.07
C GLU F 61 21.65 -22.12 -31.49
N ILE F 62 21.56 -22.00 -30.16
CA ILE F 62 20.59 -21.03 -29.64
C ILE F 62 21.10 -19.62 -29.89
N LEU F 63 22.41 -19.41 -29.79
CA LEU F 63 22.96 -18.12 -30.14
C LEU F 63 23.01 -17.91 -31.65
N GLU F 64 22.98 -18.98 -32.43
CA GLU F 64 22.94 -18.82 -33.87
C GLU F 64 21.57 -18.36 -34.33
N LEU F 65 20.52 -18.98 -33.79
CA LEU F 65 19.17 -18.56 -34.15
C LEU F 65 18.85 -17.18 -33.60
N ALA F 66 19.46 -16.83 -32.47
CA ALA F 66 19.44 -15.43 -32.05
C ALA F 66 20.33 -14.58 -32.94
N GLY F 67 21.25 -15.20 -33.67
CA GLY F 67 22.10 -14.43 -34.57
C GLY F 67 21.39 -14.01 -35.83
N ASN F 68 20.78 -14.96 -36.54
CA ASN F 68 19.99 -14.64 -37.71
C ASN F 68 18.75 -13.85 -37.32
N ALA F 69 18.05 -14.31 -36.28
CA ALA F 69 16.88 -13.58 -35.82
C ALA F 69 17.25 -12.32 -35.05
N ALA F 70 18.54 -12.06 -34.86
CA ALA F 70 18.98 -10.74 -34.42
C ALA F 70 19.25 -9.85 -35.63
N ARG F 71 19.79 -10.44 -36.70
CA ARG F 71 20.04 -9.65 -37.90
C ARG F 71 18.76 -9.26 -38.59
N ASP F 72 17.68 -10.02 -38.38
CA ASP F 72 16.39 -9.64 -38.94
C ASP F 72 15.82 -8.37 -38.31
N ASN F 73 16.20 -8.05 -37.07
CA ASN F 73 15.91 -6.75 -36.50
C ASN F 73 16.98 -5.71 -36.80
N LYS F 74 17.95 -6.06 -37.64
CA LYS F 74 18.96 -5.16 -38.19
C LYS F 74 19.86 -4.56 -37.12
N LYS F 75 19.96 -5.21 -35.97
CA LYS F 75 20.74 -4.73 -34.85
C LYS F 75 22.14 -5.33 -34.88
N THR F 76 22.91 -5.05 -33.85
CA THR F 76 24.11 -5.83 -33.54
C THR F 76 24.10 -6.46 -32.16
N ARG F 77 23.32 -5.96 -31.23
CA ARG F 77 23.25 -6.51 -29.89
C ARG F 77 22.00 -7.36 -29.75
N ILE F 78 22.17 -8.61 -29.36
CA ILE F 78 21.04 -9.49 -29.06
C ILE F 78 20.43 -9.07 -27.74
N ILE F 79 19.13 -8.79 -27.74
CA ILE F 79 18.40 -8.48 -26.51
C ILE F 79 17.57 -9.73 -26.20
N PRO F 80 16.99 -9.87 -24.99
CA PRO F 80 16.16 -11.05 -24.72
C PRO F 80 14.94 -11.27 -25.60
N ARG F 81 14.48 -10.27 -26.37
CA ARG F 81 13.45 -10.52 -27.38
C ARG F 81 13.94 -11.51 -28.41
N HIS F 82 15.21 -11.37 -28.80
CA HIS F 82 15.78 -12.26 -29.79
C HIS F 82 15.94 -13.66 -29.21
N LEU F 83 16.15 -13.79 -27.91
CA LEU F 83 16.16 -15.12 -27.31
C LEU F 83 14.76 -15.68 -27.17
N GLN F 84 13.77 -14.80 -26.99
CA GLN F 84 12.38 -15.23 -26.94
C GLN F 84 11.95 -15.88 -28.25
N LEU F 85 12.01 -15.13 -29.36
CA LEU F 85 11.53 -15.78 -30.58
C LEU F 85 12.56 -16.72 -31.17
N ALA F 86 13.83 -16.56 -30.79
CA ALA F 86 14.86 -17.49 -31.24
C ALA F 86 14.63 -18.87 -30.64
N VAL F 87 14.17 -18.94 -29.39
CA VAL F 87 13.77 -20.23 -28.85
C VAL F 87 12.45 -20.66 -29.45
N ARG F 88 11.43 -19.81 -29.38
CA ARG F 88 10.08 -20.25 -29.69
C ARG F 88 9.83 -20.50 -31.17
N ASN F 89 10.78 -20.21 -32.06
CA ASN F 89 10.55 -20.54 -33.46
C ASN F 89 10.90 -21.98 -33.80
N ASP F 90 12.02 -22.50 -33.31
CA ASP F 90 12.32 -23.91 -33.54
C ASP F 90 11.44 -24.76 -32.63
N GLU F 91 11.11 -25.96 -33.12
CA GLU F 91 10.29 -26.87 -32.32
C GLU F 91 11.07 -27.44 -31.16
N GLU F 92 12.30 -27.88 -31.39
CA GLU F 92 13.00 -28.70 -30.41
C GLU F 92 13.49 -27.86 -29.24
N LEU F 93 13.97 -26.65 -29.52
CA LEU F 93 14.37 -25.74 -28.45
C LEU F 93 13.16 -25.29 -27.65
N ASN F 94 11.99 -25.19 -28.28
CA ASN F 94 10.78 -24.87 -27.55
C ASN F 94 10.36 -26.02 -26.65
N LYS F 95 10.48 -27.25 -27.14
CA LYS F 95 10.11 -28.41 -26.34
C LYS F 95 11.10 -28.65 -25.22
N LEU F 96 12.33 -28.19 -25.36
CA LEU F 96 13.24 -28.25 -24.22
C LEU F 96 12.88 -27.18 -23.20
N LEU F 97 12.27 -26.07 -23.63
CA LEU F 97 12.07 -24.91 -22.77
C LEU F 97 10.60 -24.53 -22.65
N GLY F 98 9.70 -25.49 -22.78
CA GLY F 98 8.29 -25.18 -22.81
C GLY F 98 7.66 -24.78 -21.51
N ARG F 99 8.37 -24.98 -20.40
CA ARG F 99 7.88 -24.58 -19.08
C ARG F 99 8.65 -23.40 -18.53
N VAL F 100 9.44 -22.72 -19.35
CA VAL F 100 10.36 -21.69 -18.89
C VAL F 100 9.91 -20.35 -19.42
N THR F 101 9.62 -19.43 -18.51
CA THR F 101 9.37 -18.05 -18.89
C THR F 101 10.70 -17.36 -19.07
N ILE F 102 10.78 -16.49 -20.07
CA ILE F 102 11.91 -15.61 -20.28
C ILE F 102 11.48 -14.20 -19.92
N ALA F 103 12.22 -13.55 -19.03
CA ALA F 103 11.90 -12.18 -18.66
C ALA F 103 12.22 -11.24 -19.81
N GLN F 104 11.39 -10.21 -19.97
CA GLN F 104 11.44 -9.29 -21.11
C GLN F 104 11.41 -10.02 -22.46
N GLY F 105 10.60 -11.07 -22.53
CA GLY F 105 10.50 -11.81 -23.77
C GLY F 105 9.31 -11.44 -24.62
N GLY F 106 8.12 -11.41 -24.03
CA GLY F 106 6.92 -11.21 -24.80
C GLY F 106 6.46 -12.51 -25.45
N VAL F 107 5.81 -12.37 -26.62
CA VAL F 107 5.24 -13.51 -27.33
C VAL F 107 5.64 -13.43 -28.80
N LEU F 108 5.51 -14.57 -29.48
CA LEU F 108 5.50 -14.59 -30.92
C LEU F 108 4.19 -13.98 -31.40
N PRO F 109 4.17 -13.34 -32.58
CA PRO F 109 2.90 -12.86 -33.14
C PRO F 109 1.99 -13.99 -33.61
N ASN F 110 1.35 -14.65 -32.65
CA ASN F 110 0.29 -15.59 -32.94
C ASN F 110 -1.02 -14.83 -33.00
N ILE F 111 -1.76 -15.01 -34.08
CA ILE F 111 -3.09 -14.44 -34.24
C ILE F 111 -4.01 -15.56 -34.71
N GLN F 112 -5.07 -15.83 -33.97
CA GLN F 112 -6.03 -16.84 -34.40
C GLN F 112 -6.79 -16.35 -35.62
N SER F 113 -7.05 -17.26 -36.55
CA SER F 113 -7.49 -16.89 -37.89
C SER F 113 -8.92 -16.37 -37.92
N VAL F 114 -9.71 -16.66 -36.89
CA VAL F 114 -11.06 -16.12 -36.85
C VAL F 114 -11.04 -14.64 -36.49
N LEU F 115 -9.95 -14.15 -35.88
CA LEU F 115 -9.87 -12.74 -35.54
C LEU F 115 -9.47 -11.87 -36.73
N LEU F 116 -8.92 -12.49 -37.77
CA LEU F 116 -8.52 -11.74 -38.99
C LEU F 116 -9.78 -11.17 -39.65
N PRO F 117 -9.97 -9.83 -39.70
CA PRO F 117 -11.17 -9.24 -40.30
C PRO F 117 -11.22 -9.49 -41.81
N LYS F 118 -12.18 -10.31 -42.26
CA LYS F 118 -12.36 -10.63 -43.70
C LYS F 118 -13.40 -9.68 -44.30
N LYS F 119 -13.57 -9.73 -45.63
CA LYS F 119 -14.55 -8.86 -46.33
C LYS F 119 -14.34 -8.98 -47.84
N THR F 120 -14.85 -8.03 -48.62
CA THR F 120 -14.71 -8.03 -50.09
C THR F 120 -13.73 -6.93 -50.52
N LYS G 29 39.33 0.95 0.60
CA LYS G 29 39.94 0.00 1.58
C LYS G 29 39.61 -1.43 1.17
N ARG G 30 38.79 -2.12 1.98
CA ARG G 30 38.40 -3.53 1.68
C ARG G 30 37.57 -3.56 0.39
N ARG G 31 37.73 -4.61 -0.41
CA ARG G 31 37.00 -4.76 -1.69
C ARG G 31 35.70 -5.54 -1.45
N LYS G 32 35.48 -6.62 -2.19
CA LYS G 32 34.26 -7.45 -2.04
C LYS G 32 34.47 -8.80 -2.73
N THR G 33 33.70 -9.82 -2.33
CA THR G 33 33.80 -11.17 -2.92
C THR G 33 33.52 -11.10 -4.43
N ARG G 34 32.97 -12.18 -5.00
CA ARG G 34 32.65 -12.22 -6.45
C ARG G 34 31.53 -13.25 -6.69
N LYS G 35 31.72 -14.13 -7.69
CA LYS G 35 30.74 -15.15 -8.02
C LYS G 35 30.81 -15.36 -9.52
N GLU G 36 31.13 -16.59 -9.94
CA GLU G 36 31.44 -16.87 -11.32
C GLU G 36 30.19 -16.78 -12.19
N SER G 37 30.38 -16.91 -13.50
CA SER G 37 29.28 -16.94 -14.45
C SER G 37 29.73 -17.79 -15.63
N TYR G 38 28.97 -17.71 -16.72
CA TYR G 38 29.38 -18.32 -17.98
C TYR G 38 29.59 -17.26 -19.05
N ALA G 39 29.58 -15.98 -18.66
CA ALA G 39 29.37 -14.90 -19.62
C ALA G 39 30.53 -14.74 -20.58
N ILE G 40 31.75 -15.02 -20.13
CA ILE G 40 32.90 -15.00 -21.04
C ILE G 40 32.81 -16.16 -22.01
N TYR G 41 32.33 -17.30 -21.54
CA TYR G 41 32.24 -18.47 -22.41
C TYR G 41 31.12 -18.32 -23.44
N VAL G 42 29.96 -17.82 -23.00
CA VAL G 42 28.86 -17.50 -23.92
C VAL G 42 29.31 -16.48 -24.93
N TYR G 43 30.12 -15.52 -24.48
CA TYR G 43 30.67 -14.55 -25.40
C TYR G 43 31.62 -15.19 -26.40
N LYS G 44 32.32 -16.26 -25.98
CA LYS G 44 33.24 -16.92 -26.89
C LYS G 44 32.52 -17.74 -27.93
N VAL G 45 31.43 -18.40 -27.56
CA VAL G 45 30.69 -19.17 -28.57
C VAL G 45 30.00 -18.22 -29.53
N LEU G 46 29.53 -17.07 -29.02
CA LEU G 46 29.00 -16.03 -29.89
C LEU G 46 30.05 -15.53 -30.87
N LYS G 47 31.30 -15.41 -30.41
CA LYS G 47 32.39 -15.12 -31.33
C LYS G 47 32.70 -16.27 -32.29
N GLN G 48 32.34 -17.50 -31.94
CA GLN G 48 32.53 -18.56 -32.93
C GLN G 48 31.48 -18.50 -34.03
N VAL G 49 30.24 -18.14 -33.70
CA VAL G 49 29.15 -18.33 -34.65
C VAL G 49 28.95 -17.11 -35.57
N HIS G 50 28.60 -15.97 -34.98
CA HIS G 50 28.48 -14.71 -35.72
C HIS G 50 29.40 -13.69 -35.07
N PRO G 51 30.65 -13.60 -35.52
CA PRO G 51 31.69 -12.97 -34.68
C PRO G 51 31.62 -11.47 -34.58
N ASP G 52 31.02 -10.79 -35.56
CA ASP G 52 31.00 -9.34 -35.58
C ASP G 52 29.66 -8.79 -35.09
N THR G 53 29.04 -9.47 -34.12
CA THR G 53 27.67 -9.21 -33.72
C THR G 53 27.58 -9.41 -32.22
N GLY G 54 27.26 -8.35 -31.49
CA GLY G 54 27.37 -8.35 -30.04
C GLY G 54 26.14 -8.86 -29.31
N ILE G 55 26.13 -8.60 -28.00
CA ILE G 55 25.19 -9.19 -27.06
C ILE G 55 24.91 -8.18 -25.95
N SER G 56 23.66 -8.13 -25.50
CA SER G 56 23.29 -7.23 -24.41
C SER G 56 23.24 -7.97 -23.08
N SER G 57 23.21 -7.21 -21.99
CA SER G 57 23.52 -7.76 -20.66
C SER G 57 22.38 -8.58 -20.09
N LYS G 58 21.14 -8.14 -20.28
CA LYS G 58 19.99 -8.94 -19.84
C LYS G 58 19.96 -10.27 -20.54
N ALA G 59 20.28 -10.28 -21.83
CA ALA G 59 20.34 -11.54 -22.56
C ALA G 59 21.53 -12.37 -22.12
N MET G 60 22.59 -11.71 -21.66
CA MET G 60 23.73 -12.43 -21.13
C MET G 60 23.38 -13.15 -19.84
N SER G 61 22.66 -12.48 -18.94
CA SER G 61 22.25 -13.13 -17.71
C SER G 61 21.17 -14.17 -17.96
N ILE G 62 20.36 -14.01 -19.01
CA ILE G 62 19.39 -15.03 -19.35
C ILE G 62 20.06 -16.27 -19.88
N MET G 63 21.07 -16.10 -20.74
CA MET G 63 21.87 -17.24 -21.19
C MET G 63 22.57 -17.91 -20.02
N ASN G 64 23.02 -17.11 -19.05
CA ASN G 64 23.71 -17.64 -17.88
C ASN G 64 22.80 -18.57 -17.07
N SER G 65 21.60 -18.08 -16.71
CA SER G 65 20.69 -18.94 -15.98
C SER G 65 20.11 -20.05 -16.85
N PHE G 66 20.15 -19.90 -18.17
CA PHE G 66 19.75 -20.97 -19.06
C PHE G 66 20.70 -22.15 -18.95
N VAL G 67 22.01 -21.87 -19.02
CA VAL G 67 22.96 -22.96 -19.01
C VAL G 67 23.09 -23.53 -17.59
N ASN G 68 22.79 -22.73 -16.54
CA ASN G 68 22.63 -23.35 -15.23
C ASN G 68 21.42 -24.26 -15.16
N ASP G 69 20.32 -23.90 -15.84
CA ASP G 69 19.12 -24.74 -15.83
C ASP G 69 19.38 -26.07 -16.53
N VAL G 70 19.95 -26.03 -17.74
CA VAL G 70 20.23 -27.27 -18.46
C VAL G 70 21.28 -28.09 -17.72
N PHE G 71 22.24 -27.42 -17.09
CA PHE G 71 23.25 -28.11 -16.30
C PHE G 71 22.64 -28.87 -15.13
N GLU G 72 21.61 -28.28 -14.50
CA GLU G 72 21.00 -28.99 -13.39
C GLU G 72 20.01 -30.05 -13.84
N ARG G 73 19.40 -29.88 -15.02
CA ARG G 73 18.58 -30.96 -15.56
C ARG G 73 19.42 -32.17 -15.90
N ILE G 74 20.57 -31.96 -16.56
CA ILE G 74 21.37 -33.09 -17.01
C ILE G 74 22.10 -33.74 -15.84
N ALA G 75 22.65 -32.93 -14.93
CA ALA G 75 23.27 -33.48 -13.73
C ALA G 75 22.25 -34.17 -12.84
N GLY G 76 21.03 -33.63 -12.77
CA GLY G 76 19.99 -34.29 -11.99
C GLY G 76 19.57 -35.62 -12.59
N GLU G 77 19.41 -35.66 -13.91
CA GLU G 77 19.10 -36.92 -14.58
C GLU G 77 20.23 -37.92 -14.46
N ALA G 78 21.48 -37.44 -14.39
CA ALA G 78 22.58 -38.33 -14.11
C ALA G 78 22.48 -38.89 -12.70
N SER G 79 21.95 -38.10 -11.77
CA SER G 79 21.78 -38.61 -10.41
C SER G 79 20.68 -39.66 -10.36
N ARG G 80 19.55 -39.39 -11.01
CA ARG G 80 18.43 -40.33 -10.97
C ARG G 80 18.74 -41.57 -11.78
N LEU G 81 19.64 -41.46 -12.75
CA LEU G 81 19.98 -42.62 -13.56
C LEU G 81 21.04 -43.46 -12.91
N ALA G 82 22.01 -42.83 -12.24
CA ALA G 82 22.97 -43.62 -11.48
C ALA G 82 22.33 -44.24 -10.26
N HIS G 83 21.26 -43.65 -9.75
CA HIS G 83 20.62 -44.14 -8.53
C HIS G 83 19.69 -45.33 -8.79
N TYR G 84 19.75 -45.93 -9.97
CA TYR G 84 18.97 -47.11 -10.28
C TYR G 84 19.81 -48.35 -10.48
N ASN G 85 20.99 -48.21 -11.06
CA ASN G 85 21.80 -49.35 -11.46
C ASN G 85 22.75 -49.81 -10.36
N LYS G 86 22.50 -49.42 -9.11
CA LYS G 86 23.36 -49.69 -7.96
C LYS G 86 24.79 -49.20 -8.19
N ARG G 87 24.92 -48.07 -8.87
CA ARG G 87 26.21 -47.49 -9.18
C ARG G 87 26.31 -46.09 -8.59
N SER G 88 27.52 -45.73 -8.19
CA SER G 88 27.79 -44.48 -7.51
C SER G 88 28.85 -43.68 -8.24
N THR G 89 28.84 -43.72 -9.56
CA THR G 89 29.86 -43.07 -10.38
C THR G 89 29.20 -42.50 -11.62
N ILE G 90 29.51 -41.25 -11.93
CA ILE G 90 28.96 -40.59 -13.11
C ILE G 90 30.09 -40.48 -14.13
N THR G 91 30.15 -41.44 -15.04
CA THR G 91 31.07 -41.39 -16.17
C THR G 91 30.37 -40.67 -17.33
N SER G 92 31.03 -40.61 -18.48
CA SER G 92 30.44 -39.89 -19.61
C SER G 92 29.26 -40.62 -20.23
N ARG G 93 29.23 -41.94 -20.09
CA ARG G 93 28.18 -42.72 -20.73
C ARG G 93 26.81 -42.43 -20.13
N GLU G 94 26.77 -42.17 -18.83
CA GLU G 94 25.53 -41.77 -18.19
C GLU G 94 25.08 -40.40 -18.67
N ILE G 95 26.02 -39.53 -18.98
CA ILE G 95 25.64 -38.25 -19.55
C ILE G 95 25.15 -38.45 -20.97
N GLN G 96 25.66 -39.46 -21.68
CA GLN G 96 25.16 -39.76 -23.02
C GLN G 96 23.71 -40.24 -22.96
N THR G 97 23.41 -41.14 -22.04
CA THR G 97 22.05 -41.62 -21.90
C THR G 97 21.10 -40.51 -21.44
N ALA G 98 21.53 -39.71 -20.47
CA ALA G 98 20.67 -38.68 -19.92
C ALA G 98 20.42 -37.56 -20.93
N VAL G 99 21.40 -37.27 -21.78
CA VAL G 99 21.14 -36.36 -22.89
C VAL G 99 20.19 -37.01 -23.88
N ARG G 100 20.34 -38.31 -24.12
CA ARG G 100 19.38 -39.01 -24.99
C ARG G 100 18.01 -39.21 -24.34
N LEU G 101 17.80 -38.78 -23.10
CA LEU G 101 16.46 -38.68 -22.56
C LEU G 101 15.94 -37.25 -22.50
N LEU G 102 16.79 -36.26 -22.30
CA LEU G 102 16.25 -34.91 -22.19
C LEU G 102 16.01 -34.29 -23.56
N LEU G 103 17.05 -34.15 -24.35
CA LEU G 103 16.96 -33.38 -25.58
C LEU G 103 16.19 -34.15 -26.64
N PRO G 104 15.23 -33.54 -27.31
CA PRO G 104 14.36 -34.27 -28.25
C PRO G 104 14.97 -34.41 -29.63
N GLY G 105 15.38 -35.64 -29.97
CA GLY G 105 15.56 -35.98 -31.37
C GLY G 105 16.83 -35.51 -32.07
N GLU G 106 16.69 -34.49 -32.92
CA GLU G 106 17.76 -34.09 -33.82
C GLU G 106 18.94 -33.49 -33.06
N LEU G 107 18.67 -32.55 -32.16
CA LEU G 107 19.75 -31.97 -31.39
C LEU G 107 20.26 -32.92 -30.32
N ALA G 108 19.50 -33.97 -30.02
CA ALA G 108 20.07 -35.06 -29.25
C ALA G 108 21.11 -35.82 -30.08
N LYS G 109 20.84 -36.01 -31.37
CA LYS G 109 21.79 -36.72 -32.23
C LYS G 109 23.08 -35.93 -32.37
N HIS G 110 22.97 -34.65 -32.72
CA HIS G 110 24.20 -33.88 -32.91
C HIS G 110 24.86 -33.55 -31.59
N ALA G 111 24.07 -33.46 -30.51
CA ALA G 111 24.64 -33.25 -29.19
C ALA G 111 25.49 -34.43 -28.76
N VAL G 112 24.94 -35.64 -28.86
CA VAL G 112 25.67 -36.85 -28.50
C VAL G 112 26.84 -37.09 -29.46
N SER G 113 26.67 -36.72 -30.73
CA SER G 113 27.76 -36.89 -31.70
C SER G 113 28.92 -35.96 -31.39
N GLU G 114 28.63 -34.71 -31.00
CA GLU G 114 29.68 -33.82 -30.52
C GLU G 114 30.28 -34.30 -29.22
N GLY G 115 29.50 -35.00 -28.40
CA GLY G 115 30.04 -35.55 -27.18
C GLY G 115 31.05 -36.65 -27.43
N THR G 116 30.76 -37.54 -28.39
CA THR G 116 31.75 -38.54 -28.79
C THR G 116 32.95 -37.89 -29.45
N LYS G 117 32.72 -36.78 -30.18
CA LYS G 117 33.82 -36.02 -30.74
C LYS G 117 34.73 -35.43 -29.67
N ALA G 118 34.19 -35.07 -28.51
CA ALA G 118 35.02 -34.47 -27.47
C ALA G 118 35.65 -35.48 -26.55
N VAL G 119 34.99 -36.60 -26.29
CA VAL G 119 35.65 -37.69 -25.57
C VAL G 119 36.79 -38.25 -26.39
N THR G 120 36.51 -38.61 -27.65
CA THR G 120 37.53 -39.22 -28.49
C THR G 120 38.59 -38.21 -28.87
N LYS G 121 38.19 -36.97 -29.16
CA LYS G 121 39.16 -35.91 -29.43
C LYS G 121 39.97 -35.57 -28.18
N TYR G 122 39.41 -35.82 -27.00
CA TYR G 122 40.18 -35.65 -25.78
C TYR G 122 41.23 -36.73 -25.64
N THR G 123 40.80 -37.99 -25.60
CA THR G 123 41.70 -39.08 -25.20
C THR G 123 42.69 -39.46 -26.29
N SER G 124 42.43 -39.14 -27.56
CA SER G 124 43.39 -39.45 -28.60
C SER G 124 44.61 -38.53 -28.51
N ALA G 125 44.49 -37.40 -27.84
CA ALA G 125 45.63 -36.54 -27.60
C ALA G 125 46.54 -37.15 -26.53
N LYS H 36 -16.54 14.29 -41.48
CA LYS H 36 -16.77 15.62 -40.85
C LYS H 36 -16.87 15.44 -39.33
N LYS H 37 -17.37 14.28 -38.88
CA LYS H 37 -17.53 13.99 -37.43
C LYS H 37 -17.43 12.48 -37.20
N PRO H 38 -17.61 11.63 -38.23
CA PRO H 38 -17.53 10.18 -38.08
C PRO H 38 -16.10 9.72 -37.78
N HIS H 39 -15.25 9.66 -38.81
CA HIS H 39 -13.84 9.24 -38.67
C HIS H 39 -13.76 7.92 -37.89
N ARG H 40 -14.22 7.93 -36.65
CA ARG H 40 -14.21 6.74 -35.81
C ARG H 40 -13.74 5.53 -36.60
N TYR H 41 -13.71 4.40 -35.90
CA TYR H 41 -13.32 3.14 -36.48
C TYR H 41 -14.32 2.09 -36.06
N ARG H 42 -14.21 0.92 -36.69
CA ARG H 42 -14.98 -0.23 -36.26
C ARG H 42 -14.58 -0.65 -34.84
N PRO H 43 -15.45 -1.30 -34.13
CA PRO H 43 -15.04 -1.97 -32.90
C PRO H 43 -14.25 -3.21 -33.21
N GLY H 44 -12.94 -3.06 -33.35
CA GLY H 44 -12.09 -4.16 -33.70
C GLY H 44 -10.86 -3.76 -34.49
N THR H 45 -10.88 -2.59 -35.12
CA THR H 45 -9.66 -2.09 -35.74
C THR H 45 -8.67 -1.61 -34.69
N VAL H 46 -9.15 -0.84 -33.71
CA VAL H 46 -8.32 -0.46 -32.56
C VAL H 46 -7.94 -1.71 -31.77
N ALA H 47 -8.80 -2.70 -31.76
CA ALA H 47 -8.47 -3.96 -31.09
C ALA H 47 -7.37 -4.72 -31.82
N LEU H 48 -7.51 -4.93 -33.13
CA LEU H 48 -6.53 -5.77 -33.83
C LEU H 48 -5.21 -5.06 -34.05
N ARG H 49 -5.26 -3.76 -34.37
CA ARG H 49 -4.04 -2.97 -34.40
C ARG H 49 -3.41 -2.90 -33.02
N GLU H 50 -4.24 -2.87 -31.98
CA GLU H 50 -3.75 -2.90 -30.62
C GLU H 50 -3.10 -4.24 -30.29
N ILE H 51 -3.59 -5.33 -30.89
CA ILE H 51 -2.96 -6.63 -30.72
C ILE H 51 -1.62 -6.66 -31.43
N ARG H 52 -1.51 -5.97 -32.57
CA ARG H 52 -0.21 -5.91 -33.22
C ARG H 52 0.78 -5.11 -32.38
N ARG H 53 0.32 -4.05 -31.71
CA ARG H 53 1.25 -3.30 -30.89
C ARG H 53 1.63 -4.05 -29.61
N TYR H 54 0.64 -4.49 -28.84
CA TYR H 54 0.98 -5.10 -27.57
C TYR H 54 1.44 -6.54 -27.69
N GLN H 55 1.23 -7.22 -28.81
CA GLN H 55 2.05 -8.39 -29.05
C GLN H 55 3.43 -8.00 -29.52
N LYS H 56 3.54 -6.85 -30.18
CA LYS H 56 4.81 -6.47 -30.77
C LYS H 56 5.81 -6.01 -29.71
N SER H 57 5.36 -5.20 -28.75
CA SER H 57 6.27 -4.68 -27.74
C SER H 57 6.44 -5.67 -26.61
N THR H 58 7.28 -5.31 -25.64
CA THR H 58 7.75 -6.23 -24.61
C THR H 58 7.72 -5.69 -23.19
N GLU H 59 7.47 -4.41 -22.98
CA GLU H 59 7.82 -3.82 -21.70
C GLU H 59 6.77 -4.14 -20.64
N LEU H 60 7.03 -3.69 -19.43
CA LEU H 60 6.22 -4.06 -18.28
C LEU H 60 5.13 -3.01 -18.10
N LEU H 61 3.92 -3.47 -17.88
CA LEU H 61 2.77 -2.64 -18.20
C LEU H 61 1.64 -2.70 -17.17
N ILE H 62 1.88 -3.26 -16.00
CA ILE H 62 1.11 -2.95 -14.81
C ILE H 62 1.97 -2.03 -13.96
N ARG H 63 1.37 -0.94 -13.47
CA ARG H 63 2.15 0.16 -12.90
C ARG H 63 2.83 -0.24 -11.60
N LYS H 64 4.03 0.29 -11.39
CA LYS H 64 4.97 -0.35 -10.47
C LYS H 64 4.62 -0.08 -9.01
N LEU H 65 4.10 1.10 -8.70
CA LEU H 65 3.69 1.33 -7.32
C LEU H 65 2.38 0.67 -6.89
N PRO H 66 1.31 0.61 -7.70
CA PRO H 66 0.16 -0.19 -7.26
C PRO H 66 0.45 -1.67 -7.21
N PHE H 67 1.27 -2.18 -8.13
CA PHE H 67 1.65 -3.57 -8.07
C PHE H 67 2.52 -3.85 -6.85
N GLN H 68 3.42 -2.93 -6.54
CA GLN H 68 4.30 -3.09 -5.40
C GLN H 68 3.53 -3.08 -4.10
N ARG H 69 2.57 -2.15 -3.96
CA ARG H 69 1.69 -2.15 -2.80
C ARG H 69 0.83 -3.40 -2.73
N LEU H 70 0.47 -3.97 -3.89
CA LEU H 70 -0.32 -5.19 -3.90
C LEU H 70 0.48 -6.37 -3.38
N VAL H 71 1.73 -6.47 -3.80
CA VAL H 71 2.59 -7.56 -3.33
C VAL H 71 2.87 -7.41 -1.85
N ARG H 72 3.04 -6.18 -1.36
CA ARG H 72 3.28 -5.99 0.07
C ARG H 72 2.04 -6.32 0.89
N GLU H 73 0.86 -5.95 0.41
CA GLU H 73 -0.36 -6.19 1.18
C GLU H 73 -0.71 -7.67 1.21
N ILE H 74 -0.49 -8.38 0.09
CA ILE H 74 -0.63 -9.83 0.14
C ILE H 74 0.46 -10.43 1.03
N ALA H 75 1.62 -9.80 1.08
CA ALA H 75 2.72 -10.34 1.87
C ALA H 75 2.55 -10.14 3.37
N GLN H 76 1.71 -9.19 3.78
CA GLN H 76 1.56 -8.94 5.22
C GLN H 76 0.83 -10.06 5.96
N ASP H 77 0.10 -10.90 5.24
CA ASP H 77 -0.73 -11.88 5.91
C ASP H 77 0.09 -13.02 6.50
N PHE H 78 1.11 -13.48 5.77
CA PHE H 78 1.85 -14.64 6.25
C PHE H 78 2.85 -14.24 7.33
N LYS H 79 3.41 -13.04 7.23
CA LYS H 79 4.34 -12.53 8.22
C LYS H 79 4.34 -11.02 8.07
N THR H 80 4.71 -10.34 9.15
CA THR H 80 4.56 -8.89 9.21
C THR H 80 5.92 -8.19 9.15
N ASP H 81 5.88 -6.90 8.84
CA ASP H 81 7.03 -5.99 8.88
C ASP H 81 8.15 -6.45 7.94
N LEU H 82 7.84 -6.41 6.66
CA LEU H 82 8.68 -6.98 5.62
C LEU H 82 9.55 -5.94 4.93
N ARG H 83 10.45 -6.45 4.09
CA ARG H 83 11.32 -5.65 3.23
C ARG H 83 11.57 -6.41 1.94
N PHE H 84 11.49 -5.71 0.81
CA PHE H 84 11.61 -6.29 -0.51
C PHE H 84 12.78 -5.67 -1.27
N GLN H 85 13.54 -6.50 -1.98
CA GLN H 85 14.36 -5.95 -3.05
C GLN H 85 13.46 -5.52 -4.19
N SER H 86 13.94 -4.56 -4.99
CA SER H 86 13.12 -4.03 -6.07
C SER H 86 12.99 -5.03 -7.22
N SER H 87 14.09 -5.69 -7.57
CA SER H 87 14.08 -6.65 -8.67
C SER H 87 13.24 -7.87 -8.36
N ALA H 88 13.01 -8.18 -7.09
CA ALA H 88 12.06 -9.24 -6.76
C ALA H 88 10.64 -8.82 -7.09
N VAL H 89 10.32 -7.54 -6.92
CA VAL H 89 9.01 -7.05 -7.32
C VAL H 89 8.90 -7.09 -8.84
N MET H 90 10.02 -6.82 -9.54
CA MET H 90 10.06 -7.06 -10.99
C MET H 90 9.81 -8.51 -11.32
N ALA H 91 10.32 -9.43 -10.50
CA ALA H 91 10.21 -10.85 -10.81
C ALA H 91 8.79 -11.35 -10.62
N LEU H 92 8.14 -10.92 -9.54
CA LEU H 92 6.72 -11.24 -9.38
C LEU H 92 5.87 -10.57 -10.43
N GLN H 93 6.31 -9.42 -10.95
CA GLN H 93 5.63 -8.83 -12.09
C GLN H 93 5.75 -9.69 -13.33
N GLU H 94 6.89 -10.37 -13.49
CA GLU H 94 7.05 -11.25 -14.64
C GLU H 94 6.19 -12.51 -14.48
N ALA H 95 6.08 -13.02 -13.27
CA ALA H 95 5.22 -14.19 -13.08
C ALA H 95 3.76 -13.83 -13.26
N SER H 96 3.39 -12.61 -12.89
CA SER H 96 2.02 -12.14 -13.09
C SER H 96 1.69 -12.03 -14.56
N GLU H 97 2.58 -11.42 -15.34
CA GLU H 97 2.29 -11.27 -16.77
C GLU H 97 2.34 -12.61 -17.49
N ALA H 98 3.25 -13.51 -17.09
CA ALA H 98 3.34 -14.80 -17.78
C ALA H 98 2.13 -15.66 -17.49
N TYR H 99 1.72 -15.71 -16.23
CA TYR H 99 0.61 -16.58 -15.87
C TYR H 99 -0.71 -16.03 -16.35
N LEU H 100 -0.92 -14.70 -16.25
CA LEU H 100 -2.18 -14.15 -16.75
C LEU H 100 -2.25 -14.22 -18.26
N VAL H 101 -1.17 -13.83 -18.94
CA VAL H 101 -1.14 -13.80 -20.41
C VAL H 101 -1.34 -15.19 -20.99
N ALA H 102 -0.66 -16.20 -20.41
CA ALA H 102 -0.88 -17.57 -20.87
C ALA H 102 -2.29 -18.04 -20.56
N LEU H 103 -2.86 -17.57 -19.45
CA LEU H 103 -4.24 -17.92 -19.16
C LEU H 103 -5.21 -17.28 -20.15
N PHE H 104 -4.86 -16.12 -20.74
CA PHE H 104 -5.72 -15.59 -21.80
C PHE H 104 -5.47 -16.27 -23.14
N GLU H 105 -4.28 -16.82 -23.35
CA GLU H 105 -4.06 -17.68 -24.52
C GLU H 105 -5.03 -18.85 -24.51
N ASP H 106 -5.03 -19.61 -23.41
CA ASP H 106 -5.87 -20.79 -23.35
C ASP H 106 -7.34 -20.43 -23.21
N THR H 107 -7.65 -19.32 -22.54
CA THR H 107 -9.04 -18.88 -22.44
C THR H 107 -9.57 -18.44 -23.80
N ASN H 108 -8.71 -17.81 -24.59
CA ASN H 108 -9.11 -17.37 -25.92
C ASN H 108 -9.34 -18.55 -26.84
N LEU H 109 -8.51 -19.58 -26.75
CA LEU H 109 -8.76 -20.77 -27.54
C LEU H 109 -10.02 -21.50 -27.08
N CYS H 110 -10.32 -21.40 -25.78
CA CYS H 110 -11.55 -21.96 -25.26
C CYS H 110 -12.79 -21.28 -25.87
N ALA H 111 -12.82 -19.95 -25.84
CA ALA H 111 -14.00 -19.26 -26.35
C ALA H 111 -14.11 -19.32 -27.87
N ILE H 112 -12.96 -19.34 -28.58
CA ILE H 112 -13.00 -19.55 -30.02
C ILE H 112 -13.53 -20.95 -30.33
N HIS H 113 -13.26 -21.90 -29.45
CA HIS H 113 -13.83 -23.22 -29.66
C HIS H 113 -15.31 -23.30 -29.32
N ALA H 114 -15.95 -22.19 -28.93
CA ALA H 114 -17.40 -22.11 -28.79
C ALA H 114 -18.05 -21.34 -29.93
N LYS H 115 -17.30 -21.05 -30.99
CA LYS H 115 -17.66 -20.10 -32.04
C LYS H 115 -18.09 -18.75 -31.46
N ARG H 116 -17.26 -18.26 -30.54
CA ARG H 116 -17.38 -16.93 -29.96
C ARG H 116 -16.03 -16.23 -30.07
N VAL H 117 -16.07 -14.93 -30.33
CA VAL H 117 -14.86 -14.14 -30.39
C VAL H 117 -14.71 -13.25 -29.17
N THR H 118 -15.45 -13.55 -28.10
CA THR H 118 -15.39 -12.75 -26.90
C THR H 118 -15.32 -13.67 -25.69
N ILE H 119 -14.31 -13.49 -24.87
CA ILE H 119 -14.11 -14.37 -23.73
C ILE H 119 -15.07 -13.96 -22.61
N MET H 120 -15.41 -14.93 -21.77
CA MET H 120 -16.41 -14.82 -20.72
C MET H 120 -15.90 -15.64 -19.54
N PRO H 121 -16.38 -15.35 -18.31
CA PRO H 121 -15.68 -15.91 -17.13
C PRO H 121 -15.75 -17.42 -17.00
N LYS H 122 -16.77 -18.06 -17.55
CA LYS H 122 -16.80 -19.52 -17.58
C LYS H 122 -15.67 -20.11 -18.42
N ASP H 123 -15.14 -19.36 -19.39
CA ASP H 123 -14.01 -19.86 -20.16
C ASP H 123 -12.73 -19.83 -19.34
N ILE H 124 -12.56 -18.75 -18.56
CA ILE H 124 -11.48 -18.67 -17.57
C ILE H 124 -11.54 -19.85 -16.63
N GLN H 125 -12.75 -20.15 -16.13
CA GLN H 125 -12.95 -21.28 -15.24
C GLN H 125 -12.66 -22.61 -15.93
N LEU H 126 -12.91 -22.69 -17.24
CA LEU H 126 -12.64 -23.93 -17.97
C LEU H 126 -11.16 -24.18 -18.08
N ALA H 127 -10.40 -23.18 -18.57
CA ALA H 127 -8.97 -23.38 -18.73
C ALA H 127 -8.25 -23.56 -17.40
N ARG H 128 -8.77 -22.98 -16.33
CA ARG H 128 -8.20 -23.25 -15.02
C ARG H 128 -8.49 -24.67 -14.57
N ARG H 129 -9.66 -25.22 -14.89
CA ARG H 129 -9.85 -26.62 -14.50
C ARG H 129 -9.04 -27.56 -15.37
N ILE H 130 -8.85 -27.22 -16.65
CA ILE H 130 -8.10 -28.09 -17.55
C ILE H 130 -6.62 -28.13 -17.17
N ARG H 131 -6.07 -26.97 -16.78
CA ARG H 131 -4.71 -27.00 -16.25
C ARG H 131 -4.63 -27.60 -14.86
N GLY H 132 -5.75 -27.90 -14.21
CA GLY H 132 -5.72 -28.42 -12.86
C GLY H 132 -5.38 -27.35 -11.85
N GLU H 133 -6.25 -26.36 -11.71
CA GLU H 133 -6.06 -25.25 -10.79
C GLU H 133 -7.24 -25.13 -9.82
N ARG H 134 -7.79 -26.27 -9.43
CA ARG H 134 -8.77 -26.34 -8.35
C ARG H 134 -8.44 -27.51 -7.43
N ARG I 23 -5.79 2.62 -0.65
CA ARG I 23 -6.74 1.61 -0.12
C ARG I 23 -7.14 0.64 -1.23
N ASP I 24 -7.56 -0.57 -0.86
CA ASP I 24 -7.96 -1.61 -1.86
C ASP I 24 -6.86 -1.78 -2.90
N ASN I 25 -5.68 -2.23 -2.46
CA ASN I 25 -4.52 -2.45 -3.37
C ASN I 25 -4.96 -3.29 -4.57
N ILE I 26 -5.58 -4.45 -4.31
CA ILE I 26 -6.04 -5.35 -5.39
C ILE I 26 -6.67 -4.53 -6.53
N GLN I 27 -7.63 -3.66 -6.19
CA GLN I 27 -8.31 -2.82 -7.22
C GLN I 27 -7.26 -2.05 -8.03
N GLY I 28 -6.08 -1.82 -7.45
CA GLY I 28 -5.04 -1.10 -8.16
C GLY I 28 -4.66 -1.70 -9.49
N ILE I 29 -4.96 -2.97 -9.69
CA ILE I 29 -4.84 -3.58 -11.01
C ILE I 29 -5.97 -2.99 -11.86
N THR I 30 -5.62 -2.06 -12.73
CA THR I 30 -6.63 -1.27 -13.41
C THR I 30 -7.34 -2.11 -14.47
N LYS I 31 -8.58 -1.75 -14.75
CA LYS I 31 -9.28 -2.31 -15.89
C LYS I 31 -8.55 -2.10 -17.23
N PRO I 32 -7.91 -0.95 -17.52
CA PRO I 32 -7.07 -0.93 -18.72
C PRO I 32 -5.83 -1.82 -18.66
N ALA I 33 -5.31 -2.14 -17.47
CA ALA I 33 -4.14 -3.03 -17.43
C ALA I 33 -4.53 -4.45 -17.78
N ILE I 34 -5.67 -4.92 -17.27
CA ILE I 34 -6.19 -6.23 -17.64
C ILE I 34 -6.56 -6.24 -19.12
N ARG I 35 -7.08 -5.12 -19.63
CA ARG I 35 -7.25 -4.99 -21.08
C ARG I 35 -5.95 -5.14 -21.82
N ARG I 36 -4.88 -4.51 -21.32
CA ARG I 36 -3.61 -4.53 -22.03
C ARG I 36 -2.99 -5.93 -22.04
N LEU I 37 -3.08 -6.64 -20.93
CA LEU I 37 -2.58 -8.01 -20.90
C LEU I 37 -3.41 -8.92 -21.79
N ALA I 38 -4.70 -8.66 -21.89
CA ALA I 38 -5.51 -9.39 -22.87
C ALA I 38 -5.12 -9.04 -24.29
N ARG I 39 -4.68 -7.80 -24.53
CA ARG I 39 -4.25 -7.41 -25.86
C ARG I 39 -2.94 -8.08 -26.24
N ARG I 40 -2.04 -8.28 -25.26
CA ARG I 40 -0.85 -9.04 -25.55
C ARG I 40 -1.17 -10.51 -25.73
N GLY I 41 -2.17 -11.00 -25.02
CA GLY I 41 -2.57 -12.39 -25.22
C GLY I 41 -3.25 -12.66 -26.54
N GLY I 42 -3.67 -11.63 -27.25
CA GLY I 42 -4.44 -11.86 -28.45
C GLY I 42 -5.91 -12.04 -28.20
N VAL I 43 -6.49 -11.26 -27.30
CA VAL I 43 -7.90 -11.32 -26.98
C VAL I 43 -8.55 -10.06 -27.52
N LYS I 44 -9.61 -10.23 -28.31
CA LYS I 44 -10.20 -9.09 -28.99
C LYS I 44 -11.13 -8.32 -28.06
N ARG I 45 -12.16 -8.99 -27.55
CA ARG I 45 -13.22 -8.33 -26.81
C ARG I 45 -13.39 -8.97 -25.43
N ILE I 46 -13.58 -8.13 -24.42
CA ILE I 46 -13.58 -8.54 -23.02
C ILE I 46 -14.97 -8.29 -22.44
N SER I 47 -15.53 -9.30 -21.78
CA SER I 47 -16.88 -9.19 -21.23
C SER I 47 -16.88 -8.40 -19.94
N GLY I 48 -18.00 -8.44 -19.22
CA GLY I 48 -18.21 -7.60 -18.06
C GLY I 48 -17.46 -7.98 -16.81
N LEU I 49 -17.74 -9.14 -16.25
CA LEU I 49 -17.19 -9.55 -14.97
C LEU I 49 -15.84 -10.23 -15.11
N ILE I 50 -15.12 -9.99 -16.21
CA ILE I 50 -13.80 -10.56 -16.40
C ILE I 50 -12.82 -10.02 -15.37
N TYR I 51 -13.01 -8.76 -14.98
CA TYR I 51 -12.00 -8.07 -14.20
C TYR I 51 -12.01 -8.52 -12.75
N GLU I 52 -13.19 -8.81 -12.21
CA GLU I 52 -13.31 -9.36 -10.86
C GLU I 52 -12.58 -10.68 -10.73
N GLU I 53 -12.88 -11.61 -11.65
CA GLU I 53 -12.23 -12.91 -11.65
C GLU I 53 -10.75 -12.79 -11.97
N THR I 54 -10.37 -11.78 -12.75
CA THR I 54 -8.96 -11.61 -13.09
C THR I 54 -8.16 -11.18 -11.87
N ARG I 55 -8.71 -10.24 -11.08
CA ARG I 55 -8.08 -9.88 -9.82
C ARG I 55 -8.07 -11.04 -8.85
N GLY I 56 -9.10 -11.89 -8.90
CA GLY I 56 -9.11 -13.07 -8.05
C GLY I 56 -8.03 -14.08 -8.40
N VAL I 57 -7.86 -14.35 -9.69
CA VAL I 57 -6.89 -15.35 -10.13
C VAL I 57 -5.47 -14.86 -9.87
N LEU I 58 -5.21 -13.59 -10.22
CA LEU I 58 -3.92 -12.98 -9.90
C LEU I 58 -3.67 -12.98 -8.40
N LYS I 59 -4.73 -12.77 -7.62
CA LYS I 59 -4.61 -12.78 -6.17
C LYS I 59 -4.22 -14.16 -5.66
N VAL I 60 -4.82 -15.22 -6.23
CA VAL I 60 -4.50 -16.58 -5.79
C VAL I 60 -3.07 -16.93 -6.14
N PHE I 61 -2.66 -16.59 -7.36
CA PHE I 61 -1.31 -16.94 -7.82
C PHE I 61 -0.24 -16.21 -7.01
N LEU I 62 -0.45 -14.92 -6.76
CA LEU I 62 0.51 -14.20 -5.93
C LEU I 62 0.46 -14.65 -4.48
N GLU I 63 -0.69 -15.14 -4.00
CA GLU I 63 -0.73 -15.70 -2.65
C GLU I 63 0.12 -16.95 -2.53
N ASN I 64 0.07 -17.83 -3.53
CA ASN I 64 0.90 -19.02 -3.44
C ASN I 64 2.37 -18.70 -3.59
N VAL I 65 2.71 -17.86 -4.58
CA VAL I 65 4.11 -17.55 -4.83
C VAL I 65 4.73 -16.78 -3.67
N ILE I 66 3.98 -15.83 -3.10
CA ILE I 66 4.49 -15.08 -1.96
C ILE I 66 4.60 -15.96 -0.73
N ARG I 67 3.64 -16.86 -0.50
CA ARG I 67 3.71 -17.80 0.62
C ARG I 67 4.97 -18.67 0.55
N ASP I 68 5.29 -19.16 -0.65
CA ASP I 68 6.47 -20.00 -0.77
C ASP I 68 7.74 -19.18 -0.72
N ALA I 69 7.68 -17.92 -1.15
CA ALA I 69 8.85 -17.06 -1.07
C ALA I 69 9.16 -16.66 0.37
N VAL I 70 8.11 -16.36 1.15
CA VAL I 70 8.27 -16.08 2.57
C VAL I 70 8.81 -17.29 3.29
N THR I 71 8.34 -18.48 2.90
CA THR I 71 8.90 -19.70 3.48
C THR I 71 10.37 -19.86 3.12
N TYR I 72 10.75 -19.47 1.90
CA TYR I 72 12.17 -19.42 1.55
C TYR I 72 12.94 -18.35 2.28
N THR I 73 12.28 -17.35 2.85
CA THR I 73 13.02 -16.24 3.44
C THR I 73 13.10 -16.33 4.95
N GLU I 74 12.10 -16.91 5.61
CA GLU I 74 12.17 -17.16 7.03
C GLU I 74 13.19 -18.23 7.37
N HIS I 75 13.50 -19.12 6.42
CA HIS I 75 14.41 -20.21 6.72
C HIS I 75 15.86 -19.74 6.80
N ALA I 76 16.21 -18.71 6.04
CA ALA I 76 17.50 -18.07 6.23
C ALA I 76 17.48 -17.06 7.38
N LYS I 77 16.32 -16.88 8.03
CA LYS I 77 16.14 -16.01 9.19
C LYS I 77 16.46 -14.55 8.85
N ARG I 78 16.10 -14.15 7.64
CA ARG I 78 16.40 -12.83 7.12
C ARG I 78 15.12 -12.05 6.94
N LYS I 79 15.16 -10.76 7.27
CA LYS I 79 13.98 -9.92 7.20
C LYS I 79 13.68 -9.44 5.80
N THR I 80 14.61 -9.59 4.86
CA THR I 80 14.49 -9.02 3.53
C THR I 80 14.36 -10.13 2.50
N VAL I 81 13.32 -10.05 1.69
CA VAL I 81 13.11 -11.00 0.60
C VAL I 81 13.91 -10.54 -0.60
N THR I 82 14.71 -11.45 -1.17
CA THR I 82 15.49 -11.13 -2.34
C THR I 82 14.82 -11.68 -3.59
N ALA I 83 15.49 -11.52 -4.72
CA ALA I 83 14.97 -11.98 -6.00
C ALA I 83 15.29 -13.43 -6.26
N MET I 84 16.43 -13.93 -5.75
CA MET I 84 16.74 -15.34 -5.85
C MET I 84 15.74 -16.19 -5.08
N ASP I 85 15.21 -15.65 -3.98
CA ASP I 85 14.11 -16.25 -3.25
C ASP I 85 12.96 -16.61 -4.18
N VAL I 86 12.49 -15.63 -4.93
CA VAL I 86 11.27 -15.85 -5.70
C VAL I 86 11.53 -16.50 -7.05
N VAL I 87 12.76 -16.43 -7.58
CA VAL I 87 13.05 -17.25 -8.75
C VAL I 87 13.11 -18.72 -8.35
N TYR I 88 13.61 -19.00 -7.14
CA TYR I 88 13.54 -20.35 -6.61
C TYR I 88 12.10 -20.79 -6.39
N ALA I 89 11.27 -19.91 -5.82
CA ALA I 89 9.87 -20.25 -5.59
C ALA I 89 9.11 -20.41 -6.89
N LEU I 90 9.49 -19.69 -7.94
CA LEU I 90 8.84 -19.93 -9.21
C LEU I 90 9.36 -21.19 -9.88
N LYS I 91 10.61 -21.57 -9.59
CA LYS I 91 11.14 -22.80 -10.16
C LYS I 91 10.42 -24.00 -9.60
N ARG I 92 10.15 -23.97 -8.30
CA ARG I 92 9.59 -25.16 -7.63
C ARG I 92 8.16 -25.39 -8.06
N GLN I 93 7.42 -24.34 -8.38
CA GLN I 93 6.06 -24.51 -8.88
C GLN I 93 6.00 -24.79 -10.36
N GLY I 94 7.12 -25.14 -10.99
CA GLY I 94 7.13 -25.45 -12.41
C GLY I 94 6.88 -24.27 -13.31
N ARG I 95 7.36 -23.09 -12.94
CA ARG I 95 7.15 -21.86 -13.68
C ARG I 95 8.44 -21.07 -13.75
N THR I 96 9.51 -21.74 -14.19
CA THR I 96 10.86 -21.19 -14.07
C THR I 96 11.04 -19.95 -14.95
N LEU I 97 11.79 -18.99 -14.42
CA LEU I 97 11.88 -17.63 -14.95
C LEU I 97 13.34 -17.22 -14.92
N TYR I 98 13.95 -17.06 -16.10
CA TYR I 98 15.34 -16.67 -16.12
C TYR I 98 15.44 -15.16 -15.97
N GLY I 99 16.66 -14.64 -15.96
CA GLY I 99 16.84 -13.21 -15.96
C GLY I 99 16.96 -12.57 -14.60
N PHE I 100 17.07 -13.36 -13.54
CA PHE I 100 17.37 -12.80 -12.23
C PHE I 100 18.38 -13.67 -11.51
N GLY I 101 19.04 -14.59 -12.20
CA GLY I 101 20.00 -15.47 -11.58
C GLY I 101 19.37 -16.78 -11.19
N GLY I 102 20.10 -17.88 -11.33
CA GLY I 102 19.64 -19.18 -10.85
C GLY I 102 18.48 -19.82 -11.58
N GLY J 8 34.10 -51.90 30.47
CA GLY J 8 34.27 -52.97 29.47
C GLY J 8 32.94 -53.62 29.11
N LYS J 9 32.03 -52.86 28.50
CA LYS J 9 30.70 -53.39 28.11
C LYS J 9 30.05 -52.42 27.12
N THR J 10 29.28 -52.95 26.15
CA THR J 10 28.59 -52.12 25.14
C THR J 10 27.08 -52.31 25.27
N ARG J 11 26.64 -52.90 26.38
CA ARG J 11 25.19 -53.15 26.63
C ARG J 11 24.51 -51.83 27.02
N ALA J 12 24.52 -51.50 28.32
CA ALA J 12 23.91 -50.25 28.84
C ALA J 12 22.48 -50.12 28.33
N LYS J 13 21.59 -51.04 28.76
CA LYS J 13 20.17 -51.04 28.34
C LYS J 13 20.09 -50.98 26.81
N ALA J 14 20.58 -52.03 26.14
CA ALA J 14 20.57 -52.10 24.66
C ALA J 14 19.16 -51.80 24.12
N LYS J 15 18.90 -50.53 23.82
CA LYS J 15 17.58 -50.10 23.28
C LYS J 15 17.72 -49.71 21.80
N THR J 16 16.61 -49.47 21.11
CA THR J 16 16.65 -49.09 19.68
C THR J 16 16.51 -47.58 19.54
N ARG J 17 15.36 -47.11 19.05
CA ARG J 17 15.11 -45.66 18.88
C ARG J 17 13.60 -45.40 18.87
N SER J 18 12.96 -45.58 17.70
CA SER J 18 11.54 -45.35 17.57
C SER J 18 10.86 -45.29 18.93
N SER J 19 11.35 -46.07 19.90
CA SER J 19 10.85 -45.97 21.27
C SER J 19 11.56 -44.86 22.05
N ARG J 20 12.75 -44.45 21.63
CA ARG J 20 13.35 -43.25 22.19
C ARG J 20 12.59 -42.00 21.78
N ALA J 21 11.86 -42.06 20.67
CA ALA J 21 11.01 -40.96 20.27
C ALA J 21 9.53 -41.25 20.41
N GLY J 22 9.15 -42.50 20.68
CA GLY J 22 7.74 -42.81 20.82
C GLY J 22 7.01 -42.92 19.49
N LEU J 23 7.63 -43.57 18.50
CA LEU J 23 7.01 -43.72 17.19
C LEU J 23 6.98 -45.17 16.79
N GLN J 24 6.60 -45.45 15.55
CA GLN J 24 6.62 -46.80 15.00
C GLN J 24 7.23 -46.82 13.60
N PHE J 25 8.21 -45.96 13.35
CA PHE J 25 8.91 -45.89 12.08
C PHE J 25 10.41 -46.08 12.26
N PRO J 26 11.10 -46.69 11.29
CA PRO J 26 12.53 -46.99 11.46
C PRO J 26 13.38 -45.74 11.32
N VAL J 27 13.91 -45.27 12.44
CA VAL J 27 14.80 -44.13 12.39
C VAL J 27 16.11 -44.51 11.73
N GLY J 28 16.56 -45.74 11.95
CA GLY J 28 17.83 -46.15 11.38
C GLY J 28 17.75 -46.38 9.88
N ARG J 29 16.66 -46.99 9.41
CA ARG J 29 16.53 -47.27 7.98
C ARG J 29 16.30 -46.00 7.18
N VAL J 30 15.40 -45.13 7.67
CA VAL J 30 15.18 -43.83 7.04
C VAL J 30 16.46 -43.01 7.11
N HIS J 31 17.17 -43.09 8.23
CA HIS J 31 18.41 -42.36 8.44
C HIS J 31 19.49 -42.78 7.45
N ARG J 32 19.64 -44.09 7.26
CA ARG J 32 20.55 -44.63 6.24
C ARG J 32 20.13 -44.16 4.86
N LEU J 33 18.82 -44.12 4.61
CA LEU J 33 18.36 -43.65 3.31
C LEU J 33 18.55 -42.14 3.13
N LEU J 34 18.66 -41.37 4.20
CA LEU J 34 19.04 -39.98 4.03
C LEU J 34 20.53 -39.84 3.79
N ARG J 35 21.35 -40.71 4.38
CA ARG J 35 22.77 -40.55 4.13
C ARG J 35 23.21 -41.12 2.81
N LYS J 36 22.43 -42.01 2.20
CA LYS J 36 22.90 -42.74 1.05
C LYS J 36 22.11 -42.40 -0.21
N GLY J 37 21.87 -41.12 -0.42
CA GLY J 37 21.30 -40.69 -1.66
C GLY J 37 21.95 -39.41 -2.11
N ASN J 38 23.05 -39.05 -1.44
CA ASN J 38 23.83 -37.84 -1.69
C ASN J 38 22.93 -36.60 -1.64
N TYR J 39 22.40 -36.33 -0.46
CA TYR J 39 21.60 -35.13 -0.30
C TYR J 39 22.33 -34.02 0.42
N ALA J 40 23.27 -34.38 1.29
CA ALA J 40 24.16 -33.45 1.98
C ALA J 40 25.31 -34.26 2.52
N GLU J 41 26.50 -33.65 2.51
CA GLU J 41 27.69 -34.36 2.99
C GLU J 41 27.60 -34.69 4.47
N ARG J 42 26.92 -33.84 5.24
CA ARG J 42 26.65 -34.12 6.64
C ARG J 42 25.15 -34.20 6.83
N VAL J 43 24.71 -35.11 7.70
CA VAL J 43 23.29 -35.27 8.03
C VAL J 43 23.15 -35.18 9.54
N GLY J 44 22.27 -34.31 10.01
CA GLY J 44 22.23 -33.89 11.40
C GLY J 44 21.76 -34.98 12.37
N ALA J 45 21.55 -34.54 13.60
CA ALA J 45 21.28 -35.45 14.69
C ALA J 45 19.87 -36.03 14.62
N GLY J 46 18.86 -35.16 14.67
CA GLY J 46 17.49 -35.61 14.84
C GLY J 46 16.61 -35.41 13.64
N ALA J 47 17.21 -35.41 12.44
CA ALA J 47 16.42 -35.16 11.23
C ALA J 47 15.48 -36.31 10.87
N PRO J 48 15.88 -37.59 10.80
CA PRO J 48 14.90 -38.62 10.46
C PRO J 48 13.91 -38.92 11.57
N VAL J 49 14.14 -38.44 12.79
CA VAL J 49 13.09 -38.43 13.79
C VAL J 49 11.94 -37.55 13.33
N TYR J 50 12.27 -36.33 12.92
CA TYR J 50 11.27 -35.38 12.42
C TYR J 50 10.59 -35.92 11.18
N LEU J 51 11.38 -36.49 10.28
CA LEU J 51 10.81 -36.91 9.00
C LEU J 51 9.96 -38.17 9.15
N ALA J 52 10.38 -39.08 10.03
CA ALA J 52 9.56 -40.24 10.33
C ALA J 52 8.26 -39.84 11.02
N ALA J 53 8.28 -38.76 11.80
CA ALA J 53 7.03 -38.25 12.37
C ALA J 53 6.09 -37.78 11.27
N VAL J 54 6.61 -37.05 10.27
CA VAL J 54 5.78 -36.53 9.20
C VAL J 54 5.18 -37.67 8.38
N LEU J 55 6.00 -38.67 8.06
CA LEU J 55 5.47 -39.79 7.27
C LEU J 55 4.51 -40.66 8.08
N GLU J 56 4.67 -40.71 9.40
CA GLU J 56 3.69 -41.46 10.20
C GLU J 56 2.35 -40.76 10.20
N TYR J 57 2.37 -39.42 10.26
CA TYR J 57 1.12 -38.68 10.17
C TYR J 57 0.44 -38.90 8.83
N LEU J 58 1.21 -38.87 7.73
CA LEU J 58 0.60 -39.01 6.41
C LEU J 58 0.04 -40.40 6.18
N THR J 59 0.82 -41.42 6.56
CA THR J 59 0.35 -42.81 6.50
C THR J 59 -0.92 -43.00 7.32
N ALA J 60 -0.96 -42.42 8.52
CA ALA J 60 -2.14 -42.53 9.37
C ALA J 60 -3.35 -41.84 8.76
N GLU J 61 -3.13 -40.75 8.03
CA GLU J 61 -4.25 -40.05 7.41
C GLU J 61 -4.86 -40.87 6.27
N ILE J 62 -4.02 -41.34 5.35
CA ILE J 62 -4.54 -42.08 4.20
C ILE J 62 -5.15 -43.40 4.63
N LEU J 63 -4.47 -44.15 5.50
CA LEU J 63 -5.04 -45.40 5.97
C LEU J 63 -6.28 -45.17 6.83
N GLU J 64 -6.37 -44.02 7.49
CA GLU J 64 -7.57 -43.68 8.24
C GLU J 64 -8.77 -43.49 7.31
N LEU J 65 -8.59 -42.70 6.25
CA LEU J 65 -9.70 -42.45 5.35
C LEU J 65 -10.05 -43.68 4.53
N ALA J 66 -9.08 -44.52 4.22
CA ALA J 66 -9.42 -45.80 3.60
C ALA J 66 -10.08 -46.75 4.59
N GLY J 67 -9.88 -46.53 5.89
CA GLY J 67 -10.64 -47.31 6.86
C GLY J 67 -12.08 -46.87 6.94
N ASN J 68 -12.32 -45.55 6.96
CA ASN J 68 -13.67 -45.03 6.99
C ASN J 68 -14.43 -45.40 5.74
N ALA J 69 -13.79 -45.22 4.58
CA ALA J 69 -14.39 -45.69 3.34
C ALA J 69 -14.43 -47.21 3.27
N ALA J 70 -13.58 -47.89 4.04
CA ALA J 70 -13.56 -49.34 4.01
C ALA J 70 -14.78 -49.93 4.71
N ARG J 71 -15.20 -49.36 5.84
CA ARG J 71 -16.49 -49.74 6.36
C ARG J 71 -17.61 -49.21 5.48
N ASP J 72 -17.47 -47.99 4.99
CA ASP J 72 -18.57 -47.35 4.27
C ASP J 72 -18.72 -47.85 2.82
N ASN J 73 -18.00 -48.88 2.43
CA ASN J 73 -18.39 -49.65 1.26
C ASN J 73 -18.35 -51.13 1.54
N LYS J 74 -18.50 -51.51 2.81
CA LYS J 74 -18.90 -52.86 3.26
C LYS J 74 -17.88 -53.93 2.88
N LYS J 75 -16.64 -53.72 3.31
CA LYS J 75 -15.62 -54.74 3.30
C LYS J 75 -14.91 -54.72 4.65
N THR J 76 -13.98 -55.64 4.84
CA THR J 76 -13.14 -55.66 6.03
C THR J 76 -11.66 -55.65 5.66
N ARG J 77 -11.34 -55.07 4.51
CA ARG J 77 -9.99 -55.16 3.97
C ARG J 77 -9.79 -54.06 2.95
N ILE J 78 -8.72 -53.28 3.12
CA ILE J 78 -8.45 -52.16 2.23
C ILE J 78 -7.91 -52.69 0.91
N ILE J 79 -8.59 -52.35 -0.17
CA ILE J 79 -8.15 -52.64 -1.53
C ILE J 79 -7.69 -51.33 -2.13
N PRO J 80 -6.92 -51.31 -3.23
CA PRO J 80 -6.49 -50.03 -3.80
C PRO J 80 -7.62 -49.13 -4.31
N ARG J 81 -8.82 -49.69 -4.60
CA ARG J 81 -9.95 -48.85 -4.95
C ARG J 81 -10.31 -47.90 -3.81
N HIS J 82 -10.30 -48.42 -2.59
CA HIS J 82 -10.48 -47.56 -1.44
C HIS J 82 -9.34 -46.58 -1.25
N LEU J 83 -8.15 -46.85 -1.79
CA LEU J 83 -7.11 -45.82 -1.77
C LEU J 83 -7.38 -44.76 -2.83
N GLN J 84 -7.97 -45.15 -3.96
CA GLN J 84 -8.39 -44.18 -4.97
C GLN J 84 -9.42 -43.21 -4.41
N LEU J 85 -10.58 -43.71 -3.98
CA LEU J 85 -11.55 -42.72 -3.53
C LEU J 85 -11.30 -42.28 -2.10
N ALA J 86 -10.36 -42.91 -1.40
CA ALA J 86 -9.93 -42.37 -0.12
C ALA J 86 -9.10 -41.12 -0.34
N VAL J 87 -8.14 -41.19 -1.25
CA VAL J 87 -7.28 -40.03 -1.47
C VAL J 87 -8.03 -38.92 -2.21
N ARG J 88 -8.81 -39.28 -3.24
CA ARG J 88 -9.41 -38.24 -4.07
C ARG J 88 -10.56 -37.50 -3.42
N ASN J 89 -10.97 -37.85 -2.21
CA ASN J 89 -12.08 -37.13 -1.57
C ASN J 89 -11.63 -36.03 -0.62
N ASP J 90 -10.49 -36.18 0.05
CA ASP J 90 -9.93 -35.03 0.73
C ASP J 90 -9.35 -34.08 -0.32
N GLU J 91 -9.42 -32.79 -0.04
CA GLU J 91 -8.87 -31.82 -0.97
C GLU J 91 -7.35 -31.83 -0.92
N GLU J 92 -6.78 -31.81 0.27
CA GLU J 92 -5.35 -31.55 0.40
C GLU J 92 -4.51 -32.78 0.08
N LEU J 93 -5.00 -33.96 0.41
CA LEU J 93 -4.33 -35.19 0.00
C LEU J 93 -4.38 -35.35 -1.51
N ASN J 94 -5.45 -34.88 -2.15
CA ASN J 94 -5.50 -34.87 -3.60
C ASN J 94 -4.51 -33.87 -4.17
N LYS J 95 -4.33 -32.72 -3.51
CA LYS J 95 -3.39 -31.73 -4.01
C LYS J 95 -1.95 -32.18 -3.82
N LEU J 96 -1.67 -33.03 -2.85
CA LEU J 96 -0.33 -33.57 -2.78
C LEU J 96 -0.11 -34.63 -3.85
N LEU J 97 -1.15 -35.33 -4.26
CA LEU J 97 -1.03 -36.48 -5.15
C LEU J 97 -1.72 -36.25 -6.49
N GLY J 98 -1.79 -35.01 -6.94
CA GLY J 98 -2.57 -34.70 -8.12
C GLY J 98 -1.94 -35.12 -9.42
N ARG J 99 -0.66 -35.46 -9.42
CA ARG J 99 0.02 -35.91 -10.64
C ARG J 99 0.32 -37.40 -10.57
N VAL J 100 -0.31 -38.12 -9.65
CA VAL J 100 0.04 -39.51 -9.39
C VAL J 100 -1.15 -40.39 -9.73
N THR J 101 -0.95 -41.27 -10.68
CA THR J 101 -1.90 -42.34 -10.91
C THR J 101 -1.59 -43.45 -9.93
N ILE J 102 -2.62 -44.10 -9.41
CA ILE J 102 -2.45 -45.32 -8.64
C ILE J 102 -3.20 -46.44 -9.33
N ALA J 103 -2.50 -47.54 -9.56
CA ALA J 103 -3.01 -48.63 -10.39
C ALA J 103 -4.14 -49.35 -9.70
N GLN J 104 -5.03 -49.93 -10.52
CA GLN J 104 -6.30 -50.51 -10.08
C GLN J 104 -7.11 -49.53 -9.23
N GLY J 105 -7.08 -48.26 -9.62
CA GLY J 105 -7.81 -47.26 -8.89
C GLY J 105 -9.14 -46.93 -9.51
N GLY J 106 -9.17 -46.77 -10.83
CA GLY J 106 -10.37 -46.33 -11.48
C GLY J 106 -10.63 -44.86 -11.23
N VAL J 107 -11.90 -44.48 -11.37
CA VAL J 107 -12.33 -43.09 -11.29
C VAL J 107 -13.37 -42.95 -10.19
N LEU J 108 -13.21 -41.92 -9.36
CA LEU J 108 -14.28 -41.55 -8.43
C LEU J 108 -15.49 -41.07 -9.23
N PRO J 109 -16.72 -41.46 -8.83
CA PRO J 109 -17.90 -41.20 -9.68
C PRO J 109 -18.27 -39.74 -9.80
N ASN J 110 -17.94 -39.18 -10.96
CA ASN J 110 -18.27 -37.81 -11.32
C ASN J 110 -19.14 -37.87 -12.55
N ILE J 111 -20.24 -37.12 -12.53
CA ILE J 111 -21.16 -37.02 -13.66
C ILE J 111 -21.45 -35.56 -13.87
N GLN J 112 -21.21 -35.07 -15.08
CA GLN J 112 -21.53 -33.69 -15.41
C GLN J 112 -23.03 -33.47 -15.42
N SER J 113 -23.42 -32.22 -15.20
CA SER J 113 -24.82 -31.92 -14.94
C SER J 113 -25.69 -32.04 -16.19
N VAL J 114 -25.11 -31.81 -17.37
CA VAL J 114 -25.89 -31.92 -18.59
C VAL J 114 -26.14 -33.36 -18.99
N LEU J 115 -25.43 -34.31 -18.38
CA LEU J 115 -25.63 -35.71 -18.75
C LEU J 115 -26.80 -36.32 -17.99
N LEU J 116 -27.07 -35.84 -16.77
CA LEU J 116 -28.18 -36.33 -15.99
C LEU J 116 -29.50 -35.99 -16.69
N PRO J 117 -30.48 -36.90 -16.66
CA PRO J 117 -31.64 -36.76 -17.54
C PRO J 117 -32.54 -35.58 -17.19
N LYS J 118 -33.19 -35.05 -18.22
CA LYS J 118 -34.00 -33.83 -18.13
C LYS J 118 -35.46 -34.17 -17.87
N LYS J 119 -35.68 -34.94 -16.81
CA LYS J 119 -36.99 -35.49 -16.53
C LYS J 119 -37.86 -34.45 -15.80
N THR J 120 -39.01 -34.90 -15.32
CA THR J 120 -39.89 -34.06 -14.50
C THR J 120 -39.98 -34.64 -13.10
N LYS K 28 16.25 -74.07 -5.76
CA LYS K 28 15.46 -74.62 -4.62
C LYS K 28 16.23 -74.41 -3.32
N LYS K 29 17.41 -75.02 -3.20
CA LYS K 29 18.25 -74.88 -1.98
C LYS K 29 19.43 -73.95 -2.28
N ARG K 30 19.21 -72.64 -2.18
CA ARG K 30 20.27 -71.63 -2.45
C ARG K 30 19.87 -70.30 -1.80
N ARG K 31 20.86 -69.50 -1.38
CA ARG K 31 20.60 -68.19 -0.74
C ARG K 31 19.84 -67.29 -1.73
N LYS K 32 18.84 -66.54 -1.24
CA LYS K 32 18.03 -65.63 -2.09
C LYS K 32 18.74 -64.28 -2.23
N THR K 33 18.13 -63.21 -1.71
CA THR K 33 18.73 -61.85 -1.79
C THR K 33 18.00 -60.93 -0.79
N ARG K 34 18.64 -60.66 0.35
CA ARG K 34 18.03 -59.79 1.39
C ARG K 34 17.26 -58.65 0.70
N LYS K 35 16.09 -58.29 1.24
CA LYS K 35 15.25 -57.21 0.65
C LYS K 35 14.69 -56.35 1.78
N GLU K 36 14.16 -55.16 1.43
CA GLU K 36 13.58 -54.23 2.43
C GLU K 36 12.14 -53.91 2.06
N SER K 37 11.54 -52.91 2.71
CA SER K 37 10.16 -52.50 2.44
C SER K 37 9.75 -51.47 3.48
N TYR K 38 8.44 -51.26 3.60
CA TYR K 38 7.84 -50.55 4.72
C TYR K 38 6.66 -51.30 5.28
N ALA K 39 6.39 -52.52 4.77
CA ALA K 39 5.06 -53.10 4.83
C ALA K 39 4.62 -53.43 6.24
N ILE K 40 5.56 -53.85 7.10
CA ILE K 40 5.17 -54.14 8.48
C ILE K 40 4.91 -52.87 9.24
N TYR K 41 5.49 -51.74 8.82
CA TYR K 41 5.23 -50.50 9.51
C TYR K 41 3.86 -49.95 9.15
N VAL K 42 3.51 -50.01 7.86
CA VAL K 42 2.18 -49.63 7.40
C VAL K 42 1.14 -50.53 8.04
N TYR K 43 1.48 -51.81 8.22
CA TYR K 43 0.59 -52.70 8.95
C TYR K 43 0.46 -52.28 10.41
N LYS K 44 1.53 -51.75 11.01
CA LYS K 44 1.44 -51.32 12.40
C LYS K 44 0.59 -50.07 12.56
N VAL K 45 0.70 -49.12 11.62
CA VAL K 45 -0.15 -47.94 11.73
C VAL K 45 -1.60 -48.31 11.43
N LEU K 46 -1.81 -49.33 10.60
CA LEU K 46 -3.15 -49.87 10.41
C LEU K 46 -3.68 -50.47 11.70
N LYS K 47 -2.81 -51.12 12.49
CA LYS K 47 -3.23 -51.59 13.80
C LYS K 47 -3.50 -50.43 14.75
N GLN K 48 -2.86 -49.28 14.55
CA GLN K 48 -3.16 -48.16 15.43
C GLN K 48 -4.48 -47.48 15.10
N VAL K 49 -4.82 -47.33 13.82
CA VAL K 49 -5.96 -46.50 13.44
C VAL K 49 -7.27 -47.28 13.53
N HIS K 50 -7.40 -48.32 12.71
CA HIS K 50 -8.56 -49.22 12.76
C HIS K 50 -8.00 -50.60 13.07
N PRO K 51 -7.97 -51.00 14.35
CA PRO K 51 -7.17 -52.16 14.75
C PRO K 51 -7.68 -53.50 14.23
N ASP K 52 -8.98 -53.60 13.94
CA ASP K 52 -9.56 -54.85 13.45
C ASP K 52 -10.09 -54.57 12.06
N THR K 53 -9.20 -54.61 11.07
CA THR K 53 -9.49 -54.28 9.68
C THR K 53 -8.28 -54.73 8.86
N GLY K 54 -8.54 -55.39 7.73
CA GLY K 54 -7.47 -55.91 6.90
C GLY K 54 -7.01 -54.95 5.83
N ILE K 55 -6.04 -55.42 5.03
CA ILE K 55 -5.51 -54.67 3.90
C ILE K 55 -5.03 -55.68 2.87
N SER K 56 -5.21 -55.36 1.59
CA SER K 56 -4.81 -56.27 0.54
C SER K 56 -3.35 -56.02 0.13
N SER K 57 -2.82 -56.93 -0.69
CA SER K 57 -1.38 -56.94 -0.95
C SER K 57 -0.95 -55.85 -1.91
N LYS K 58 -1.71 -55.66 -3.01
CA LYS K 58 -1.35 -54.61 -3.94
C LYS K 58 -1.57 -53.24 -3.34
N ALA K 59 -2.52 -53.11 -2.41
CA ALA K 59 -2.65 -51.85 -1.68
C ALA K 59 -1.45 -51.61 -0.79
N MET K 60 -0.89 -52.67 -0.23
CA MET K 60 0.33 -52.54 0.55
C MET K 60 1.49 -52.09 -0.31
N SER K 61 1.56 -52.58 -1.56
CA SER K 61 2.61 -52.08 -2.43
C SER K 61 2.32 -50.65 -2.91
N ILE K 62 1.05 -50.26 -2.97
CA ILE K 62 0.71 -48.85 -3.24
C ILE K 62 1.27 -47.96 -2.14
N MET K 63 0.98 -48.32 -0.88
CA MET K 63 1.48 -47.50 0.22
C MET K 63 2.98 -47.50 0.31
N ASN K 64 3.62 -48.62 -0.06
CA ASN K 64 5.08 -48.68 -0.09
C ASN K 64 5.64 -47.68 -1.08
N SER K 65 5.12 -47.69 -2.31
CA SER K 65 5.60 -46.71 -3.30
C SER K 65 5.18 -45.29 -2.96
N PHE K 66 4.12 -45.11 -2.18
CA PHE K 66 3.74 -43.78 -1.72
C PHE K 66 4.76 -43.23 -0.76
N VAL K 67 5.16 -44.05 0.21
CA VAL K 67 6.15 -43.64 1.20
C VAL K 67 7.50 -43.36 0.55
N ASN K 68 7.87 -44.16 -0.45
CA ASN K 68 9.10 -43.84 -1.20
C ASN K 68 8.97 -42.53 -1.96
N ASP K 69 7.81 -42.28 -2.60
CA ASP K 69 7.62 -41.08 -3.41
C ASP K 69 7.70 -39.81 -2.57
N VAL K 70 6.95 -39.76 -1.46
CA VAL K 70 7.03 -38.61 -0.57
C VAL K 70 8.44 -38.48 -0.01
N PHE K 71 9.07 -39.61 0.28
CA PHE K 71 10.41 -39.62 0.87
C PHE K 71 11.45 -38.98 -0.06
N GLU K 72 11.39 -39.25 -1.36
CA GLU K 72 12.33 -38.54 -2.23
C GLU K 72 11.86 -37.12 -2.54
N ARG K 73 10.56 -36.81 -2.36
CA ARG K 73 10.14 -35.42 -2.53
C ARG K 73 10.74 -34.51 -1.47
N ILE K 74 10.45 -34.79 -0.18
CA ILE K 74 11.04 -33.95 0.86
C ILE K 74 12.54 -34.17 1.03
N ALA K 75 13.07 -35.31 0.61
CA ALA K 75 14.52 -35.46 0.62
C ALA K 75 15.17 -34.54 -0.41
N GLY K 76 14.59 -34.45 -1.61
CA GLY K 76 15.12 -33.55 -2.61
C GLY K 76 14.93 -32.09 -2.25
N GLU K 77 13.76 -31.77 -1.69
CA GLU K 77 13.53 -30.41 -1.20
C GLU K 77 14.50 -30.04 -0.08
N ALA K 78 14.85 -31.01 0.77
CA ALA K 78 15.90 -30.77 1.73
C ALA K 78 17.25 -30.60 1.06
N SER K 79 17.44 -31.24 -0.10
CA SER K 79 18.72 -31.15 -0.77
C SER K 79 18.95 -29.77 -1.35
N ARG K 80 18.01 -29.28 -2.16
CA ARG K 80 18.27 -27.99 -2.77
C ARG K 80 17.95 -26.85 -1.81
N LEU K 81 17.03 -27.08 -0.87
CA LEU K 81 16.76 -26.09 0.16
C LEU K 81 17.94 -25.94 1.11
N ALA K 82 18.71 -27.01 1.30
CA ALA K 82 19.95 -26.84 2.03
C ALA K 82 21.07 -26.36 1.14
N HIS K 83 20.92 -26.50 -0.18
CA HIS K 83 21.98 -26.05 -1.06
C HIS K 83 21.93 -24.54 -1.25
N TYR K 84 20.76 -23.94 -1.07
CA TYR K 84 20.63 -22.51 -1.34
C TYR K 84 21.36 -21.67 -0.31
N ASN K 85 21.34 -22.09 0.95
CA ASN K 85 21.86 -21.29 2.04
C ASN K 85 23.33 -21.52 2.31
N LYS K 86 24.05 -22.15 1.36
CA LYS K 86 25.49 -22.43 1.46
C LYS K 86 25.81 -23.32 2.66
N ARG K 87 24.88 -24.19 3.02
CA ARG K 87 25.07 -25.16 4.08
C ARG K 87 25.50 -26.50 3.50
N SER K 88 25.83 -27.42 4.38
CA SER K 88 26.20 -28.78 3.99
C SER K 88 25.63 -29.81 4.95
N THR K 89 24.50 -29.50 5.58
CA THR K 89 23.94 -30.30 6.66
C THR K 89 22.43 -30.22 6.61
N ILE K 90 21.76 -31.36 6.73
CA ILE K 90 20.31 -31.42 6.79
C ILE K 90 19.91 -31.61 8.25
N THR K 91 19.35 -30.56 8.86
CA THR K 91 18.82 -30.64 10.21
C THR K 91 17.30 -30.49 10.16
N SER K 92 16.68 -30.51 11.34
CA SER K 92 15.23 -30.58 11.43
C SER K 92 14.55 -29.28 11.04
N ARG K 93 15.27 -28.15 11.09
CA ARG K 93 14.70 -26.90 10.61
C ARG K 93 14.48 -26.96 9.11
N GLU K 94 15.39 -27.62 8.40
CA GLU K 94 15.26 -27.78 6.95
C GLU K 94 14.11 -28.69 6.59
N ILE K 95 13.91 -29.76 7.36
CA ILE K 95 12.78 -30.62 7.08
C ILE K 95 11.48 -29.92 7.45
N GLN K 96 11.51 -29.03 8.46
CA GLN K 96 10.32 -28.27 8.79
C GLN K 96 9.94 -27.30 7.68
N THR K 97 10.92 -26.63 7.10
CA THR K 97 10.66 -25.76 5.96
C THR K 97 10.14 -26.54 4.78
N ALA K 98 10.79 -27.66 4.45
CA ALA K 98 10.43 -28.41 3.26
C ALA K 98 9.06 -29.07 3.39
N VAL K 99 8.70 -29.49 4.59
CA VAL K 99 7.34 -29.95 4.82
C VAL K 99 6.37 -28.78 4.71
N ARG K 100 6.77 -27.60 5.18
CA ARG K 100 5.92 -26.43 4.94
C ARG K 100 5.93 -25.97 3.49
N LEU K 101 6.69 -26.58 2.60
CA LEU K 101 6.54 -26.33 1.19
C LEU K 101 5.70 -27.39 0.48
N LEU K 102 5.85 -28.66 0.82
CA LEU K 102 5.10 -29.65 0.07
C LEU K 102 3.73 -29.94 0.66
N LEU K 103 3.57 -29.85 1.95
CA LEU K 103 2.32 -30.25 2.56
C LEU K 103 1.33 -29.10 2.49
N PRO K 104 0.15 -29.30 1.93
CA PRO K 104 -0.77 -28.19 1.69
C PRO K 104 -1.54 -27.72 2.91
N GLY K 105 -0.97 -26.82 3.72
CA GLY K 105 -1.79 -26.05 4.64
C GLY K 105 -2.14 -26.72 5.95
N GLU K 106 -3.38 -27.20 6.07
CA GLU K 106 -3.79 -27.95 7.25
C GLU K 106 -2.96 -29.23 7.40
N LEU K 107 -2.60 -29.85 6.28
CA LEU K 107 -1.68 -30.98 6.31
C LEU K 107 -0.27 -30.58 6.72
N ALA K 108 0.10 -29.32 6.56
CA ALA K 108 1.41 -28.91 7.06
C ALA K 108 1.43 -28.80 8.57
N LYS K 109 0.35 -28.26 9.14
CA LYS K 109 0.36 -27.82 10.54
C LYS K 109 0.45 -29.00 11.50
N HIS K 110 -0.37 -30.02 11.29
CA HIS K 110 -0.33 -31.18 12.18
C HIS K 110 0.91 -32.01 11.94
N ALA K 111 1.48 -31.94 10.73
CA ALA K 111 2.77 -32.55 10.49
C ALA K 111 3.86 -31.85 11.28
N VAL K 112 3.76 -30.53 11.42
CA VAL K 112 4.77 -29.81 12.20
C VAL K 112 4.52 -30.02 13.69
N SER K 113 3.27 -30.20 14.12
CA SER K 113 3.00 -30.45 15.53
C SER K 113 3.47 -31.83 15.95
N GLU K 114 3.22 -32.85 15.11
CA GLU K 114 3.77 -34.17 15.37
C GLU K 114 5.28 -34.18 15.23
N GLY K 115 5.83 -33.33 14.37
CA GLY K 115 7.26 -33.29 14.20
C GLY K 115 7.97 -32.71 15.40
N THR K 116 7.47 -31.60 15.91
CA THR K 116 8.05 -31.00 17.11
C THR K 116 7.80 -31.87 18.32
N LYS K 117 6.66 -32.56 18.36
CA LYS K 117 6.38 -33.48 19.45
C LYS K 117 7.33 -34.68 19.41
N ALA K 118 7.76 -35.09 18.23
CA ALA K 118 8.70 -36.20 18.15
C ALA K 118 10.14 -35.78 18.37
N VAL K 119 10.49 -34.57 17.97
CA VAL K 119 11.82 -34.05 18.26
C VAL K 119 12.00 -33.86 19.76
N THR K 120 11.06 -33.17 20.39
CA THR K 120 11.15 -32.91 21.82
C THR K 120 10.94 -34.19 22.62
N LYS K 121 10.00 -35.02 22.19
CA LYS K 121 9.75 -36.29 22.87
C LYS K 121 10.93 -37.24 22.73
N TYR K 122 11.68 -37.12 21.63
CA TYR K 122 12.95 -37.81 21.54
C TYR K 122 13.97 -37.21 22.47
N THR K 123 14.04 -35.89 22.51
CA THR K 123 15.14 -35.19 23.16
C THR K 123 15.05 -35.27 24.68
N SER K 124 13.85 -35.50 25.21
CA SER K 124 13.67 -35.58 26.67
C SER K 124 14.36 -36.78 27.29
N ALA K 125 14.66 -37.81 26.50
CA ALA K 125 15.44 -38.93 27.01
C ALA K 125 16.92 -38.61 26.97
PA FAD N . -5.96 49.57 12.71
O1A FAD N . -6.80 49.06 11.76
O2A FAD N . -5.01 50.32 12.06
O5B FAD N . -6.60 50.33 13.67
C5B FAD N . -5.98 50.98 14.67
C4B FAD N . -6.94 51.83 15.46
O4B FAD N . -6.16 52.57 16.37
C3B FAD N . -7.63 52.83 14.58
O3B FAD N . -8.97 52.89 14.95
C2B FAD N . -6.97 54.11 14.97
O2B FAD N . -7.89 55.15 14.89
C1B FAD N . -6.68 53.82 16.41
N9A FAD N . -5.76 54.76 17.02
C8A FAD N . -4.63 55.23 16.57
N7A FAD N . -4.14 56.05 17.45
C5A FAD N . -4.94 56.12 18.46
C6A FAD N . -4.91 56.80 19.64
N6A FAD N . -3.94 57.59 19.93
N1A FAD N . -5.89 56.69 20.48
C2A FAD N . -6.87 55.89 20.19
N3A FAD N . -6.92 55.23 19.08
C4A FAD N . -5.96 55.32 18.20
N1 FAD N . -5.57 43.73 4.96
C2 FAD N . -6.04 42.58 4.51
O2 FAD N . -6.10 41.64 5.24
N3 FAD N . -6.44 42.47 3.25
C4 FAD N . -6.36 43.52 2.42
O4 FAD N . -6.71 43.37 1.29
C4X FAD N . -5.88 44.70 2.87
N5 FAD N . -5.75 45.76 2.05
C5X FAD N . -5.60 46.96 2.61
C6 FAD N . -5.80 48.06 1.83
C7 FAD N . -5.68 49.29 2.39
C7M FAD N . -5.91 50.50 1.56
C8 FAD N . -5.36 49.41 3.72
C8M FAD N . -5.23 50.77 4.35
C9 FAD N . -5.15 48.30 4.47
C9A FAD N . -5.26 47.06 3.93
N10 FAD N . -5.05 45.95 4.69
C10 FAD N . -5.48 44.80 4.17
C1' FAD N . -4.51 45.98 6.03
C2' FAD N . -5.47 45.79 7.19
O2' FAD N . -6.52 46.69 7.05
C3' FAD N . -4.75 46.12 8.47
O3' FAD N . -3.68 45.26 8.51
C4' FAD N . -5.52 46.02 9.79
O4' FAD N . -6.60 46.88 9.72
C5' FAD N . -4.69 46.54 10.92
O5' FAD N . -5.29 46.35 12.14
P FAD N . -5.17 47.14 13.37
O1P FAD N . -6.08 46.68 14.29
O2P FAD N . -3.95 46.70 13.82
O3P FAD N . -5.02 48.59 13.23
ZN ZN O . -6.16 -3.38 42.33
ZN ZN P . -15.10 -13.10 37.06
ZN ZN Q . -29.91 11.25 40.94
#